data_4LRT
#
_entry.id   4LRT
#
_cell.length_a   94.500
_cell.length_b   116.700
_cell.length_c   131.500
_cell.angle_alpha   90.00
_cell.angle_beta   90.00
_cell.angle_gamma   90.00
#
_symmetry.space_group_name_H-M   'P 21 21 21'
#
loop_
_entity.id
_entity.type
_entity.pdbx_description
1 polymer '4-hydroxy-2-oxovalerate aldolase'
2 polymer 'Acetaldehyde dehydrogenase'
3 non-polymer 'PYRUVIC ACID'
4 non-polymer 'SODIUM ION'
5 non-polymer 'MAGNESIUM ION'
6 non-polymer 'SULFATE ION'
7 non-polymer GLYCEROL
8 non-polymer 'COENZYME A'
9 water water
#
loop_
_entity_poly.entity_id
_entity_poly.type
_entity_poly.pdbx_seq_one_letter_code
_entity_poly.pdbx_strand_id
1 'polypeptide(L)'
;MTDQDGATAAPRVRITDSTLRDGSHAMAHQFTEEQVRATVHALDAAGVEVIEVSHGDGLGGSSFNYGFSAVDEIDLVAAA
VDEAVNAKIAVLLLPGVGTVRDLKRAHDAGASVARIATHCTEADVSCQHFAAARELGMETVGFLMLAHRIGPEELARQAR
IMVDAGAQCVYVVDSAGALVLSDVQARVQALVREIGHEAQVGFHGHQNLSLGVANSVLAYQNGARQIDGALCALGAGAGN
SPTEILAATFERLNIETGVNVQAALAAAEEVVRPYLPRLPWADRAAIVQGYAGVYSSFLLHAERAAERYGVPAHEILQRV
GEAGYVGGQEDMIIDIAVQLAEERHGRPAPAGGRR
;
A,C
2 'polypeptide(L)'
;MGSSHHHHHHSSGLVPRGSHMGKAVAAIVGPGNIGTDLLIKLQRSEHIEVRYMVGVDPASEGLARARKLGVEASAEGVDW
LLEQDELPDLVFEATSAKAHLANAPRYAEAGITAIDLTPAAVGPLVCPPVNLTEHLDAPNVNMITCGGQATIPIVHAVSR
VVPVAYAEIVAAIASRSAGPGTRANIDEFTETTAAAIEQVGGAARGKAIIILNPVEPPMIMRDTVYCAIPPDADTDAITA
SIEEMVAEVARYVPGYTLRTEPQYDQPRDIWKGMARVAVFLEVRGNGDYLPPWAGNLDIMTAAAARVGELLAQAPRPTRA
GAR
;
B,D
#
# COMPACT_ATOMS: atom_id res chain seq x y z
N ALA A 10 -13.46 22.31 -7.27
CA ALA A 10 -13.50 20.87 -7.69
C ALA A 10 -14.70 20.19 -7.05
N PRO A 11 -15.41 19.33 -7.81
CA PRO A 11 -16.52 18.57 -7.21
C PRO A 11 -16.04 17.74 -6.02
N ARG A 12 -16.85 17.70 -4.97
N ARG A 12 -16.87 17.70 -4.98
CA ARG A 12 -16.47 16.96 -3.76
CA ARG A 12 -16.60 16.94 -3.76
C ARG A 12 -16.66 15.45 -3.92
C ARG A 12 -16.50 15.45 -4.06
N VAL A 13 -15.89 14.69 -3.16
CA VAL A 13 -15.97 13.24 -3.18
C VAL A 13 -16.53 12.80 -1.82
N ARG A 14 -17.40 11.78 -1.82
CA ARG A 14 -17.91 11.26 -0.55
C ARG A 14 -17.23 9.94 -0.26
N ILE A 15 -16.53 9.88 0.88
CA ILE A 15 -15.88 8.65 1.34
C ILE A 15 -16.85 7.85 2.20
N THR A 16 -17.01 6.57 1.85
CA THR A 16 -17.71 5.63 2.74
C THR A 16 -16.64 4.81 3.43
N ASP A 17 -16.70 4.68 4.75
CA ASP A 17 -15.74 3.89 5.47
C ASP A 17 -16.28 2.49 5.72
N SER A 18 -15.46 1.47 5.43
CA SER A 18 -15.88 0.10 5.60
C SER A 18 -15.00 -0.67 6.59
N THR A 19 -14.37 0.03 7.53
CA THR A 19 -13.63 -0.62 8.63
C THR A 19 -14.48 -1.69 9.31
N LEU A 20 -15.78 -1.39 9.44
N LEU A 20 -15.78 -1.37 9.48
CA LEU A 20 -16.69 -2.25 10.21
CA LEU A 20 -16.72 -2.22 10.22
C LEU A 20 -17.56 -3.15 9.33
C LEU A 20 -17.52 -3.18 9.34
N ARG A 21 -17.14 -3.29 8.09
CA ARG A 21 -17.78 -4.24 7.21
C ARG A 21 -16.70 -5.02 6.46
N ASP A 22 -16.01 -4.39 5.50
CA ASP A 22 -14.90 -5.10 4.85
C ASP A 22 -13.87 -5.53 5.93
N GLY A 23 -13.64 -4.65 6.90
CA GLY A 23 -12.74 -4.99 8.01
C GLY A 23 -13.19 -6.20 8.82
N SER A 24 -14.49 -6.49 8.82
CA SER A 24 -14.99 -7.70 9.48
C SER A 24 -14.30 -8.95 8.97
N HIS A 25 -13.96 -9.00 7.68
CA HIS A 25 -13.18 -10.15 7.17
C HIS A 25 -11.87 -10.33 7.92
N ALA A 26 -11.13 -9.24 8.12
CA ALA A 26 -9.83 -9.30 8.82
C ALA A 26 -10.01 -9.66 10.29
N MET A 27 -11.16 -9.27 10.87
CA MET A 27 -11.48 -9.62 12.26
C MET A 27 -12.13 -11.01 12.39
N ALA A 28 -12.24 -11.73 11.28
CA ALA A 28 -13.01 -12.98 11.27
C ALA A 28 -14.38 -12.79 11.93
N HIS A 29 -14.98 -11.61 11.72
CA HIS A 29 -16.33 -11.28 12.21
C HIS A 29 -16.43 -11.35 13.73
N GLN A 30 -15.34 -11.01 14.42
CA GLN A 30 -15.31 -11.07 15.87
C GLN A 30 -15.33 -9.69 16.52
N PHE A 31 -15.87 -8.69 15.81
CA PHE A 31 -16.01 -7.36 16.42
C PHE A 31 -16.81 -7.43 17.71
N THR A 32 -16.37 -6.66 18.69
CA THR A 32 -17.18 -6.44 19.89
C THR A 32 -18.00 -5.18 19.68
N GLU A 33 -19.08 -5.06 20.45
CA GLU A 33 -19.89 -3.84 20.41
C GLU A 33 -19.05 -2.59 20.77
N GLU A 34 -18.17 -2.72 21.75
CA GLU A 34 -17.30 -1.61 22.13
C GLU A 34 -16.41 -1.15 20.98
N GLN A 35 -15.84 -2.10 20.22
CA GLN A 35 -15.02 -1.73 19.06
C GLN A 35 -15.85 -0.99 18.02
N VAL A 36 -17.07 -1.49 17.78
CA VAL A 36 -17.95 -0.84 16.80
C VAL A 36 -18.26 0.59 17.26
N ARG A 37 -18.67 0.74 18.51
CA ARG A 37 -18.99 2.07 19.03
C ARG A 37 -17.81 3.05 19.00
N ALA A 38 -16.65 2.59 19.45
CA ALA A 38 -15.46 3.43 19.47
C ALA A 38 -15.07 3.88 18.05
N THR A 39 -15.21 2.98 17.09
CA THR A 39 -14.80 3.24 15.71
C THR A 39 -15.80 4.20 15.07
N VAL A 40 -17.10 3.95 15.30
CA VAL A 40 -18.14 4.83 14.80
C VAL A 40 -17.97 6.23 15.37
N HIS A 41 -17.74 6.32 16.69
CA HIS A 41 -17.57 7.62 17.33
C HIS A 41 -16.44 8.42 16.70
N ALA A 42 -15.30 7.76 16.46
CA ALA A 42 -14.14 8.42 15.90
C ALA A 42 -14.36 8.82 14.44
N LEU A 43 -14.93 7.93 13.64
CA LEU A 43 -15.20 8.27 12.24
C LEU A 43 -16.18 9.42 12.12
N ASP A 44 -17.28 9.35 12.88
N ASP A 44 -17.26 9.34 12.89
CA ASP A 44 -18.33 10.36 12.81
CA ASP A 44 -18.33 10.32 12.83
C ASP A 44 -17.75 11.73 13.18
C ASP A 44 -17.87 11.72 13.26
N ALA A 45 -16.99 11.77 14.26
CA ALA A 45 -16.44 13.04 14.74
C ALA A 45 -15.44 13.64 13.75
N ALA A 46 -14.78 12.78 12.97
CA ALA A 46 -13.84 13.19 11.95
C ALA A 46 -14.55 13.69 10.69
N GLY A 47 -15.87 13.51 10.62
CA GLY A 47 -16.65 14.02 9.50
C GLY A 47 -16.97 12.99 8.44
N VAL A 48 -16.69 11.73 8.72
CA VAL A 48 -17.01 10.67 7.76
C VAL A 48 -18.53 10.58 7.64
N GLU A 49 -19.00 10.54 6.40
N GLU A 49 -19.02 10.60 6.40
CA GLU A 49 -20.41 10.76 6.10
CA GLU A 49 -20.45 10.78 6.15
C GLU A 49 -21.23 9.48 6.10
C GLU A 49 -21.25 9.47 6.12
N VAL A 50 -20.60 8.38 5.72
CA VAL A 50 -21.27 7.08 5.65
C VAL A 50 -20.34 6.04 6.24
N ILE A 51 -20.85 5.22 7.15
CA ILE A 51 -20.07 4.22 7.87
C ILE A 51 -20.78 2.90 7.66
N GLU A 52 -20.13 1.99 6.95
CA GLU A 52 -20.73 0.67 6.68
C GLU A 52 -20.45 -0.33 7.80
N VAL A 53 -21.52 -0.98 8.28
CA VAL A 53 -21.44 -1.93 9.38
C VAL A 53 -22.24 -3.18 9.00
N SER A 54 -21.56 -4.30 8.75
CA SER A 54 -22.24 -5.59 8.53
C SER A 54 -21.21 -6.69 8.69
N HIS A 55 -21.66 -7.93 8.68
CA HIS A 55 -20.75 -9.06 8.44
C HIS A 55 -20.00 -8.76 7.13
N GLY A 56 -18.79 -9.29 7.02
CA GLY A 56 -18.01 -9.06 5.76
C GLY A 56 -18.73 -9.42 4.48
N ASP A 57 -19.53 -10.48 4.55
N ASP A 57 -19.51 -10.50 4.53
N ASP A 57 -19.52 -10.50 4.52
CA ASP A 57 -20.30 -10.95 3.38
CA ASP A 57 -20.30 -10.92 3.37
CA ASP A 57 -20.30 -10.94 3.35
C ASP A 57 -21.74 -10.42 3.40
C ASP A 57 -21.75 -10.50 3.53
C ASP A 57 -21.69 -10.33 3.30
N GLY A 58 -21.93 -9.32 4.13
CA GLY A 58 -23.24 -8.65 4.17
C GLY A 58 -24.22 -9.24 5.18
N LEU A 59 -25.38 -8.62 5.24
CA LEU A 59 -26.47 -9.09 6.09
C LEU A 59 -26.76 -10.55 5.78
N GLY A 60 -26.86 -11.35 6.81
CA GLY A 60 -27.11 -12.78 6.64
C GLY A 60 -25.85 -13.57 6.30
N GLY A 61 -24.70 -12.91 6.38
CA GLY A 61 -23.44 -13.61 6.06
C GLY A 61 -23.00 -14.64 7.09
N SER A 62 -23.48 -14.53 8.33
N SER A 62 -23.49 -14.52 8.32
CA SER A 62 -23.05 -15.45 9.39
CA SER A 62 -23.10 -15.42 9.42
C SER A 62 -23.43 -16.85 8.98
C SER A 62 -23.45 -16.87 9.08
N SER A 63 -22.44 -17.73 8.94
CA SER A 63 -22.62 -19.05 8.32
C SER A 63 -21.41 -19.91 8.57
N PHE A 64 -21.55 -21.21 8.33
CA PHE A 64 -20.36 -22.08 8.23
C PHE A 64 -19.48 -21.66 7.06
N ASN A 65 -20.09 -21.26 5.93
CA ASN A 65 -19.29 -20.93 4.76
C ASN A 65 -18.35 -19.74 4.96
N TYR A 66 -18.82 -18.70 5.65
CA TYR A 66 -18.07 -17.44 5.80
C TYR A 66 -17.57 -17.24 7.20
N GLY A 67 -18.11 -18.01 8.14
CA GLY A 67 -17.87 -17.80 9.57
C GLY A 67 -19.02 -17.02 10.18
N PHE A 68 -19.26 -17.27 11.46
CA PHE A 68 -20.33 -16.59 12.20
C PHE A 68 -19.83 -15.36 12.91
N SER A 69 -20.66 -14.33 12.92
N SER A 69 -20.67 -14.33 12.92
CA SER A 69 -20.39 -13.14 13.72
CA SER A 69 -20.42 -13.13 13.73
C SER A 69 -20.46 -13.51 15.20
C SER A 69 -20.47 -13.52 15.20
N ALA A 70 -19.54 -13.00 16.00
CA ALA A 70 -19.53 -13.28 17.44
C ALA A 70 -20.75 -12.64 18.13
N VAL A 71 -21.03 -11.40 17.73
CA VAL A 71 -22.19 -10.65 18.20
C VAL A 71 -23.27 -10.69 17.11
N ASP A 72 -24.52 -10.80 17.52
CA ASP A 72 -25.64 -10.72 16.58
C ASP A 72 -25.42 -9.55 15.61
N GLU A 73 -25.56 -9.84 14.32
CA GLU A 73 -25.27 -8.88 13.27
C GLU A 73 -26.05 -7.57 13.43
N ILE A 74 -27.36 -7.69 13.67
CA ILE A 74 -28.23 -6.52 13.73
C ILE A 74 -27.96 -5.73 15.01
N ASP A 75 -27.57 -6.40 16.09
CA ASP A 75 -27.17 -5.68 17.30
C ASP A 75 -25.99 -4.73 17.05
N LEU A 76 -25.03 -5.15 16.24
CA LEU A 76 -23.91 -4.27 15.90
C LEU A 76 -24.35 -3.07 15.05
N VAL A 77 -25.26 -3.32 14.11
CA VAL A 77 -25.84 -2.23 13.33
C VAL A 77 -26.59 -1.25 14.24
N ALA A 78 -27.39 -1.78 15.15
CA ALA A 78 -28.12 -0.92 16.08
C ALA A 78 -27.18 -0.09 16.95
N ALA A 79 -26.09 -0.71 17.39
CA ALA A 79 -25.11 -0.02 18.24
C ALA A 79 -24.44 1.12 17.45
N ALA A 80 -24.14 0.85 16.18
CA ALA A 80 -23.54 1.86 15.30
C ALA A 80 -24.49 3.04 15.11
N VAL A 81 -25.77 2.76 14.87
CA VAL A 81 -26.76 3.80 14.69
C VAL A 81 -26.91 4.63 15.96
N ASP A 82 -26.92 3.97 17.11
CA ASP A 82 -27.01 4.65 18.40
C ASP A 82 -25.83 5.59 18.64
N GLU A 83 -24.64 5.17 18.23
CA GLU A 83 -23.43 5.95 18.47
C GLU A 83 -23.33 7.14 17.52
N ALA A 84 -23.74 6.92 16.26
CA ALA A 84 -23.64 7.94 15.22
C ALA A 84 -24.44 9.19 15.54
N VAL A 85 -23.86 10.34 15.25
CA VAL A 85 -24.48 11.65 15.46
C VAL A 85 -24.84 12.26 14.11
N ASN A 86 -23.86 12.34 13.22
CA ASN A 86 -24.05 12.92 11.91
C ASN A 86 -23.92 11.91 10.76
N ALA A 87 -23.19 10.83 11.00
CA ALA A 87 -22.97 9.84 9.94
C ALA A 87 -24.20 8.99 9.67
N LYS A 88 -24.36 8.58 8.41
CA LYS A 88 -25.34 7.56 8.05
C LYS A 88 -24.70 6.20 8.22
N ILE A 89 -25.47 5.23 8.70
CA ILE A 89 -24.99 3.85 8.75
C ILE A 89 -25.47 3.09 7.53
N ALA A 90 -24.50 2.52 6.80
CA ALA A 90 -24.78 1.69 5.64
C ALA A 90 -24.70 0.23 6.00
N VAL A 91 -25.42 -0.59 5.26
CA VAL A 91 -25.29 -2.04 5.36
C VAL A 91 -25.04 -2.59 3.97
N LEU A 92 -24.36 -3.75 3.90
CA LEU A 92 -24.10 -4.48 2.65
C LEU A 92 -25.04 -5.68 2.59
N LEU A 93 -25.55 -5.96 1.41
N LEU A 93 -25.53 -5.98 1.39
CA LEU A 93 -26.37 -7.14 1.22
CA LEU A 93 -26.47 -7.09 1.17
C LEU A 93 -25.98 -7.75 -0.12
C LEU A 93 -26.10 -7.77 -0.14
N LEU A 94 -25.75 -9.06 -0.09
CA LEU A 94 -25.47 -9.85 -1.30
C LEU A 94 -26.68 -10.74 -1.61
N PRO A 95 -27.40 -10.45 -2.70
CA PRO A 95 -28.48 -11.37 -3.08
C PRO A 95 -27.93 -12.79 -3.26
N GLY A 96 -28.66 -13.76 -2.72
CA GLY A 96 -28.18 -15.17 -2.68
C GLY A 96 -27.63 -15.51 -1.31
N VAL A 97 -27.34 -14.49 -0.51
CA VAL A 97 -26.88 -14.66 0.86
C VAL A 97 -27.84 -13.94 1.79
N GLY A 98 -27.85 -12.62 1.69
CA GLY A 98 -28.84 -11.82 2.41
C GLY A 98 -30.12 -11.59 1.62
N THR A 99 -31.21 -11.32 2.33
N THR A 99 -31.18 -11.24 2.34
CA THR A 99 -32.52 -11.18 1.70
CA THR A 99 -32.51 -11.22 1.76
C THR A 99 -33.14 -9.82 2.02
C THR A 99 -33.23 -9.92 2.14
N VAL A 100 -34.26 -9.53 1.37
CA VAL A 100 -35.08 -8.36 1.72
C VAL A 100 -35.53 -8.39 3.20
N ARG A 101 -35.83 -9.58 3.73
N ARG A 101 -35.83 -9.58 3.72
CA ARG A 101 -36.19 -9.66 5.16
CA ARG A 101 -36.19 -9.71 5.14
C ARG A 101 -35.02 -9.20 6.06
C ARG A 101 -35.04 -9.24 6.05
N ASP A 102 -33.79 -9.57 5.69
CA ASP A 102 -32.61 -9.11 6.43
C ASP A 102 -32.48 -7.59 6.31
N LEU A 103 -32.69 -7.08 5.08
CA LEU A 103 -32.65 -5.61 4.86
C LEU A 103 -33.66 -4.90 5.74
N LYS A 104 -34.87 -5.44 5.85
CA LYS A 104 -35.90 -4.81 6.70
C LYS A 104 -35.47 -4.74 8.15
N ARG A 105 -34.81 -5.81 8.63
N ARG A 105 -34.82 -5.78 8.68
CA ARG A 105 -34.28 -5.85 10.00
CA ARG A 105 -34.32 -5.71 10.05
C ARG A 105 -33.18 -4.80 10.24
C ARG A 105 -33.29 -4.57 10.17
N ALA A 106 -32.38 -4.50 9.22
CA ALA A 106 -31.36 -3.45 9.29
C ALA A 106 -31.99 -2.05 9.23
N HIS A 107 -33.01 -1.90 8.38
CA HIS A 107 -33.77 -0.65 8.35
C HIS A 107 -34.43 -0.35 9.70
N ASP A 108 -35.03 -1.40 10.31
N ASP A 108 -35.02 -1.37 10.31
CA ASP A 108 -35.67 -1.30 11.63
CA ASP A 108 -35.66 -1.19 11.61
C ASP A 108 -34.66 -0.87 12.71
C ASP A 108 -34.63 -0.75 12.65
N ALA A 109 -33.40 -1.25 12.50
CA ALA A 109 -32.31 -0.88 13.42
C ALA A 109 -31.76 0.51 13.16
N GLY A 110 -32.16 1.12 12.05
CA GLY A 110 -31.78 2.50 11.75
C GLY A 110 -30.78 2.73 10.62
N ALA A 111 -30.38 1.67 9.93
CA ALA A 111 -29.52 1.86 8.78
C ALA A 111 -30.26 2.69 7.75
N SER A 112 -29.53 3.60 7.07
CA SER A 112 -30.17 4.47 6.09
C SER A 112 -29.57 4.39 4.68
N VAL A 113 -28.54 3.58 4.52
CA VAL A 113 -27.92 3.33 3.21
C VAL A 113 -27.86 1.83 2.97
N ALA A 114 -28.39 1.39 1.84
CA ALA A 114 -28.35 -0.02 1.43
C ALA A 114 -27.38 -0.18 0.28
N ARG A 115 -26.36 -0.99 0.50
CA ARG A 115 -25.39 -1.27 -0.56
C ARG A 115 -25.61 -2.71 -0.97
N ILE A 116 -25.99 -2.89 -2.22
N ILE A 116 -26.06 -2.88 -2.20
CA ILE A 116 -26.45 -4.17 -2.73
CA ILE A 116 -26.44 -4.19 -2.73
C ILE A 116 -25.46 -4.68 -3.78
C ILE A 116 -25.40 -4.65 -3.73
N ALA A 117 -24.86 -5.83 -3.49
CA ALA A 117 -23.69 -6.34 -4.24
C ALA A 117 -24.01 -7.62 -4.99
N THR A 118 -23.67 -7.61 -6.29
CA THR A 118 -23.73 -8.84 -7.10
C THR A 118 -22.40 -9.06 -7.76
N HIS A 119 -22.14 -10.29 -8.18
CA HIS A 119 -21.04 -10.46 -9.10
C HIS A 119 -21.27 -9.51 -10.30
N CYS A 120 -20.18 -9.05 -10.91
CA CYS A 120 -20.26 -8.02 -11.95
C CYS A 120 -21.13 -8.37 -13.14
N THR A 121 -21.34 -9.65 -13.40
CA THR A 121 -22.17 -10.09 -14.54
C THR A 121 -23.63 -10.35 -14.17
N GLU A 122 -23.99 -10.18 -12.89
CA GLU A 122 -25.28 -10.70 -12.37
C GLU A 122 -26.18 -9.64 -11.75
N ALA A 123 -26.20 -8.44 -12.32
CA ALA A 123 -26.97 -7.35 -11.70
C ALA A 123 -28.47 -7.67 -11.58
N ASP A 124 -29.02 -8.46 -12.52
CA ASP A 124 -30.48 -8.66 -12.51
C ASP A 124 -31.00 -9.48 -11.33
N VAL A 125 -30.13 -10.07 -10.52
CA VAL A 125 -30.62 -10.73 -9.30
C VAL A 125 -30.91 -9.74 -8.17
N SER A 126 -30.57 -8.46 -8.37
CA SER A 126 -30.70 -7.47 -7.29
C SER A 126 -31.92 -6.58 -7.39
N CYS A 127 -32.72 -6.76 -8.44
N CYS A 127 -32.79 -6.89 -8.34
N CYS A 127 -32.82 -6.88 -8.33
CA CYS A 127 -33.77 -5.79 -8.72
CA CYS A 127 -33.99 -6.12 -8.61
CA CYS A 127 -34.08 -6.13 -8.46
C CYS A 127 -34.79 -5.72 -7.55
C CYS A 127 -34.86 -5.87 -7.37
C CYS A 127 -34.90 -6.17 -7.18
N GLN A 128 -35.12 -6.88 -6.93
N GLN A 128 -35.34 -6.94 -6.75
CA GLN A 128 -36.04 -6.91 -5.76
CA GLN A 128 -36.25 -6.82 -5.62
C GLN A 128 -35.50 -6.09 -4.58
C GLN A 128 -35.56 -6.23 -4.39
N HIS A 129 -34.19 -6.21 -4.35
N HIS A 129 -34.26 -6.10 -4.46
CA HIS A 129 -33.53 -5.55 -3.22
CA HIS A 129 -33.51 -5.60 -3.32
C HIS A 129 -33.49 -4.05 -3.40
C HIS A 129 -33.38 -4.09 -3.39
N PHE A 130 -33.16 -3.59 -4.60
CA PHE A 130 -33.21 -2.16 -4.86
C PHE A 130 -34.61 -1.60 -4.69
N ALA A 131 -35.62 -2.33 -5.19
CA ALA A 131 -37.00 -1.89 -5.04
C ALA A 131 -37.37 -1.78 -3.56
N ALA A 132 -37.01 -2.79 -2.77
CA ALA A 132 -37.35 -2.79 -1.34
C ALA A 132 -36.61 -1.66 -0.60
N ALA A 133 -35.34 -1.48 -0.92
CA ALA A 133 -34.55 -0.45 -0.27
C ALA A 133 -35.15 0.95 -0.54
N ARG A 134 -35.53 1.21 -1.79
CA ARG A 134 -36.12 2.51 -2.14
C ARG A 134 -37.48 2.70 -1.46
N GLU A 135 -38.26 1.62 -1.39
N GLU A 135 -38.27 1.63 -1.38
CA GLU A 135 -39.56 1.64 -0.70
CA GLU A 135 -39.55 1.71 -0.68
C GLU A 135 -39.41 1.98 0.78
C GLU A 135 -39.35 2.10 0.77
N LEU A 136 -38.29 1.56 1.38
CA LEU A 136 -37.96 1.84 2.78
C LEU A 136 -37.31 3.19 2.97
N GLY A 137 -37.13 3.95 1.89
CA GLY A 137 -36.54 5.28 2.02
C GLY A 137 -35.04 5.29 2.20
N MET A 138 -34.39 4.18 1.87
CA MET A 138 -32.93 4.09 2.00
C MET A 138 -32.25 4.63 0.75
N GLU A 139 -31.13 5.28 0.94
CA GLU A 139 -30.22 5.61 -0.16
C GLU A 139 -29.67 4.28 -0.67
N THR A 140 -29.56 4.16 -2.00
CA THR A 140 -29.08 2.92 -2.58
C THR A 140 -27.76 3.06 -3.34
N VAL A 141 -26.92 2.05 -3.15
CA VAL A 141 -25.63 1.93 -3.83
C VAL A 141 -25.55 0.51 -4.36
N GLY A 142 -25.20 0.37 -5.64
CA GLY A 142 -24.95 -0.96 -6.20
C GLY A 142 -23.46 -1.24 -6.25
N PHE A 143 -23.11 -2.50 -6.01
CA PHE A 143 -21.73 -2.97 -6.06
C PHE A 143 -21.59 -4.05 -7.11
N LEU A 144 -20.70 -3.83 -8.08
CA LEU A 144 -20.42 -4.82 -9.13
C LEU A 144 -19.08 -5.45 -8.76
N MET A 145 -19.15 -6.61 -8.12
CA MET A 145 -17.98 -7.24 -7.52
C MET A 145 -17.09 -7.91 -8.57
N LEU A 146 -15.81 -8.06 -8.21
CA LEU A 146 -14.80 -8.65 -9.09
C LEU A 146 -14.82 -8.00 -10.48
N ALA A 147 -14.85 -6.68 -10.48
CA ALA A 147 -15.08 -5.92 -11.72
C ALA A 147 -13.96 -6.02 -12.76
N HIS A 148 -12.82 -6.58 -12.37
CA HIS A 148 -11.76 -6.87 -13.35
C HIS A 148 -12.11 -8.02 -14.30
N ARG A 149 -13.13 -8.80 -13.95
CA ARG A 149 -13.46 -10.02 -14.70
C ARG A 149 -14.12 -9.79 -16.06
N ILE A 150 -14.66 -8.59 -16.28
CA ILE A 150 -15.32 -8.26 -17.53
C ILE A 150 -14.87 -6.87 -17.93
N GLY A 151 -15.15 -6.54 -19.19
CA GLY A 151 -14.74 -5.26 -19.75
C GLY A 151 -15.66 -4.11 -19.39
N PRO A 152 -15.18 -2.89 -19.59
CA PRO A 152 -15.97 -1.71 -19.31
C PRO A 152 -17.38 -1.70 -19.93
N GLU A 153 -17.52 -2.10 -21.19
CA GLU A 153 -18.81 -2.04 -21.88
C GLU A 153 -19.81 -2.96 -21.17
N GLU A 154 -19.37 -4.19 -20.88
N GLU A 154 -19.43 -4.21 -20.89
CA GLU A 154 -20.19 -5.20 -20.21
CA GLU A 154 -20.36 -5.10 -20.22
C GLU A 154 -20.55 -4.72 -18.80
C GLU A 154 -20.62 -4.61 -18.80
N LEU A 155 -19.58 -4.12 -18.13
CA LEU A 155 -19.80 -3.59 -16.78
C LEU A 155 -20.83 -2.46 -16.78
N ALA A 156 -20.75 -1.60 -17.78
CA ALA A 156 -21.70 -0.49 -17.88
C ALA A 156 -23.12 -0.98 -18.13
N ARG A 157 -23.29 -2.06 -18.88
CA ARG A 157 -24.63 -2.62 -19.10
C ARG A 157 -25.22 -3.12 -17.79
N GLN A 158 -24.37 -3.73 -16.96
CA GLN A 158 -24.86 -4.22 -15.67
C GLN A 158 -25.15 -3.06 -14.74
N ALA A 159 -24.37 -1.99 -14.82
CA ALA A 159 -24.66 -0.79 -14.02
C ALA A 159 -26.02 -0.20 -14.41
N ARG A 160 -26.33 -0.20 -15.70
CA ARG A 160 -27.60 0.32 -16.20
C ARG A 160 -28.77 -0.49 -15.59
N ILE A 161 -28.61 -1.80 -15.50
CA ILE A 161 -29.63 -2.66 -14.86
C ILE A 161 -29.85 -2.21 -13.41
N MET A 162 -28.76 -1.99 -12.68
CA MET A 162 -28.93 -1.55 -11.29
C MET A 162 -29.62 -0.20 -11.18
N VAL A 163 -29.23 0.77 -12.02
CA VAL A 163 -29.84 2.07 -11.96
C VAL A 163 -31.33 1.98 -12.33
N ASP A 164 -31.65 1.18 -13.33
CA ASP A 164 -33.06 1.02 -13.70
C ASP A 164 -33.87 0.39 -12.55
N ALA A 165 -33.23 -0.46 -11.75
CA ALA A 165 -33.86 -1.08 -10.58
C ALA A 165 -34.00 -0.13 -9.38
N GLY A 166 -33.30 1.00 -9.41
CA GLY A 166 -33.34 1.95 -8.29
C GLY A 166 -32.03 2.30 -7.61
N ALA A 167 -30.89 1.82 -8.14
CA ALA A 167 -29.60 2.24 -7.59
C ALA A 167 -29.32 3.70 -7.86
N GLN A 168 -28.91 4.43 -6.82
CA GLN A 168 -28.53 5.85 -6.95
C GLN A 168 -27.04 6.07 -7.25
N CYS A 169 -26.26 5.01 -7.10
CA CYS A 169 -24.83 5.02 -7.40
C CYS A 169 -24.47 3.59 -7.72
N VAL A 170 -23.54 3.41 -8.67
CA VAL A 170 -22.99 2.06 -8.92
C VAL A 170 -21.47 2.12 -8.81
N TYR A 171 -20.93 1.23 -7.99
CA TYR A 171 -19.47 1.10 -7.81
C TYR A 171 -18.84 0.08 -8.73
N VAL A 172 -17.66 0.46 -9.24
CA VAL A 172 -16.67 -0.50 -9.77
C VAL A 172 -15.96 -1.04 -8.52
N VAL A 173 -16.08 -2.33 -8.27
CA VAL A 173 -15.54 -2.93 -7.03
C VAL A 173 -14.39 -3.85 -7.38
N ASP A 174 -13.19 -3.45 -6.98
CA ASP A 174 -11.99 -4.26 -7.25
C ASP A 174 -11.81 -5.25 -6.11
N SER A 175 -12.69 -6.23 -6.07
CA SER A 175 -12.75 -7.20 -4.97
C SER A 175 -11.47 -8.01 -4.83
N ALA A 176 -10.76 -8.21 -5.95
CA ALA A 176 -9.52 -8.99 -5.93
C ALA A 176 -8.26 -8.12 -5.78
N GLY A 177 -8.42 -6.80 -5.74
CA GLY A 177 -7.24 -5.91 -5.78
C GLY A 177 -6.40 -6.19 -7.01
N ALA A 178 -7.08 -6.42 -8.14
CA ALA A 178 -6.44 -6.86 -9.38
C ALA A 178 -6.36 -5.78 -10.45
N LEU A 179 -7.06 -4.67 -10.27
N LEU A 179 -7.07 -4.67 -10.27
CA LEU A 179 -7.06 -3.60 -11.27
CA LEU A 179 -7.07 -3.61 -11.27
C LEU A 179 -5.84 -2.72 -11.18
C LEU A 179 -5.86 -2.69 -11.18
N VAL A 180 -5.31 -2.33 -12.34
CA VAL A 180 -4.12 -1.48 -12.41
C VAL A 180 -4.43 -0.20 -13.19
N LEU A 181 -4.64 0.89 -12.45
CA LEU A 181 -4.69 2.23 -13.00
C LEU A 181 -5.60 2.46 -14.21
N SER A 182 -5.10 2.33 -15.41
CA SER A 182 -5.95 2.61 -16.58
C SER A 182 -7.16 1.69 -16.69
N ASP A 183 -7.06 0.49 -16.10
N ASP A 183 -7.10 0.48 -16.14
CA ASP A 183 -8.18 -0.49 -16.03
CA ASP A 183 -8.29 -0.38 -16.21
C ASP A 183 -9.34 0.13 -15.25
C ASP A 183 -9.37 0.00 -15.17
N VAL A 184 -8.98 0.84 -14.18
CA VAL A 184 -9.98 1.53 -13.35
C VAL A 184 -10.58 2.71 -14.11
N GLN A 185 -9.70 3.52 -14.71
N GLN A 185 -9.72 3.52 -14.73
CA GLN A 185 -10.11 4.64 -15.55
CA GLN A 185 -10.19 4.65 -15.50
C GLN A 185 -11.18 4.19 -16.54
C GLN A 185 -11.17 4.23 -16.59
N ALA A 186 -10.88 3.12 -17.27
CA ALA A 186 -11.77 2.66 -18.36
C ALA A 186 -13.14 2.23 -17.86
N ARG A 187 -13.16 1.50 -16.75
CA ARG A 187 -14.41 1.05 -16.14
C ARG A 187 -15.23 2.20 -15.57
N VAL A 188 -14.56 3.14 -14.89
CA VAL A 188 -15.26 4.28 -14.35
C VAL A 188 -15.83 5.13 -15.49
N GLN A 189 -15.03 5.37 -16.54
N GLN A 189 -15.04 5.37 -16.53
CA GLN A 189 -15.45 6.24 -17.63
CA GLN A 189 -15.50 6.25 -17.59
C GLN A 189 -16.60 5.63 -18.44
C GLN A 189 -16.70 5.61 -18.29
N ALA A 190 -16.66 4.30 -18.52
CA ALA A 190 -17.78 3.62 -19.20
C ALA A 190 -19.06 3.75 -18.37
N LEU A 191 -18.94 3.61 -17.05
CA LEU A 191 -20.10 3.80 -16.19
C LEU A 191 -20.57 5.24 -16.20
N VAL A 192 -19.65 6.21 -16.12
CA VAL A 192 -20.04 7.62 -16.19
C VAL A 192 -20.81 7.92 -17.49
N ARG A 193 -20.33 7.41 -18.63
N ARG A 193 -20.32 7.39 -18.60
CA ARG A 193 -21.03 7.62 -19.89
CA ARG A 193 -20.97 7.60 -19.88
C ARG A 193 -22.44 7.05 -19.86
C ARG A 193 -22.40 7.03 -19.90
N GLU A 194 -22.57 5.85 -19.29
CA GLU A 194 -23.86 5.18 -19.31
C GLU A 194 -24.88 5.73 -18.29
N ILE A 195 -24.43 5.96 -17.06
CA ILE A 195 -25.37 6.30 -15.97
C ILE A 195 -25.14 7.67 -15.35
N GLY A 196 -24.09 8.38 -15.72
CA GLY A 196 -23.65 9.57 -14.98
C GLY A 196 -24.63 10.71 -14.92
N HIS A 197 -25.52 10.78 -15.90
CA HIS A 197 -26.52 11.84 -15.96
C HIS A 197 -27.64 11.65 -14.93
N GLU A 198 -27.73 10.45 -14.36
CA GLU A 198 -28.79 10.17 -13.40
C GLU A 198 -28.39 9.45 -12.12
N ALA A 199 -27.13 9.04 -12.03
CA ALA A 199 -26.67 8.31 -10.87
C ALA A 199 -25.18 8.58 -10.70
N GLN A 200 -24.68 8.35 -9.49
CA GLN A 200 -23.25 8.49 -9.21
C GLN A 200 -22.51 7.20 -9.53
N VAL A 201 -21.18 7.33 -9.66
CA VAL A 201 -20.32 6.19 -9.88
C VAL A 201 -19.34 6.14 -8.73
N GLY A 202 -19.03 4.95 -8.24
CA GLY A 202 -18.10 4.78 -7.14
C GLY A 202 -16.95 3.85 -7.46
N PHE A 203 -15.95 3.85 -6.58
CA PHE A 203 -14.89 2.86 -6.66
C PHE A 203 -14.50 2.36 -5.28
N HIS A 204 -14.27 1.03 -5.19
CA HIS A 204 -13.85 0.35 -3.95
C HIS A 204 -12.64 -0.48 -4.30
N GLY A 205 -11.50 -0.09 -3.75
CA GLY A 205 -10.24 -0.76 -4.05
C GLY A 205 -9.63 -1.54 -2.90
N HIS A 206 -8.90 -2.58 -3.27
CA HIS A 206 -8.11 -3.39 -2.31
C HIS A 206 -6.62 -3.20 -2.55
N GLN A 207 -5.84 -3.54 -1.53
CA GLN A 207 -4.42 -3.22 -1.50
C GLN A 207 -3.47 -4.35 -1.92
N ASN A 208 -4.00 -5.37 -2.58
N ASN A 208 -4.00 -5.40 -2.55
CA ASN A 208 -3.21 -6.56 -2.90
CA ASN A 208 -3.18 -6.56 -2.89
C ASN A 208 -2.01 -6.31 -3.80
C ASN A 208 -1.93 -6.22 -3.71
N LEU A 209 -2.08 -5.26 -4.61
CA LEU A 209 -0.94 -4.82 -5.45
C LEU A 209 -0.51 -3.40 -5.07
N SER A 210 -0.95 -2.96 -3.89
CA SER A 210 -0.61 -1.62 -3.38
C SER A 210 -1.06 -0.53 -4.37
N LEU A 211 -2.26 -0.70 -4.94
CA LEU A 211 -2.80 0.25 -5.90
C LEU A 211 -4.16 0.84 -5.52
N GLY A 212 -4.71 0.46 -4.37
CA GLY A 212 -6.01 0.99 -3.95
C GLY A 212 -6.14 2.49 -3.94
N VAL A 213 -5.17 3.18 -3.35
CA VAL A 213 -5.26 4.63 -3.23
C VAL A 213 -5.13 5.31 -4.59
N ALA A 214 -4.16 4.87 -5.41
CA ALA A 214 -4.00 5.45 -6.72
C ALA A 214 -5.22 5.20 -7.58
N ASN A 215 -5.71 3.97 -7.54
CA ASN A 215 -6.92 3.63 -8.30
C ASN A 215 -8.10 4.52 -7.88
N SER A 216 -8.18 4.84 -6.59
CA SER A 216 -9.25 5.71 -6.09
C SER A 216 -9.13 7.13 -6.62
N VAL A 217 -7.90 7.67 -6.62
CA VAL A 217 -7.66 9.00 -7.14
C VAL A 217 -8.03 9.05 -8.62
N LEU A 218 -7.57 8.05 -9.37
CA LEU A 218 -7.87 8.00 -10.81
C LEU A 218 -9.37 7.84 -11.06
N ALA A 219 -10.04 7.06 -10.21
CA ALA A 219 -11.49 6.91 -10.33
C ALA A 219 -12.18 8.27 -10.15
N TYR A 220 -11.80 9.01 -9.11
CA TYR A 220 -12.34 10.35 -8.91
C TYR A 220 -12.08 11.25 -10.12
N GLN A 221 -10.85 11.21 -10.63
CA GLN A 221 -10.47 12.07 -11.73
C GLN A 221 -11.23 11.74 -13.02
N ASN A 222 -11.76 10.52 -13.12
N ASN A 222 -11.74 10.51 -13.11
CA ASN A 222 -12.55 10.14 -14.28
CA ASN A 222 -12.56 10.09 -14.24
C ASN A 222 -14.06 10.21 -14.06
C ASN A 222 -14.05 10.03 -13.96
N GLY A 223 -14.46 10.75 -12.92
CA GLY A 223 -15.87 11.01 -12.68
C GLY A 223 -16.55 10.32 -11.52
N ALA A 224 -15.84 9.45 -10.80
CA ALA A 224 -16.41 8.82 -9.60
C ALA A 224 -16.60 9.85 -8.49
N ARG A 225 -17.75 9.79 -7.83
CA ARG A 225 -18.01 10.71 -6.72
C ARG A 225 -18.15 10.05 -5.37
N GLN A 226 -18.02 8.74 -5.34
CA GLN A 226 -18.03 7.96 -4.09
C GLN A 226 -16.82 7.03 -4.10
N ILE A 227 -16.11 7.01 -2.96
N ILE A 227 -16.10 7.00 -2.99
CA ILE A 227 -14.89 6.20 -2.81
CA ILE A 227 -15.03 6.04 -2.87
C ILE A 227 -14.90 5.51 -1.45
C ILE A 227 -15.15 5.38 -1.52
N ASP A 228 -14.52 4.23 -1.39
CA ASP A 228 -14.47 3.50 -0.11
C ASP A 228 -13.06 3.45 0.44
N GLY A 229 -12.99 3.49 1.76
CA GLY A 229 -11.75 3.17 2.44
C GLY A 229 -12.03 2.47 3.76
N ALA A 230 -10.97 2.02 4.42
CA ALA A 230 -11.08 1.55 5.82
C ALA A 230 -9.94 2.12 6.63
N LEU A 231 -10.21 2.41 7.90
CA LEU A 231 -9.11 2.88 8.77
C LEU A 231 -8.07 1.78 8.92
N CYS A 232 -6.80 2.19 8.82
CA CYS A 232 -5.66 1.25 8.87
C CYS A 232 -5.70 0.22 7.76
N ALA A 233 -6.42 0.49 6.68
CA ALA A 233 -6.61 -0.49 5.61
C ALA A 233 -7.39 -1.73 6.05
N LEU A 234 -8.02 -1.71 7.24
CA LEU A 234 -8.61 -2.95 7.77
C LEU A 234 -9.65 -3.51 6.83
N GLY A 235 -9.38 -4.68 6.30
CA GLY A 235 -10.27 -5.22 5.28
C GLY A 235 -9.74 -6.52 4.74
N ALA A 236 -10.47 -7.04 3.76
CA ALA A 236 -10.10 -8.30 3.18
C ALA A 236 -8.79 -8.20 2.37
N GLY A 237 -8.15 -9.37 2.21
CA GLY A 237 -6.88 -9.46 1.48
C GLY A 237 -5.78 -8.69 2.20
N ALA A 238 -5.03 -7.89 1.44
CA ALA A 238 -4.01 -7.00 2.00
C ALA A 238 -4.64 -5.73 2.58
N GLY A 239 -5.96 -5.64 2.50
CA GLY A 239 -6.68 -4.53 3.09
C GLY A 239 -7.36 -3.65 2.05
N ASN A 240 -8.07 -2.64 2.53
CA ASN A 240 -8.74 -1.64 1.68
C ASN A 240 -7.90 -0.39 1.59
N SER A 241 -8.16 0.45 0.61
CA SER A 241 -7.55 1.79 0.61
C SER A 241 -7.73 2.43 1.98
N PRO A 242 -6.63 2.88 2.61
N PRO A 242 -6.63 2.85 2.63
CA PRO A 242 -6.83 3.45 3.96
CA PRO A 242 -6.77 3.43 3.97
C PRO A 242 -7.56 4.78 3.98
C PRO A 242 -7.55 4.76 3.97
N THR A 243 -8.60 4.84 4.80
CA THR A 243 -9.40 6.07 4.92
C THR A 243 -8.52 7.29 5.23
N GLU A 244 -7.56 7.10 6.12
CA GLU A 244 -6.71 8.21 6.53
C GLU A 244 -5.77 8.68 5.40
N ILE A 245 -5.32 7.75 4.58
CA ILE A 245 -4.52 8.14 3.41
C ILE A 245 -5.41 8.80 2.34
N LEU A 246 -6.60 8.26 2.10
CA LEU A 246 -7.52 8.93 1.17
C LEU A 246 -7.79 10.36 1.60
N ALA A 247 -8.07 10.56 2.90
CA ALA A 247 -8.32 11.91 3.37
C ALA A 247 -7.11 12.83 3.14
N ALA A 248 -5.92 12.35 3.50
CA ALA A 248 -4.70 13.13 3.35
C ALA A 248 -4.42 13.46 1.86
N THR A 249 -4.59 12.44 1.01
CA THR A 249 -4.26 12.57 -0.41
C THR A 249 -5.24 13.49 -1.13
N PHE A 250 -6.54 13.31 -0.89
CA PHE A 250 -7.51 14.21 -1.51
C PHE A 250 -7.31 15.67 -1.05
N GLU A 251 -6.93 15.86 0.20
CA GLU A 251 -6.63 17.22 0.69
C GLU A 251 -5.44 17.82 -0.06
N ARG A 252 -4.38 17.03 -0.25
CA ARG A 252 -3.24 17.48 -1.03
C ARG A 252 -3.64 17.85 -2.45
N LEU A 253 -4.60 17.11 -3.00
CA LEU A 253 -5.13 17.40 -4.33
C LEU A 253 -6.20 18.49 -4.39
N ASN A 254 -6.48 19.14 -3.25
N ASN A 254 -6.59 19.02 -3.21
CA ASN A 254 -7.48 20.22 -3.18
CA ASN A 254 -7.65 20.01 -3.07
C ASN A 254 -8.83 19.76 -3.69
C ASN A 254 -9.08 19.49 -3.38
N ILE A 255 -9.19 18.55 -3.27
N ILE A 255 -9.27 18.18 -3.32
CA ILE A 255 -10.48 17.96 -3.53
CA ILE A 255 -10.59 17.59 -3.53
C ILE A 255 -11.13 17.74 -2.18
C ILE A 255 -11.26 17.53 -2.18
N GLU A 256 -12.31 18.33 -2.00
CA GLU A 256 -13.02 18.34 -0.70
C GLU A 256 -13.60 16.98 -0.41
N THR A 257 -13.37 16.51 0.80
CA THR A 257 -13.99 15.28 1.31
C THR A 257 -14.86 15.52 2.54
N GLY A 258 -14.64 16.64 3.22
CA GLY A 258 -15.29 16.92 4.49
C GLY A 258 -14.74 16.15 5.68
N VAL A 259 -13.68 15.38 5.46
CA VAL A 259 -13.08 14.58 6.51
C VAL A 259 -11.86 15.32 7.03
N ASN A 260 -11.79 15.49 8.34
CA ASN A 260 -10.65 16.17 8.97
C ASN A 260 -9.47 15.21 8.96
N VAL A 261 -8.37 15.62 8.33
CA VAL A 261 -7.23 14.73 8.14
C VAL A 261 -6.60 14.32 9.46
N GLN A 262 -6.33 15.29 10.33
N GLN A 262 -6.34 15.32 10.32
N GLN A 262 -6.32 15.29 10.34
CA GLN A 262 -5.75 14.99 11.64
CA GLN A 262 -5.79 15.10 11.66
CA GLN A 262 -5.73 14.93 11.62
C GLN A 262 -6.63 14.03 12.44
C GLN A 262 -6.63 14.08 12.45
C GLN A 262 -6.64 13.99 12.44
N ALA A 263 -7.94 14.24 12.41
CA ALA A 263 -8.88 13.37 13.14
C ALA A 263 -8.91 11.95 12.54
N ALA A 264 -8.84 11.84 11.21
CA ALA A 264 -8.80 10.54 10.55
C ALA A 264 -7.50 9.80 10.90
N LEU A 265 -6.37 10.52 10.90
CA LEU A 265 -5.10 9.92 11.31
C LEU A 265 -5.11 9.44 12.75
N ALA A 266 -5.71 10.23 13.65
CA ALA A 266 -5.81 9.87 15.06
C ALA A 266 -6.75 8.67 15.28
N ALA A 267 -7.83 8.61 14.51
CA ALA A 267 -8.78 7.49 14.60
C ALA A 267 -8.10 6.19 14.20
N ALA A 268 -7.34 6.24 13.11
CA ALA A 268 -6.62 5.06 12.69
C ALA A 268 -5.59 4.63 13.75
N GLU A 269 -4.82 5.59 14.23
N GLU A 269 -4.74 5.54 14.20
CA GLU A 269 -3.66 5.29 15.06
CA GLU A 269 -3.66 5.13 15.09
C GLU A 269 -4.06 4.91 16.49
C GLU A 269 -4.13 4.81 16.50
N GLU A 270 -5.07 5.59 17.01
CA GLU A 270 -5.43 5.51 18.42
C GLU A 270 -6.62 4.63 18.75
N VAL A 271 -7.51 4.45 17.78
CA VAL A 271 -8.74 3.68 18.00
C VAL A 271 -8.66 2.33 17.32
N VAL A 272 -8.34 2.32 16.02
CA VAL A 272 -8.37 1.07 15.25
C VAL A 272 -7.09 0.25 15.41
N ARG A 273 -5.92 0.89 15.30
CA ARG A 273 -4.68 0.14 15.32
C ARG A 273 -4.55 -0.80 16.54
N PRO A 274 -4.93 -0.32 17.74
CA PRO A 274 -4.77 -1.18 18.93
C PRO A 274 -5.58 -2.49 18.92
N TYR A 275 -6.65 -2.58 18.13
CA TYR A 275 -7.42 -3.82 18.06
C TYR A 275 -7.15 -4.69 16.84
N LEU A 276 -6.24 -4.27 15.96
CA LEU A 276 -5.92 -5.08 14.78
C LEU A 276 -5.36 -6.42 15.24
N PRO A 277 -5.84 -7.53 14.64
CA PRO A 277 -5.29 -8.86 14.97
C PRO A 277 -3.87 -8.95 14.43
N ARG A 278 -3.64 -8.29 13.30
CA ARG A 278 -2.33 -8.12 12.67
C ARG A 278 -2.48 -6.97 11.69
N LEU A 279 -1.36 -6.39 11.28
CA LEU A 279 -1.40 -5.32 10.30
C LEU A 279 -1.83 -5.86 8.94
N PRO A 280 -2.78 -5.18 8.28
CA PRO A 280 -3.05 -5.47 6.86
C PRO A 280 -1.75 -5.35 6.07
N TRP A 281 -1.46 -6.35 5.25
CA TRP A 281 -0.13 -6.50 4.67
C TRP A 281 -0.19 -7.30 3.40
N ALA A 282 0.52 -6.81 2.38
CA ALA A 282 0.61 -7.54 1.14
C ALA A 282 1.73 -8.59 1.24
N ASP A 283 1.37 -9.73 1.84
N ASP A 283 1.41 -9.73 1.85
CA ASP A 283 2.27 -10.88 1.88
CA ASP A 283 2.34 -10.85 1.86
C ASP A 283 2.17 -11.64 0.55
C ASP A 283 2.16 -11.65 0.57
N ARG A 284 2.90 -12.75 0.43
CA ARG A 284 2.88 -13.54 -0.80
C ARG A 284 1.44 -13.97 -1.15
N ALA A 285 0.71 -14.47 -0.16
CA ALA A 285 -0.67 -14.90 -0.40
C ALA A 285 -1.58 -13.79 -0.93
N ALA A 286 -1.49 -12.60 -0.32
CA ALA A 286 -2.32 -11.47 -0.77
C ALA A 286 -1.92 -10.99 -2.16
N ILE A 287 -0.63 -10.94 -2.44
CA ILE A 287 -0.19 -10.52 -3.77
C ILE A 287 -0.68 -11.51 -4.84
N VAL A 288 -0.63 -12.81 -4.52
CA VAL A 288 -1.16 -13.82 -5.43
C VAL A 288 -2.63 -13.54 -5.72
N GLN A 289 -3.38 -13.12 -4.69
CA GLN A 289 -4.78 -12.77 -4.94
C GLN A 289 -4.95 -11.64 -5.95
N GLY A 290 -4.11 -10.61 -5.84
CA GLY A 290 -4.18 -9.48 -6.76
C GLY A 290 -3.73 -9.88 -8.16
N TYR A 291 -2.66 -10.66 -8.22
CA TYR A 291 -2.09 -11.09 -9.49
C TYR A 291 -3.07 -12.00 -10.24
N ALA A 292 -3.65 -12.95 -9.52
CA ALA A 292 -4.48 -13.98 -10.14
C ALA A 292 -5.96 -13.63 -10.16
N GLY A 293 -6.36 -12.54 -9.51
CA GLY A 293 -7.75 -12.09 -9.55
C GLY A 293 -8.69 -12.87 -8.64
N VAL A 294 -8.22 -13.15 -7.42
CA VAL A 294 -8.97 -13.93 -6.44
C VAL A 294 -9.70 -13.00 -5.47
N TYR A 295 -10.97 -13.27 -5.23
CA TYR A 295 -11.78 -12.53 -4.25
C TYR A 295 -11.03 -12.37 -2.91
N SER A 296 -10.89 -11.12 -2.44
CA SER A 296 -9.96 -10.87 -1.31
C SER A 296 -10.32 -11.59 -0.02
N SER A 297 -11.62 -11.71 0.25
CA SER A 297 -12.06 -12.35 1.51
C SER A 297 -11.73 -13.84 1.59
N PHE A 298 -11.23 -14.43 0.51
CA PHE A 298 -10.77 -15.81 0.59
C PHE A 298 -9.53 -15.99 1.47
N LEU A 299 -8.81 -14.92 1.75
CA LEU A 299 -7.51 -15.03 2.43
C LEU A 299 -7.48 -15.82 3.75
N LEU A 300 -8.26 -15.40 4.75
N LEU A 300 -8.25 -15.39 4.74
CA LEU A 300 -8.19 -16.09 6.04
CA LEU A 300 -8.22 -16.08 6.05
C LEU A 300 -8.80 -17.49 5.99
C LEU A 300 -8.69 -17.51 5.89
N HIS A 301 -9.72 -17.72 5.07
CA HIS A 301 -10.21 -19.07 4.83
C HIS A 301 -9.16 -19.97 4.21
N ALA A 302 -8.34 -19.42 3.30
CA ALA A 302 -7.25 -20.18 2.72
C ALA A 302 -6.15 -20.47 3.73
N GLU A 303 -5.87 -19.49 4.60
N GLU A 303 -5.88 -19.51 4.63
CA GLU A 303 -4.89 -19.70 5.67
CA GLU A 303 -4.88 -19.71 5.68
C GLU A 303 -5.35 -20.82 6.60
C GLU A 303 -5.34 -20.72 6.72
N ARG A 304 -6.65 -20.82 6.92
CA ARG A 304 -7.22 -21.85 7.81
C ARG A 304 -7.11 -23.23 7.15
N ALA A 305 -7.46 -23.32 5.87
CA ALA A 305 -7.32 -24.60 5.14
C ALA A 305 -5.86 -25.02 4.97
N ALA A 306 -4.96 -24.05 4.78
CA ALA A 306 -3.53 -24.32 4.70
C ALA A 306 -3.02 -25.06 5.92
N GLU A 307 -3.41 -24.56 7.09
CA GLU A 307 -3.03 -25.18 8.35
C GLU A 307 -3.67 -26.56 8.54
N ARG A 308 -4.95 -26.66 8.19
N ARG A 308 -4.96 -26.66 8.22
CA ARG A 308 -5.74 -27.88 8.38
CA ARG A 308 -5.67 -27.91 8.41
C ARG A 308 -5.30 -29.03 7.47
C ARG A 308 -5.08 -29.02 7.54
N TYR A 309 -4.84 -28.71 6.27
CA TYR A 309 -4.43 -29.71 5.28
C TYR A 309 -2.93 -29.79 5.06
N GLY A 310 -2.18 -28.87 5.67
CA GLY A 310 -0.73 -28.90 5.57
C GLY A 310 -0.18 -28.56 4.19
N VAL A 311 -0.79 -27.56 3.55
CA VAL A 311 -0.39 -27.09 2.23
C VAL A 311 -0.29 -25.55 2.26
N PRO A 312 0.48 -24.95 1.33
CA PRO A 312 0.66 -23.50 1.39
C PRO A 312 -0.57 -22.71 0.97
N ALA A 313 -0.91 -21.68 1.75
CA ALA A 313 -2.07 -20.86 1.42
C ALA A 313 -1.94 -20.22 0.04
N HIS A 314 -0.74 -19.77 -0.33
CA HIS A 314 -0.57 -19.13 -1.64
C HIS A 314 -0.81 -20.10 -2.81
N GLU A 315 -0.55 -21.39 -2.60
CA GLU A 315 -0.81 -22.40 -3.63
C GLU A 315 -2.30 -22.66 -3.76
N ILE A 316 -3.00 -22.68 -2.63
CA ILE A 316 -4.47 -22.76 -2.64
C ILE A 316 -5.02 -21.59 -3.46
N LEU A 317 -4.54 -20.39 -3.15
CA LEU A 317 -5.08 -19.21 -3.80
C LEU A 317 -4.73 -19.14 -5.28
N GLN A 318 -3.54 -19.61 -5.66
CA GLN A 318 -3.18 -19.69 -7.07
C GLN A 318 -4.17 -20.58 -7.83
N ARG A 319 -4.47 -21.74 -7.26
N ARG A 319 -4.47 -21.74 -7.25
CA ARG A 319 -5.42 -22.68 -7.86
CA ARG A 319 -5.41 -22.69 -7.84
C ARG A 319 -6.82 -22.05 -7.96
C ARG A 319 -6.83 -22.12 -7.92
N VAL A 320 -7.23 -21.34 -6.91
CA VAL A 320 -8.53 -20.65 -6.93
C VAL A 320 -8.56 -19.66 -8.08
N GLY A 321 -7.45 -18.92 -8.24
CA GLY A 321 -7.29 -17.96 -9.33
C GLY A 321 -7.44 -18.61 -10.70
N GLU A 322 -6.80 -19.76 -10.88
CA GLU A 322 -6.87 -20.51 -12.14
C GLU A 322 -8.31 -20.92 -12.44
N ALA A 323 -9.07 -21.25 -11.40
CA ALA A 323 -10.42 -21.80 -11.57
C ALA A 323 -11.50 -20.73 -11.83
N GLY A 324 -11.25 -19.50 -11.43
CA GLY A 324 -12.19 -18.39 -11.71
C GLY A 324 -13.36 -18.21 -10.74
N TYR A 325 -13.21 -18.70 -9.51
CA TYR A 325 -14.34 -18.65 -8.57
C TYR A 325 -14.74 -17.22 -8.24
N VAL A 326 -16.00 -17.07 -7.86
CA VAL A 326 -16.55 -15.73 -7.59
C VAL A 326 -16.75 -15.54 -6.10
N GLY A 327 -17.13 -14.33 -5.71
CA GLY A 327 -17.41 -14.07 -4.31
C GLY A 327 -18.38 -15.08 -3.74
N GLY A 328 -18.13 -15.44 -2.49
CA GLY A 328 -19.01 -16.37 -1.80
C GLY A 328 -18.67 -17.82 -1.96
N GLN A 329 -17.73 -18.14 -2.83
CA GLN A 329 -17.37 -19.52 -3.10
C GLN A 329 -16.24 -20.08 -2.17
N GLU A 330 -16.21 -19.62 -0.94
CA GLU A 330 -15.23 -20.08 0.05
C GLU A 330 -15.14 -21.60 0.18
N ASP A 331 -16.24 -22.32 -0.06
CA ASP A 331 -16.23 -23.76 0.06
C ASP A 331 -15.24 -24.41 -0.91
N MET A 332 -15.03 -23.76 -2.06
CA MET A 332 -14.10 -24.30 -3.06
C MET A 332 -12.67 -24.38 -2.56
N ILE A 333 -12.36 -23.55 -1.58
CA ILE A 333 -11.02 -23.53 -0.98
C ILE A 333 -10.71 -24.90 -0.39
N ILE A 334 -11.71 -25.49 0.28
CA ILE A 334 -11.49 -26.77 0.96
C ILE A 334 -11.27 -27.89 -0.03
N ASP A 335 -12.07 -27.91 -1.10
CA ASP A 335 -11.88 -28.90 -2.17
C ASP A 335 -10.47 -28.82 -2.74
N ILE A 336 -10.03 -27.60 -3.04
N ILE A 336 -10.03 -27.59 -3.03
CA ILE A 336 -8.69 -27.39 -3.56
CA ILE A 336 -8.70 -27.30 -3.55
C ILE A 336 -7.62 -27.85 -2.57
C ILE A 336 -7.57 -27.70 -2.59
N ALA A 337 -7.77 -27.49 -1.29
CA ALA A 337 -6.80 -27.86 -0.26
C ALA A 337 -6.68 -29.39 -0.14
N VAL A 338 -7.81 -30.09 -0.17
CA VAL A 338 -7.81 -31.55 -0.15
C VAL A 338 -7.03 -32.09 -1.35
N GLN A 339 -7.29 -31.54 -2.55
N GLN A 339 -7.29 -31.54 -2.55
CA GLN A 339 -6.60 -32.00 -3.75
CA GLN A 339 -6.61 -31.96 -3.78
C GLN A 339 -5.09 -31.81 -3.57
C GLN A 339 -5.10 -31.73 -3.73
N LEU A 340 -4.70 -30.62 -3.12
CA LEU A 340 -3.29 -30.27 -2.96
C LEU A 340 -2.59 -31.17 -1.95
N ALA A 341 -3.29 -31.49 -0.86
CA ALA A 341 -2.74 -32.37 0.15
C ALA A 341 -2.54 -33.78 -0.40
N GLU A 342 -3.44 -34.21 -1.28
CA GLU A 342 -3.26 -35.53 -1.93
C GLU A 342 -2.09 -35.52 -2.91
N GLU A 343 -1.92 -34.41 -3.63
CA GLU A 343 -0.75 -34.18 -4.46
C GLU A 343 0.48 -33.95 -3.58
N HIS B 20 -46.94 -52.86 -8.43
N HIS B 20 -46.55 -51.90 -8.49
CA HIS B 20 -47.35 -52.32 -9.76
CA HIS B 20 -47.20 -52.15 -9.80
C HIS B 20 -46.20 -52.40 -10.75
C HIS B 20 -46.19 -52.08 -10.94
N MET B 21 -46.43 -53.09 -11.87
N MET B 21 -46.25 -53.05 -11.84
CA MET B 21 -45.39 -53.30 -12.86
CA MET B 21 -45.26 -53.16 -12.89
C MET B 21 -45.64 -52.48 -14.14
C MET B 21 -45.59 -52.35 -14.13
N GLY B 22 -46.85 -51.92 -14.23
CA GLY B 22 -47.30 -51.18 -15.42
C GLY B 22 -46.72 -49.79 -15.61
N LYS B 23 -47.13 -49.15 -16.71
N LYS B 23 -47.07 -49.14 -16.73
CA LYS B 23 -46.72 -47.79 -17.04
CA LYS B 23 -46.62 -47.76 -16.95
C LYS B 23 -47.89 -46.84 -16.81
C LYS B 23 -47.77 -46.76 -16.93
N ALA B 24 -47.65 -45.79 -16.02
CA ALA B 24 -48.66 -44.75 -15.86
C ALA B 24 -48.60 -43.83 -17.06
N VAL B 25 -49.76 -43.36 -17.47
CA VAL B 25 -49.88 -42.44 -18.60
C VAL B 25 -49.68 -41.02 -18.05
N ALA B 26 -48.77 -40.26 -18.66
CA ALA B 26 -48.47 -38.91 -18.14
C ALA B 26 -48.71 -37.80 -19.15
N ALA B 27 -49.00 -36.61 -18.61
CA ALA B 27 -48.96 -35.35 -19.37
C ALA B 27 -47.90 -34.48 -18.73
N ILE B 28 -47.27 -33.67 -19.57
CA ILE B 28 -46.38 -32.61 -19.11
C ILE B 28 -47.03 -31.29 -19.51
N VAL B 29 -47.18 -30.41 -18.54
CA VAL B 29 -47.75 -29.09 -18.77
C VAL B 29 -46.63 -28.10 -18.53
N GLY B 30 -46.29 -27.35 -19.58
CA GLY B 30 -45.19 -26.37 -19.57
C GLY B 30 -44.01 -26.91 -20.37
N PRO B 31 -43.97 -26.66 -21.66
CA PRO B 31 -42.98 -27.27 -22.54
C PRO B 31 -41.70 -26.49 -22.69
N GLY B 32 -41.19 -25.98 -21.58
CA GLY B 32 -39.98 -25.17 -21.57
C GLY B 32 -38.72 -25.97 -21.35
N ASN B 33 -37.72 -25.36 -20.73
CA ASN B 33 -36.46 -26.05 -20.47
C ASN B 33 -36.67 -27.29 -19.61
N ILE B 34 -37.38 -27.11 -18.50
N ILE B 34 -37.36 -27.10 -18.49
CA ILE B 34 -37.63 -28.21 -17.58
CA ILE B 34 -37.66 -28.18 -17.55
C ILE B 34 -38.61 -29.21 -18.17
C ILE B 34 -38.59 -29.19 -18.19
N GLY B 35 -39.71 -28.73 -18.74
CA GLY B 35 -40.71 -29.64 -19.34
C GLY B 35 -40.13 -30.53 -20.43
N THR B 36 -39.31 -29.93 -21.31
CA THR B 36 -38.76 -30.70 -22.43
C THR B 36 -37.68 -31.66 -21.97
N ASP B 37 -36.84 -31.26 -21.04
CA ASP B 37 -35.86 -32.16 -20.45
C ASP B 37 -36.58 -33.34 -19.77
N LEU B 38 -37.66 -33.04 -19.07
CA LEU B 38 -38.44 -34.09 -18.40
C LEU B 38 -39.02 -35.05 -19.43
N LEU B 39 -39.52 -34.52 -20.55
CA LEU B 39 -40.05 -35.36 -21.61
C LEU B 39 -39.05 -36.41 -22.04
N ILE B 40 -37.80 -35.99 -22.27
N ILE B 40 -37.81 -36.01 -22.24
CA ILE B 40 -36.75 -36.93 -22.69
CA ILE B 40 -36.80 -36.96 -22.71
C ILE B 40 -36.59 -38.02 -21.64
C ILE B 40 -36.44 -38.01 -21.66
N LYS B 41 -36.39 -37.60 -20.40
CA LYS B 41 -36.24 -38.52 -19.25
C LYS B 41 -37.40 -39.51 -19.13
N LEU B 42 -38.62 -39.02 -19.28
CA LEU B 42 -39.80 -39.89 -19.12
C LEU B 42 -39.91 -40.89 -20.26
N GLN B 43 -39.48 -40.50 -21.46
CA GLN B 43 -39.45 -41.47 -22.58
C GLN B 43 -38.48 -42.64 -22.38
N ARG B 44 -37.52 -42.43 -21.48
N ARG B 44 -37.39 -42.43 -21.63
CA ARG B 44 -36.59 -43.46 -21.03
CA ARG B 44 -36.39 -43.48 -21.43
C ARG B 44 -37.13 -44.28 -19.85
C ARG B 44 -36.51 -44.15 -20.06
N SER B 45 -38.06 -43.72 -19.07
N SER B 45 -37.68 -43.96 -19.44
CA SER B 45 -38.54 -44.35 -17.85
CA SER B 45 -38.00 -44.55 -18.13
C SER B 45 -39.10 -45.75 -18.09
C SER B 45 -38.64 -45.93 -18.26
N GLU B 46 -38.85 -46.62 -17.14
CA GLU B 46 -39.45 -47.94 -17.15
C GLU B 46 -40.97 -47.88 -16.95
N HIS B 47 -41.44 -46.92 -16.17
CA HIS B 47 -42.82 -46.98 -15.68
C HIS B 47 -43.72 -45.78 -15.98
N ILE B 48 -43.29 -44.89 -16.88
N ILE B 48 -43.31 -44.94 -16.90
CA ILE B 48 -44.13 -43.76 -17.27
CA ILE B 48 -44.18 -43.85 -17.27
C ILE B 48 -44.15 -43.62 -18.77
C ILE B 48 -44.18 -43.63 -18.75
N GLU B 49 -45.36 -43.50 -19.31
CA GLU B 49 -45.53 -43.25 -20.75
C GLU B 49 -46.06 -41.83 -20.90
N VAL B 50 -45.28 -40.94 -21.52
N VAL B 50 -45.30 -40.95 -21.55
CA VAL B 50 -45.75 -39.58 -21.80
CA VAL B 50 -45.76 -39.56 -21.76
C VAL B 50 -46.68 -39.61 -23.01
C VAL B 50 -46.63 -39.41 -23.01
N ARG B 51 -47.92 -39.17 -22.79
CA ARG B 51 -48.94 -39.16 -23.86
C ARG B 51 -49.20 -37.75 -24.37
N TYR B 52 -49.02 -36.76 -23.50
CA TYR B 52 -49.40 -35.39 -23.82
C TYR B 52 -48.35 -34.36 -23.43
N MET B 53 -48.13 -33.40 -24.33
N MET B 53 -48.06 -33.42 -24.33
CA MET B 53 -47.28 -32.25 -24.06
CA MET B 53 -47.24 -32.24 -23.97
C MET B 53 -48.17 -31.03 -24.23
C MET B 53 -48.09 -31.01 -24.23
N VAL B 54 -48.28 -30.22 -23.18
CA VAL B 54 -49.27 -29.15 -23.17
C VAL B 54 -48.66 -27.78 -22.88
N GLY B 55 -48.87 -26.85 -23.80
CA GLY B 55 -48.33 -25.49 -23.63
C GLY B 55 -49.37 -24.46 -24.00
N VAL B 56 -48.90 -23.23 -24.20
CA VAL B 56 -49.79 -22.11 -24.55
C VAL B 56 -49.33 -21.34 -25.80
N ASP B 57 -48.11 -21.61 -26.27
CA ASP B 57 -47.52 -20.91 -27.41
C ASP B 57 -47.35 -21.88 -28.58
N PRO B 58 -48.07 -21.65 -29.69
CA PRO B 58 -47.98 -22.55 -30.85
C PRO B 58 -46.55 -22.71 -31.39
N ALA B 59 -45.71 -21.70 -31.21
CA ALA B 59 -44.34 -21.70 -31.74
C ALA B 59 -43.34 -22.35 -30.78
N SER B 60 -43.85 -22.94 -29.69
CA SER B 60 -43.00 -23.56 -28.68
C SER B 60 -42.00 -24.59 -29.23
N GLU B 61 -40.75 -24.48 -28.79
CA GLU B 61 -39.70 -25.47 -29.09
C GLU B 61 -40.02 -26.84 -28.44
N GLY B 62 -40.59 -26.81 -27.25
CA GLY B 62 -40.94 -28.04 -26.55
C GLY B 62 -42.08 -28.79 -27.22
N LEU B 63 -43.06 -28.06 -27.73
CA LEU B 63 -44.15 -28.68 -28.47
C LEU B 63 -43.61 -29.35 -29.73
N ALA B 64 -42.70 -28.68 -30.42
CA ALA B 64 -42.08 -29.24 -31.62
C ALA B 64 -41.29 -30.52 -31.33
N ARG B 65 -40.52 -30.50 -30.24
N ARG B 65 -40.53 -30.50 -30.24
CA ARG B 65 -39.74 -31.67 -29.83
CA ARG B 65 -39.73 -31.66 -29.83
C ARG B 65 -40.64 -32.85 -29.48
C ARG B 65 -40.61 -32.85 -29.43
N ALA B 66 -41.74 -32.57 -28.78
CA ALA B 66 -42.73 -33.61 -28.46
C ALA B 66 -43.32 -34.27 -29.70
N ARG B 67 -43.69 -33.45 -30.70
N ARG B 67 -43.71 -33.44 -30.68
CA ARG B 67 -44.24 -33.99 -31.95
CA ARG B 67 -44.22 -33.94 -31.96
C ARG B 67 -43.22 -34.83 -32.73
C ARG B 67 -43.19 -34.88 -32.59
N LYS B 68 -41.95 -34.41 -32.66
CA LYS B 68 -40.83 -35.17 -33.23
C LYS B 68 -40.67 -36.52 -32.53
N LEU B 69 -40.99 -36.57 -31.25
CA LEU B 69 -40.82 -37.78 -30.45
C LEU B 69 -42.13 -38.54 -30.24
N GLY B 70 -43.11 -38.28 -31.12
CA GLY B 70 -44.34 -39.05 -31.16
C GLY B 70 -45.40 -38.74 -30.11
N VAL B 71 -45.19 -37.67 -29.36
CA VAL B 71 -46.10 -37.32 -28.26
C VAL B 71 -47.14 -36.32 -28.76
N GLU B 72 -48.40 -36.53 -28.41
CA GLU B 72 -49.44 -35.59 -28.81
C GLU B 72 -49.18 -34.26 -28.12
N ALA B 73 -49.15 -33.18 -28.91
CA ALA B 73 -48.79 -31.86 -28.38
C ALA B 73 -49.86 -30.84 -28.71
N SER B 74 -50.08 -29.92 -27.78
CA SER B 74 -51.08 -28.89 -27.96
C SER B 74 -50.66 -27.57 -27.34
N ALA B 75 -50.97 -26.49 -28.05
CA ALA B 75 -50.79 -25.15 -27.51
C ALA B 75 -52.10 -24.60 -26.94
N GLU B 76 -53.08 -25.50 -26.77
N GLU B 76 -53.10 -25.46 -26.77
CA GLU B 76 -54.42 -25.12 -26.31
CA GLU B 76 -54.41 -25.02 -26.29
C GLU B 76 -54.61 -25.35 -24.80
C GLU B 76 -54.59 -25.17 -24.77
N GLY B 77 -53.49 -25.50 -24.09
CA GLY B 77 -53.47 -25.47 -22.62
C GLY B 77 -54.19 -26.58 -21.87
N VAL B 78 -54.29 -26.39 -20.56
CA VAL B 78 -54.96 -27.31 -19.67
C VAL B 78 -56.45 -27.51 -20.06
N ASP B 79 -57.10 -26.48 -20.61
CA ASP B 79 -58.46 -26.67 -21.15
C ASP B 79 -58.52 -27.84 -22.13
N TRP B 80 -57.57 -27.89 -23.06
CA TRP B 80 -57.52 -28.95 -24.05
C TRP B 80 -57.23 -30.30 -23.40
N LEU B 81 -56.26 -30.30 -22.49
CA LEU B 81 -55.88 -31.55 -21.83
C LEU B 81 -57.09 -32.22 -21.17
N LEU B 82 -57.89 -31.41 -20.47
CA LEU B 82 -58.98 -31.93 -19.67
C LEU B 82 -60.19 -32.31 -20.53
N GLU B 83 -60.13 -31.98 -21.81
N GLU B 83 -60.17 -31.99 -21.81
CA GLU B 83 -61.14 -32.36 -22.82
CA GLU B 83 -61.23 -32.45 -22.71
C GLU B 83 -60.87 -33.71 -23.44
C GLU B 83 -60.80 -33.63 -23.58
N GLN B 84 -59.66 -34.22 -23.29
CA GLN B 84 -59.23 -35.44 -24.00
C GLN B 84 -59.99 -36.67 -23.51
N ASP B 85 -60.31 -37.57 -24.43
CA ASP B 85 -61.07 -38.78 -24.09
C ASP B 85 -60.38 -39.64 -23.04
N GLU B 86 -59.06 -39.76 -23.17
CA GLU B 86 -58.26 -40.56 -22.24
C GLU B 86 -57.39 -39.63 -21.42
N LEU B 87 -57.83 -39.31 -20.21
CA LEU B 87 -57.06 -38.45 -19.31
C LEU B 87 -55.83 -39.19 -18.82
N PRO B 88 -54.74 -38.44 -18.58
CA PRO B 88 -53.56 -39.06 -17.99
C PRO B 88 -53.78 -39.46 -16.53
N ASP B 89 -52.98 -40.42 -16.08
CA ASP B 89 -52.90 -40.80 -14.67
C ASP B 89 -52.10 -39.77 -13.85
N LEU B 90 -51.07 -39.21 -14.49
CA LEU B 90 -50.14 -38.28 -13.84
C LEU B 90 -49.99 -37.04 -14.68
N VAL B 91 -49.84 -35.89 -14.03
CA VAL B 91 -49.44 -34.67 -14.75
C VAL B 91 -48.24 -34.08 -14.04
N PHE B 92 -47.22 -33.72 -14.83
CA PHE B 92 -46.06 -32.99 -14.32
C PHE B 92 -46.19 -31.54 -14.78
N GLU B 93 -46.09 -30.59 -13.85
CA GLU B 93 -46.23 -29.18 -14.23
C GLU B 93 -44.96 -28.38 -14.03
N ALA B 94 -44.52 -27.74 -15.11
CA ALA B 94 -43.27 -26.94 -15.13
C ALA B 94 -43.54 -25.60 -15.83
N THR B 95 -44.49 -24.88 -15.30
CA THR B 95 -44.94 -23.62 -15.87
C THR B 95 -44.51 -22.41 -14.98
N SER B 96 -45.27 -22.15 -13.94
CA SER B 96 -44.94 -21.09 -12.98
C SER B 96 -45.76 -21.36 -11.72
N ALA B 97 -45.44 -20.67 -10.63
CA ALA B 97 -46.25 -20.79 -9.43
C ALA B 97 -47.72 -20.42 -9.69
N LYS B 98 -47.92 -19.28 -10.35
N LYS B 98 -47.96 -19.29 -10.36
N LYS B 98 -47.93 -19.28 -10.35
CA LYS B 98 -49.24 -18.76 -10.70
CA LYS B 98 -49.33 -18.85 -10.58
CA LYS B 98 -49.27 -18.79 -10.65
C LYS B 98 -50.06 -19.77 -11.50
C LYS B 98 -50.10 -19.81 -11.50
C LYS B 98 -50.08 -19.76 -11.51
N ALA B 99 -49.43 -20.40 -12.48
CA ALA B 99 -50.10 -21.34 -13.37
C ALA B 99 -50.48 -22.60 -12.60
N HIS B 100 -49.56 -23.14 -11.79
CA HIS B 100 -49.92 -24.34 -11.07
C HIS B 100 -50.99 -24.09 -10.00
N LEU B 101 -50.94 -22.96 -9.32
CA LEU B 101 -52.04 -22.62 -8.41
C LEU B 101 -53.39 -22.65 -9.13
N ALA B 102 -53.44 -22.15 -10.36
CA ALA B 102 -54.67 -22.20 -11.14
C ALA B 102 -55.06 -23.63 -11.57
N ASN B 103 -54.08 -24.42 -11.97
CA ASN B 103 -54.35 -25.73 -12.54
C ASN B 103 -54.56 -26.82 -11.50
N ALA B 104 -53.88 -26.69 -10.36
CA ALA B 104 -53.90 -27.75 -9.34
C ALA B 104 -55.33 -28.20 -8.95
N PRO B 105 -56.27 -27.27 -8.69
CA PRO B 105 -57.60 -27.77 -8.32
C PRO B 105 -58.31 -28.48 -9.47
N ARG B 106 -57.98 -28.10 -10.72
CA ARG B 106 -58.57 -28.76 -11.89
C ARG B 106 -58.08 -30.20 -12.00
N TYR B 107 -56.80 -30.43 -11.75
CA TYR B 107 -56.28 -31.80 -11.74
C TYR B 107 -56.93 -32.62 -10.64
N ALA B 108 -57.08 -32.03 -9.45
CA ALA B 108 -57.66 -32.72 -8.30
C ALA B 108 -59.10 -33.11 -8.59
N GLU B 109 -59.88 -32.19 -9.16
N GLU B 109 -59.88 -32.18 -9.13
CA GLU B 109 -61.28 -32.48 -9.50
CA GLU B 109 -61.26 -32.44 -9.54
C GLU B 109 -61.45 -33.52 -10.62
C GLU B 109 -61.34 -33.64 -10.48
N ALA B 110 -60.42 -33.66 -11.45
CA ALA B 110 -60.42 -34.67 -12.51
C ALA B 110 -59.75 -36.00 -12.09
N GLY B 111 -59.20 -36.03 -10.88
CA GLY B 111 -58.56 -37.23 -10.34
C GLY B 111 -57.19 -37.57 -10.94
N ILE B 112 -56.50 -36.55 -11.44
CA ILE B 112 -55.16 -36.72 -12.03
C ILE B 112 -54.15 -36.34 -10.98
N THR B 113 -53.25 -37.26 -10.63
CA THR B 113 -52.21 -37.01 -9.64
C THR B 113 -51.19 -36.04 -10.21
N ALA B 114 -50.81 -35.04 -9.44
CA ALA B 114 -49.94 -33.96 -9.95
C ALA B 114 -48.58 -33.93 -9.26
N ILE B 115 -47.53 -33.78 -10.07
N ILE B 115 -47.53 -33.78 -10.07
CA ILE B 115 -46.19 -33.56 -9.58
CA ILE B 115 -46.19 -33.55 -9.59
C ILE B 115 -45.83 -32.15 -10.03
C ILE B 115 -45.79 -32.15 -10.03
N ASP B 116 -45.59 -31.29 -9.04
CA ASP B 116 -45.42 -29.87 -9.26
C ASP B 116 -43.96 -29.49 -9.18
N LEU B 117 -43.40 -29.04 -10.30
CA LEU B 117 -42.00 -28.60 -10.36
C LEU B 117 -41.86 -27.10 -10.23
N THR B 118 -42.96 -26.43 -9.89
CA THR B 118 -42.98 -24.98 -9.68
C THR B 118 -42.91 -24.64 -8.18
N PRO B 119 -42.82 -23.35 -7.84
CA PRO B 119 -42.89 -22.96 -6.44
C PRO B 119 -44.30 -22.93 -5.83
N ALA B 120 -45.32 -23.35 -6.57
CA ALA B 120 -46.70 -23.22 -6.04
C ALA B 120 -46.90 -23.89 -4.68
N ALA B 121 -46.37 -25.10 -4.55
CA ALA B 121 -46.37 -25.83 -3.28
C ALA B 121 -47.78 -25.95 -2.68
N VAL B 122 -48.74 -26.39 -3.48
N VAL B 122 -48.69 -26.44 -3.51
CA VAL B 122 -50.03 -26.73 -2.88
CA VAL B 122 -50.06 -26.80 -3.12
C VAL B 122 -49.93 -28.06 -2.14
C VAL B 122 -50.10 -28.13 -2.39
N GLY B 123 -49.12 -28.98 -2.67
CA GLY B 123 -48.97 -30.30 -2.03
C GLY B 123 -47.72 -30.37 -1.15
N PRO B 124 -47.57 -31.48 -0.40
N PRO B 124 -47.55 -31.48 -0.43
CA PRO B 124 -46.38 -31.66 0.44
CA PRO B 124 -46.39 -31.62 0.46
C PRO B 124 -45.08 -31.60 -0.34
C PRO B 124 -45.08 -31.64 -0.30
N LEU B 125 -44.05 -31.04 0.29
CA LEU B 125 -42.71 -30.97 -0.28
C LEU B 125 -42.08 -32.36 -0.20
N VAL B 126 -41.65 -32.90 -1.33
N VAL B 126 -41.61 -32.88 -1.32
CA VAL B 126 -41.06 -34.26 -1.34
CA VAL B 126 -41.07 -34.24 -1.39
C VAL B 126 -39.65 -34.31 -1.94
C VAL B 126 -39.65 -34.30 -1.96
N CYS B 127 -38.84 -35.19 -1.39
CA CYS B 127 -37.53 -35.50 -1.91
C CYS B 127 -37.48 -37.03 -1.94
N PRO B 128 -37.33 -37.64 -3.15
CA PRO B 128 -37.65 -39.06 -3.28
C PRO B 128 -37.01 -40.04 -2.29
N PRO B 129 -35.67 -40.01 -2.09
CA PRO B 129 -35.06 -40.97 -1.18
C PRO B 129 -35.17 -40.57 0.30
N VAL B 130 -35.91 -39.50 0.58
CA VAL B 130 -36.04 -39.00 1.91
C VAL B 130 -37.42 -39.19 2.52
N ASN B 131 -38.43 -38.56 1.95
CA ASN B 131 -39.77 -38.58 2.58
C ASN B 131 -40.93 -38.90 1.66
N LEU B 132 -40.66 -39.43 0.48
CA LEU B 132 -41.75 -39.68 -0.47
C LEU B 132 -42.73 -40.74 0.04
N THR B 133 -42.22 -41.74 0.76
CA THR B 133 -43.08 -42.86 1.21
C THR B 133 -44.32 -42.39 1.98
N GLU B 134 -44.16 -41.42 2.87
N GLU B 134 -44.12 -41.41 2.87
N GLU B 134 -44.14 -41.41 2.87
CA GLU B 134 -45.30 -40.95 3.66
CA GLU B 134 -45.19 -40.82 3.66
CA GLU B 134 -45.24 -40.91 3.67
C GLU B 134 -46.31 -40.15 2.84
C GLU B 134 -46.32 -40.29 2.78
C GLU B 134 -46.22 -40.03 2.89
N HIS B 135 -45.95 -39.81 1.60
CA HIS B 135 -46.87 -39.07 0.72
C HIS B 135 -47.29 -39.79 -0.54
N LEU B 136 -47.12 -41.11 -0.59
CA LEU B 136 -47.41 -41.88 -1.81
C LEU B 136 -48.88 -41.81 -2.26
N ASP B 137 -49.77 -41.50 -1.34
CA ASP B 137 -51.20 -41.43 -1.67
C ASP B 137 -51.69 -40.00 -1.90
N ALA B 138 -50.76 -39.04 -1.90
CA ALA B 138 -51.13 -37.62 -2.05
C ALA B 138 -51.57 -37.35 -3.48
N PRO B 139 -52.58 -36.48 -3.64
CA PRO B 139 -53.03 -36.13 -4.99
C PRO B 139 -52.10 -35.15 -5.69
N ASN B 140 -51.20 -34.52 -4.93
CA ASN B 140 -50.34 -33.46 -5.46
C ASN B 140 -49.11 -33.41 -4.58
N VAL B 141 -47.93 -33.52 -5.20
CA VAL B 141 -46.67 -33.36 -4.44
C VAL B 141 -45.83 -32.31 -5.12
N ASN B 142 -45.06 -31.59 -4.29
CA ASN B 142 -44.20 -30.50 -4.76
C ASN B 142 -42.72 -30.86 -4.67
N MET B 143 -41.95 -30.43 -5.67
CA MET B 143 -40.53 -30.82 -5.77
C MET B 143 -39.53 -29.89 -5.07
N ILE B 144 -40.02 -29.03 -4.20
CA ILE B 144 -39.12 -28.21 -3.42
C ILE B 144 -38.36 -27.22 -4.32
N THR B 145 -37.05 -27.25 -4.29
CA THR B 145 -36.22 -26.40 -5.15
C THR B 145 -35.13 -27.28 -5.76
N CYS B 146 -34.52 -26.81 -6.82
N CYS B 146 -34.53 -26.80 -6.84
CA CYS B 146 -33.51 -27.62 -7.48
CA CYS B 146 -33.48 -27.57 -7.52
C CYS B 146 -32.35 -27.87 -6.52
C CYS B 146 -32.33 -27.86 -6.55
N GLY B 147 -31.92 -26.82 -5.83
CA GLY B 147 -30.84 -26.94 -4.84
C GLY B 147 -31.24 -27.82 -3.67
N GLY B 148 -32.51 -27.75 -3.28
CA GLY B 148 -33.05 -28.65 -2.28
C GLY B 148 -32.94 -30.12 -2.71
N GLN B 149 -33.26 -30.42 -3.95
CA GLN B 149 -33.13 -31.81 -4.43
C GLN B 149 -31.70 -32.30 -4.39
N ALA B 150 -30.74 -31.37 -4.57
CA ALA B 150 -29.34 -31.77 -4.57
C ALA B 150 -28.80 -31.99 -3.16
N THR B 151 -29.35 -31.28 -2.18
CA THR B 151 -28.72 -31.20 -0.86
C THR B 151 -29.49 -31.81 0.28
N ILE B 152 -30.82 -31.72 0.22
N ILE B 152 -30.82 -31.77 0.20
CA ILE B 152 -31.64 -32.37 1.24
CA ILE B 152 -31.66 -32.37 1.24
C ILE B 152 -31.30 -33.87 1.47
C ILE B 152 -31.44 -33.89 1.45
N PRO B 153 -31.02 -34.64 0.40
CA PRO B 153 -30.63 -36.03 0.68
C PRO B 153 -29.43 -36.12 1.64
N ILE B 154 -28.48 -35.20 1.52
CA ILE B 154 -27.28 -35.26 2.37
C ILE B 154 -27.61 -34.85 3.80
N VAL B 155 -28.43 -33.81 3.95
CA VAL B 155 -28.86 -33.38 5.29
C VAL B 155 -29.58 -34.54 6.00
N HIS B 156 -30.45 -35.24 5.28
CA HIS B 156 -31.13 -36.40 5.84
C HIS B 156 -30.15 -37.54 6.14
N ALA B 157 -29.16 -37.74 5.27
CA ALA B 157 -28.17 -38.82 5.52
C ALA B 157 -27.40 -38.58 6.82
N VAL B 158 -27.19 -37.31 7.16
CA VAL B 158 -26.52 -37.00 8.42
C VAL B 158 -27.50 -37.07 9.59
N SER B 159 -28.67 -36.44 9.44
CA SER B 159 -29.62 -36.32 10.55
C SER B 159 -30.28 -37.65 10.95
N ARG B 160 -30.28 -38.63 10.05
CA ARG B 160 -30.78 -39.98 10.38
C ARG B 160 -29.77 -40.78 11.22
N VAL B 161 -28.55 -40.25 11.36
CA VAL B 161 -27.50 -40.88 12.18
C VAL B 161 -27.28 -40.14 13.50
N VAL B 162 -27.21 -38.80 13.44
CA VAL B 162 -26.98 -37.95 14.62
C VAL B 162 -27.88 -36.72 14.58
N PRO B 163 -28.15 -36.10 15.75
CA PRO B 163 -28.89 -34.84 15.73
C PRO B 163 -28.09 -33.77 14.99
N VAL B 164 -28.77 -32.97 14.15
CA VAL B 164 -28.12 -31.89 13.41
C VAL B 164 -28.80 -30.60 13.84
N ALA B 165 -28.10 -29.81 14.65
CA ALA B 165 -28.66 -28.56 15.18
C ALA B 165 -28.81 -27.48 14.10
N TYR B 166 -28.02 -27.60 13.03
CA TYR B 166 -27.91 -26.55 12.00
C TYR B 166 -27.31 -27.17 10.76
N ALA B 167 -27.94 -26.93 9.61
CA ALA B 167 -27.42 -27.40 8.34
C ALA B 167 -27.49 -26.27 7.34
N GLU B 168 -26.45 -26.17 6.53
CA GLU B 168 -26.29 -25.05 5.61
C GLU B 168 -25.86 -25.60 4.28
N ILE B 169 -26.45 -25.11 3.20
CA ILE B 169 -26.04 -25.53 1.87
C ILE B 169 -25.58 -24.33 1.06
N VAL B 170 -24.59 -24.58 0.21
CA VAL B 170 -24.10 -23.56 -0.72
C VAL B 170 -24.20 -24.14 -2.11
N ALA B 171 -25.08 -23.56 -2.93
CA ALA B 171 -25.30 -24.00 -4.30
C ALA B 171 -24.57 -23.02 -5.21
N ALA B 172 -23.69 -23.54 -6.06
CA ALA B 172 -23.03 -22.71 -7.05
C ALA B 172 -23.42 -23.22 -8.44
N ILE B 173 -24.04 -22.33 -9.22
CA ILE B 173 -24.57 -22.70 -10.53
C ILE B 173 -23.99 -21.84 -11.63
N ALA B 174 -23.84 -22.43 -12.79
CA ALA B 174 -23.54 -21.68 -14.00
C ALA B 174 -24.57 -20.58 -14.19
N SER B 175 -24.11 -19.35 -14.39
N SER B 175 -24.09 -19.36 -14.44
CA SER B 175 -25.04 -18.25 -14.67
CA SER B 175 -24.95 -18.21 -14.71
C SER B 175 -26.04 -18.57 -15.79
C SER B 175 -25.97 -18.44 -15.84
N ARG B 176 -25.56 -19.22 -16.83
CA ARG B 176 -26.44 -19.54 -17.97
C ARG B 176 -27.54 -20.55 -17.61
N SER B 177 -27.41 -21.21 -16.45
CA SER B 177 -28.44 -22.16 -16.01
C SER B 177 -29.47 -21.51 -15.09
N ALA B 178 -29.30 -20.20 -14.83
CA ALA B 178 -30.25 -19.43 -14.01
C ALA B 178 -31.17 -18.65 -14.94
N GLY B 179 -32.40 -19.14 -15.06
CA GLY B 179 -33.39 -18.49 -15.91
C GLY B 179 -34.01 -17.28 -15.23
N PRO B 180 -34.92 -16.57 -15.92
N PRO B 180 -34.90 -16.56 -15.95
CA PRO B 180 -35.47 -15.37 -15.30
CA PRO B 180 -35.61 -15.39 -15.44
C PRO B 180 -36.20 -15.64 -14.00
C PRO B 180 -36.31 -15.59 -14.10
N GLY B 181 -36.88 -16.78 -13.89
CA GLY B 181 -37.63 -17.10 -12.66
C GLY B 181 -36.68 -17.20 -11.47
N THR B 182 -35.60 -17.92 -11.67
CA THR B 182 -34.52 -18.08 -10.70
C THR B 182 -34.02 -16.69 -10.29
N ARG B 183 -33.71 -15.87 -11.29
CA ARG B 183 -33.11 -14.56 -11.06
C ARG B 183 -34.03 -13.57 -10.38
N ALA B 184 -35.34 -13.68 -10.62
CA ALA B 184 -36.28 -12.71 -10.09
C ALA B 184 -36.69 -13.00 -8.66
N ASN B 185 -36.34 -14.22 -8.21
N ASN B 185 -36.41 -14.15 -8.08
CA ASN B 185 -36.81 -14.90 -6.98
CA ASN B 185 -36.73 -14.23 -6.66
C ASN B 185 -35.69 -15.55 -6.16
C ASN B 185 -35.75 -15.11 -5.95
N ILE B 186 -34.52 -14.90 -6.14
N ILE B 186 -34.50 -14.68 -6.03
N ILE B 186 -34.50 -14.23 -6.04
CA ILE B 186 -33.38 -15.41 -5.41
CA ILE B 186 -33.40 -15.39 -5.43
CA ILE B 186 -33.51 -15.18 -5.50
C ILE B 186 -33.63 -15.51 -3.90
C ILE B 186 -33.60 -15.49 -3.91
C ILE B 186 -33.71 -15.48 -4.02
N ASP B 187 -34.28 -14.51 -3.31
CA ASP B 187 -34.55 -14.63 -1.86
C ASP B 187 -35.37 -15.87 -1.57
N GLU B 188 -36.36 -16.13 -2.42
CA GLU B 188 -37.25 -17.28 -2.21
C GLU B 188 -36.46 -18.61 -2.26
N PHE B 189 -35.42 -18.71 -3.09
CA PHE B 189 -34.58 -19.90 -3.04
C PHE B 189 -34.01 -20.09 -1.63
N THR B 190 -33.46 -19.01 -1.07
CA THR B 190 -32.82 -19.15 0.23
C THR B 190 -33.82 -19.52 1.31
N GLU B 191 -35.04 -19.00 1.19
N GLU B 191 -35.03 -18.98 1.21
CA GLU B 191 -36.03 -19.16 2.24
CA GLU B 191 -36.04 -19.15 2.26
C GLU B 191 -36.69 -20.54 2.16
C GLU B 191 -36.76 -20.50 2.18
N THR B 192 -37.16 -20.92 0.97
CA THR B 192 -37.82 -22.20 0.79
C THR B 192 -36.84 -23.33 1.04
N THR B 193 -35.63 -23.20 0.53
CA THR B 193 -34.64 -24.27 0.72
C THR B 193 -34.29 -24.43 2.19
N ALA B 194 -34.08 -23.33 2.91
CA ALA B 194 -33.74 -23.42 4.34
C ALA B 194 -34.88 -24.08 5.11
N ALA B 195 -36.13 -23.70 4.80
CA ALA B 195 -37.27 -24.30 5.47
C ALA B 195 -37.33 -25.81 5.20
N ALA B 196 -36.99 -26.23 3.99
CA ALA B 196 -37.06 -27.64 3.64
C ALA B 196 -35.90 -28.43 4.23
N ILE B 197 -34.76 -27.76 4.40
N ILE B 197 -34.78 -27.74 4.44
CA ILE B 197 -33.63 -28.38 5.11
CA ILE B 197 -33.66 -28.30 5.19
C ILE B 197 -34.07 -28.80 6.52
C ILE B 197 -34.10 -28.65 6.60
N GLU B 198 -34.84 -27.94 7.18
N GLU B 198 -35.20 -28.03 7.04
CA GLU B 198 -35.34 -28.20 8.53
CA GLU B 198 -35.78 -28.33 8.33
C GLU B 198 -36.39 -29.31 8.48
C GLU B 198 -36.89 -29.38 8.23
N GLN B 199 -37.43 -29.06 7.70
N GLN B 199 -38.01 -29.06 7.60
N GLN B 199 -37.72 -29.06 7.31
CA GLN B 199 -38.62 -29.93 7.69
CA GLN B 199 -39.10 -30.02 7.50
CA GLN B 199 -38.89 -29.91 7.52
C GLN B 199 -38.39 -31.30 7.07
C GLN B 199 -38.64 -31.36 6.93
C GLN B 199 -38.73 -31.26 6.86
N VAL B 200 -37.88 -31.32 5.84
CA VAL B 200 -37.59 -32.54 5.10
C VAL B 200 -36.23 -33.13 5.48
N GLY B 201 -35.21 -32.29 5.56
CA GLY B 201 -33.85 -32.75 5.86
C GLY B 201 -33.68 -33.20 7.28
N GLY B 202 -34.49 -32.64 8.19
CA GLY B 202 -34.42 -33.03 9.60
C GLY B 202 -33.47 -32.22 10.46
N ALA B 203 -32.88 -31.14 9.91
CA ALA B 203 -32.06 -30.24 10.72
C ALA B 203 -32.95 -29.35 11.62
N ALA B 204 -32.46 -28.97 12.79
CA ALA B 204 -33.21 -28.03 13.65
C ALA B 204 -33.33 -26.62 13.03
N ARG B 205 -32.29 -26.21 12.31
CA ARG B 205 -32.21 -24.87 11.72
C ARG B 205 -31.52 -25.04 10.39
N GLY B 206 -31.98 -24.29 9.39
N GLY B 206 -32.02 -24.32 9.38
CA GLY B 206 -31.40 -24.34 8.06
CA GLY B 206 -31.51 -24.45 8.02
C GLY B 206 -31.01 -23.00 7.49
C GLY B 206 -31.00 -23.13 7.47
N LYS B 207 -30.01 -23.05 6.62
N LYS B 207 -30.21 -23.22 6.42
CA LYS B 207 -29.60 -21.90 5.80
CA LYS B 207 -29.64 -22.02 5.81
C LYS B 207 -29.25 -22.38 4.40
C LYS B 207 -29.19 -22.33 4.40
N ALA B 208 -29.59 -21.58 3.39
N ALA B 208 -29.60 -21.50 3.45
CA ALA B 208 -29.21 -21.89 2.00
CA ALA B 208 -29.29 -21.76 2.05
C ALA B 208 -28.71 -20.64 1.28
C ALA B 208 -28.60 -20.55 1.43
N ILE B 209 -27.56 -20.81 0.63
CA ILE B 209 -26.86 -19.77 -0.12
C ILE B 209 -26.83 -20.22 -1.56
N ILE B 210 -27.03 -19.26 -2.48
CA ILE B 210 -26.87 -19.55 -3.89
C ILE B 210 -25.95 -18.53 -4.55
N ILE B 211 -25.08 -19.03 -5.44
N ILE B 211 -25.00 -19.09 -5.29
CA ILE B 211 -24.06 -18.21 -6.10
CA ILE B 211 -23.96 -18.37 -5.95
C ILE B 211 -24.12 -18.45 -7.60
C ILE B 211 -24.08 -18.69 -7.41
N LEU B 212 -24.08 -17.39 -8.41
N LEU B 212 -24.01 -17.62 -8.21
CA LEU B 212 -24.09 -17.52 -9.88
CA LEU B 212 -24.00 -17.72 -9.66
C LEU B 212 -22.71 -17.17 -10.42
C LEU B 212 -22.57 -17.41 -10.12
N ASN B 213 -22.11 -18.12 -11.14
CA ASN B 213 -20.74 -17.96 -11.65
C ASN B 213 -20.79 -18.03 -13.17
N PRO B 214 -20.33 -16.97 -13.87
CA PRO B 214 -20.42 -16.91 -15.34
C PRO B 214 -19.24 -17.53 -16.10
N VAL B 215 -18.39 -18.30 -15.44
CA VAL B 215 -17.20 -18.85 -16.11
C VAL B 215 -17.61 -19.57 -17.41
N GLU B 216 -16.74 -19.47 -18.41
CA GLU B 216 -16.92 -20.19 -19.68
C GLU B 216 -15.72 -21.13 -19.89
N PRO B 217 -15.98 -22.38 -20.35
CA PRO B 217 -17.31 -22.97 -20.56
C PRO B 217 -18.09 -23.08 -19.25
N PRO B 218 -19.44 -23.15 -19.35
CA PRO B 218 -20.24 -23.05 -18.15
C PRO B 218 -19.88 -24.14 -17.13
N MET B 219 -19.83 -23.78 -15.86
N MET B 219 -19.82 -23.73 -15.86
CA MET B 219 -19.40 -24.73 -14.84
CA MET B 219 -19.44 -24.57 -14.73
C MET B 219 -20.42 -25.85 -14.56
C MET B 219 -20.49 -25.62 -14.41
N ILE B 220 -19.90 -27.00 -14.14
N ILE B 220 -20.05 -26.87 -14.29
CA ILE B 220 -20.72 -28.07 -13.62
CA ILE B 220 -20.95 -27.91 -13.86
C ILE B 220 -21.18 -27.67 -12.21
C ILE B 220 -21.20 -27.75 -12.34
N MET B 221 -22.48 -27.80 -11.96
CA MET B 221 -23.00 -27.40 -10.64
C MET B 221 -22.26 -28.01 -9.46
N ARG B 222 -22.04 -27.18 -8.45
CA ARG B 222 -21.47 -27.62 -7.18
C ARG B 222 -22.44 -27.34 -6.06
N ASP B 223 -22.46 -28.27 -5.10
CA ASP B 223 -23.22 -28.05 -3.88
C ASP B 223 -22.39 -28.51 -2.72
N THR B 224 -22.31 -27.67 -1.68
CA THR B 224 -21.62 -28.03 -0.46
C THR B 224 -22.65 -28.05 0.65
N VAL B 225 -22.59 -29.10 1.46
CA VAL B 225 -23.50 -29.25 2.58
C VAL B 225 -22.69 -29.30 3.85
N TYR B 226 -23.01 -28.40 4.78
CA TYR B 226 -22.38 -28.40 6.11
C TYR B 226 -23.44 -28.77 7.12
N CYS B 227 -23.16 -29.76 7.96
CA CYS B 227 -24.05 -30.11 9.06
C CYS B 227 -23.32 -29.99 10.36
N ALA B 228 -23.91 -29.26 11.31
CA ALA B 228 -23.41 -29.30 12.69
C ALA B 228 -23.76 -30.65 13.31
N ILE B 229 -22.78 -31.24 13.97
CA ILE B 229 -22.91 -32.58 14.54
C ILE B 229 -22.25 -32.63 15.93
N PRO B 230 -22.68 -33.58 16.78
CA PRO B 230 -21.98 -33.67 18.07
C PRO B 230 -20.47 -33.92 17.90
N PRO B 231 -19.64 -33.37 18.79
CA PRO B 231 -18.20 -33.63 18.74
C PRO B 231 -17.83 -35.11 18.79
N ASP B 232 -18.63 -35.88 19.53
CA ASP B 232 -18.36 -37.31 19.68
C ASP B 232 -19.11 -38.19 18.67
N ALA B 233 -19.60 -37.58 17.59
CA ALA B 233 -20.33 -38.33 16.58
C ALA B 233 -19.50 -39.47 15.99
N ASP B 234 -20.16 -40.56 15.65
CA ASP B 234 -19.53 -41.67 14.94
C ASP B 234 -19.38 -41.29 13.46
N THR B 235 -18.20 -40.82 13.08
CA THR B 235 -18.01 -40.24 11.75
C THR B 235 -17.93 -41.32 10.69
N ASP B 236 -17.49 -42.52 11.08
CA ASP B 236 -17.56 -43.67 10.19
C ASP B 236 -19.01 -43.94 9.80
N ALA B 237 -19.91 -43.93 10.78
CA ALA B 237 -21.33 -44.17 10.52
C ALA B 237 -21.95 -43.05 9.66
N ILE B 238 -21.52 -41.81 9.89
CA ILE B 238 -22.04 -40.70 9.12
C ILE B 238 -21.59 -40.84 7.66
N THR B 239 -20.32 -41.16 7.47
CA THR B 239 -19.79 -41.33 6.12
C THR B 239 -20.50 -42.45 5.38
N ALA B 240 -20.71 -43.58 6.07
CA ALA B 240 -21.37 -44.71 5.42
C ALA B 240 -22.76 -44.30 4.97
N SER B 241 -23.45 -43.55 5.82
CA SER B 241 -24.80 -43.10 5.50
C SER B 241 -24.82 -42.13 4.32
N ILE B 242 -23.87 -41.21 4.29
CA ILE B 242 -23.72 -40.28 3.17
C ILE B 242 -23.43 -41.03 1.88
N GLU B 243 -22.52 -42.00 1.96
CA GLU B 243 -22.16 -42.77 0.79
C GLU B 243 -23.37 -43.53 0.24
N GLU B 244 -24.16 -44.10 1.14
N GLU B 244 -24.16 -44.11 1.15
CA GLU B 244 -25.36 -44.85 0.75
CA GLU B 244 -25.36 -44.85 0.76
C GLU B 244 -26.36 -43.93 0.07
C GLU B 244 -26.34 -43.93 0.06
N MET B 245 -26.52 -42.74 0.62
CA MET B 245 -27.45 -41.76 0.03
C MET B 245 -26.97 -41.26 -1.32
N VAL B 246 -25.68 -40.99 -1.44
CA VAL B 246 -25.12 -40.60 -2.72
C VAL B 246 -25.37 -41.66 -3.79
N ALA B 247 -25.18 -42.94 -3.44
CA ALA B 247 -25.48 -44.03 -4.36
C ALA B 247 -26.96 -44.07 -4.73
N GLU B 248 -27.82 -43.80 -3.75
N GLU B 248 -27.83 -43.82 -3.74
CA GLU B 248 -29.26 -43.78 -3.99
CA GLU B 248 -29.28 -43.77 -3.94
C GLU B 248 -29.64 -42.69 -4.98
C GLU B 248 -29.69 -42.68 -4.92
N VAL B 249 -29.14 -41.49 -4.74
CA VAL B 249 -29.41 -40.37 -5.64
C VAL B 249 -28.80 -40.63 -7.01
N ALA B 250 -27.62 -41.25 -7.04
CA ALA B 250 -26.94 -41.55 -8.29
C ALA B 250 -27.73 -42.51 -9.19
N ARG B 251 -28.66 -43.27 -8.62
N ARG B 251 -28.65 -43.27 -8.61
N ARG B 251 -28.63 -43.29 -8.59
CA ARG B 251 -29.48 -44.16 -9.43
CA ARG B 251 -29.52 -44.14 -9.39
CA ARG B 251 -29.57 -44.12 -9.34
C ARG B 251 -30.53 -43.43 -10.29
C ARG B 251 -30.38 -43.35 -10.37
C ARG B 251 -30.28 -43.29 -10.40
N TYR B 252 -30.81 -42.17 -9.95
CA TYR B 252 -31.61 -41.31 -10.82
C TYR B 252 -30.87 -40.10 -11.40
N VAL B 253 -29.73 -39.75 -10.80
CA VAL B 253 -28.84 -38.71 -11.33
C VAL B 253 -27.42 -39.28 -11.41
N PRO B 254 -27.07 -39.93 -12.52
CA PRO B 254 -25.78 -40.62 -12.55
C PRO B 254 -24.54 -39.71 -12.39
N GLY B 255 -24.69 -38.42 -12.69
CA GLY B 255 -23.59 -37.48 -12.53
C GLY B 255 -23.54 -36.81 -11.16
N TYR B 256 -24.28 -37.34 -10.19
CA TYR B 256 -24.25 -36.85 -8.81
C TYR B 256 -23.14 -37.56 -8.07
N THR B 257 -22.07 -36.83 -7.74
CA THR B 257 -20.89 -37.47 -7.15
C THR B 257 -20.33 -36.72 -5.96
N LEU B 258 -19.69 -37.46 -5.06
CA LEU B 258 -18.86 -36.87 -4.03
C LEU B 258 -17.50 -36.49 -4.60
N ARG B 259 -17.14 -35.23 -4.47
CA ARG B 259 -15.82 -34.73 -4.88
C ARG B 259 -14.67 -35.25 -4.03
N THR B 260 -14.96 -35.58 -2.77
N THR B 260 -14.95 -35.28 -2.74
CA THR B 260 -13.99 -36.18 -1.82
CA THR B 260 -14.01 -35.66 -1.74
C THR B 260 -14.72 -36.86 -0.64
C THR B 260 -14.85 -36.50 -0.82
N GLU B 261 -13.99 -37.52 0.27
N GLU B 261 -14.17 -37.21 0.06
CA GLU B 261 -14.63 -38.03 1.48
CA GLU B 261 -14.80 -37.85 1.20
C GLU B 261 -15.21 -36.84 2.26
C GLU B 261 -15.37 -36.74 2.09
N PRO B 262 -16.31 -37.09 3.00
CA PRO B 262 -16.80 -36.08 3.94
C PRO B 262 -15.67 -35.58 4.85
N GLN B 263 -15.61 -34.26 5.07
CA GLN B 263 -14.53 -33.65 5.87
C GLN B 263 -15.09 -33.31 7.25
N TYR B 264 -14.44 -33.79 8.30
CA TYR B 264 -14.92 -33.58 9.65
C TYR B 264 -14.00 -32.64 10.40
N ASP B 265 -14.59 -31.72 11.15
CA ASP B 265 -13.82 -30.78 11.93
C ASP B 265 -14.43 -30.57 13.30
N GLN B 266 -13.56 -30.56 14.31
CA GLN B 266 -13.99 -30.31 15.69
C GLN B 266 -14.37 -28.84 15.89
N PRO B 267 -14.97 -28.51 17.06
CA PRO B 267 -15.52 -27.17 17.27
C PRO B 267 -14.53 -26.00 17.09
N ARG B 268 -15.05 -24.88 16.57
CA ARG B 268 -14.30 -23.62 16.45
C ARG B 268 -15.18 -22.47 16.92
N ASP B 269 -14.54 -21.41 17.42
CA ASP B 269 -15.27 -20.21 17.84
C ASP B 269 -15.94 -19.51 16.66
N ILE B 270 -15.28 -19.51 15.49
CA ILE B 270 -15.92 -18.99 14.27
C ILE B 270 -17.19 -19.74 13.86
N TRP B 271 -17.41 -20.92 14.44
CA TRP B 271 -18.62 -21.69 14.20
C TRP B 271 -19.48 -21.79 15.46
N LYS B 272 -19.34 -20.81 16.36
N LYS B 272 -19.32 -20.82 16.38
CA LYS B 272 -20.11 -20.78 17.60
CA LYS B 272 -20.12 -20.75 17.63
C LYS B 272 -20.09 -22.13 18.30
C LYS B 272 -19.99 -21.96 18.54
N GLY B 273 -18.88 -22.71 18.39
CA GLY B 273 -18.65 -23.93 19.15
C GLY B 273 -19.21 -25.20 18.53
N MET B 274 -19.71 -25.11 17.30
CA MET B 274 -20.23 -26.30 16.60
C MET B 274 -19.10 -27.09 15.94
N ALA B 275 -19.19 -28.41 16.01
CA ALA B 275 -18.36 -29.30 15.20
C ALA B 275 -19.12 -29.52 13.90
N ARG B 276 -18.44 -29.96 12.84
CA ARG B 276 -19.16 -30.14 11.59
C ARG B 276 -18.66 -31.26 10.69
N VAL B 277 -19.53 -31.65 9.76
CA VAL B 277 -19.15 -32.41 8.59
C VAL B 277 -19.46 -31.55 7.35
N ALA B 278 -18.55 -31.57 6.40
CA ALA B 278 -18.72 -30.85 5.14
C ALA B 278 -18.69 -31.87 4.01
N VAL B 279 -19.70 -31.81 3.15
CA VAL B 279 -19.85 -32.75 2.05
C VAL B 279 -19.80 -31.96 0.76
N PHE B 280 -18.92 -32.38 -0.14
CA PHE B 280 -18.69 -31.64 -1.38
C PHE B 280 -19.19 -32.43 -2.58
N LEU B 281 -20.28 -31.93 -3.19
CA LEU B 281 -20.92 -32.60 -4.32
C LEU B 281 -20.63 -31.88 -5.60
N GLU B 282 -20.53 -32.65 -6.68
CA GLU B 282 -20.55 -32.11 -8.02
C GLU B 282 -21.77 -32.74 -8.70
N VAL B 283 -22.59 -31.94 -9.36
CA VAL B 283 -23.83 -32.46 -9.96
C VAL B 283 -23.84 -32.20 -11.47
N ARG B 284 -23.41 -33.21 -12.21
N ARG B 284 -23.38 -33.19 -12.22
CA ARG B 284 -23.33 -33.17 -13.68
CA ARG B 284 -23.36 -33.10 -13.68
C ARG B 284 -24.64 -33.68 -14.27
C ARG B 284 -24.66 -33.65 -14.25
N GLY B 285 -25.27 -32.88 -15.13
CA GLY B 285 -26.50 -33.28 -15.80
C GLY B 285 -26.26 -34.37 -16.82
N ASN B 286 -27.32 -35.09 -17.18
CA ASN B 286 -27.21 -36.19 -18.14
C ASN B 286 -27.05 -35.76 -19.59
N GLY B 287 -27.28 -34.49 -19.86
CA GLY B 287 -27.26 -33.98 -21.23
C GLY B 287 -28.40 -34.51 -22.08
N ASP B 288 -29.61 -34.58 -21.53
N ASP B 288 -29.61 -34.52 -21.53
CA ASP B 288 -30.76 -34.95 -22.30
CA ASP B 288 -30.80 -34.94 -22.26
C ASP B 288 -31.20 -33.83 -23.27
C ASP B 288 -31.20 -33.85 -23.25
N TYR B 289 -32.00 -32.91 -22.81
CA TYR B 289 -32.38 -31.77 -23.66
C TYR B 289 -31.41 -30.65 -23.34
N LEU B 290 -31.08 -30.55 -22.06
CA LEU B 290 -30.25 -29.47 -21.58
C LEU B 290 -28.78 -29.89 -21.55
N PRO B 291 -27.86 -28.92 -21.61
CA PRO B 291 -26.46 -29.32 -21.53
C PRO B 291 -26.07 -29.82 -20.12
N PRO B 292 -24.94 -30.54 -20.00
CA PRO B 292 -24.53 -31.10 -18.69
C PRO B 292 -24.28 -30.07 -17.59
N TRP B 293 -24.00 -28.83 -17.98
CA TRP B 293 -23.82 -27.74 -17.02
C TRP B 293 -25.12 -27.22 -16.40
N ALA B 294 -26.23 -27.71 -16.90
CA ALA B 294 -27.51 -27.35 -16.32
C ALA B 294 -27.99 -28.37 -15.30
N GLY B 295 -27.08 -28.64 -14.39
CA GLY B 295 -27.29 -29.68 -13.38
C GLY B 295 -28.46 -29.36 -12.47
N ASN B 296 -28.72 -28.07 -12.25
CA ASN B 296 -29.85 -27.68 -11.41
C ASN B 296 -31.19 -28.11 -12.02
N LEU B 297 -31.38 -27.80 -13.30
CA LEU B 297 -32.60 -28.22 -13.99
C LEU B 297 -32.66 -29.73 -14.13
N ASP B 298 -31.50 -30.34 -14.41
CA ASP B 298 -31.42 -31.79 -14.62
C ASP B 298 -31.77 -32.57 -13.36
N ILE B 299 -31.26 -32.17 -12.19
CA ILE B 299 -31.61 -32.88 -10.95
C ILE B 299 -33.10 -32.72 -10.64
N MET B 300 -33.66 -31.57 -10.97
N MET B 300 -33.67 -31.57 -10.97
N MET B 300 -33.66 -31.57 -10.98
CA MET B 300 -35.09 -31.35 -10.73
CA MET B 300 -35.09 -31.33 -10.74
CA MET B 300 -35.08 -31.29 -10.77
C MET B 300 -35.92 -32.33 -11.56
C MET B 300 -35.97 -32.24 -11.57
C MET B 300 -35.98 -32.20 -11.58
N THR B 301 -35.61 -32.42 -12.84
CA THR B 301 -36.38 -33.30 -13.73
C THR B 301 -36.10 -34.78 -13.40
N ALA B 302 -34.85 -35.10 -13.05
CA ALA B 302 -34.50 -36.47 -12.65
C ALA B 302 -35.24 -36.85 -11.36
N ALA B 303 -35.26 -35.94 -10.40
CA ALA B 303 -35.97 -36.20 -9.15
C ALA B 303 -37.49 -36.30 -9.41
N ALA B 304 -38.04 -35.42 -10.24
CA ALA B 304 -39.48 -35.46 -10.55
C ALA B 304 -39.85 -36.76 -11.25
N ALA B 305 -39.01 -37.17 -12.20
CA ALA B 305 -39.26 -38.47 -12.87
C ALA B 305 -39.23 -39.63 -11.87
N ARG B 306 -38.31 -39.59 -10.90
CA ARG B 306 -38.19 -40.62 -9.88
C ARG B 306 -39.42 -40.63 -8.97
N VAL B 307 -39.89 -39.45 -8.58
CA VAL B 307 -41.10 -39.33 -7.79
C VAL B 307 -42.27 -39.91 -8.58
N GLY B 308 -42.34 -39.57 -9.87
CA GLY B 308 -43.35 -40.14 -10.77
C GLY B 308 -43.34 -41.64 -10.80
N GLU B 309 -42.15 -42.22 -10.91
CA GLU B 309 -42.00 -43.68 -10.99
C GLU B 309 -42.39 -44.38 -9.69
N LEU B 310 -42.06 -43.77 -8.56
CA LEU B 310 -42.43 -44.31 -7.26
C LEU B 310 -43.95 -44.21 -7.02
N LEU B 311 -44.56 -43.10 -7.43
CA LEU B 311 -46.03 -42.95 -7.40
C LEU B 311 -46.73 -43.98 -8.30
N ALA B 312 -46.14 -44.25 -9.46
CA ALA B 312 -46.72 -45.24 -10.40
C ALA B 312 -46.62 -46.68 -9.86
N GLN B 313 -45.54 -46.96 -9.16
CA GLN B 313 -45.23 -48.30 -8.65
C GLN B 313 -45.97 -48.65 -7.35
N ALA B 314 -46.36 -47.63 -6.58
CA ALA B 314 -46.82 -47.82 -5.19
C ALA B 314 -48.00 -48.78 -5.03
N PRO C 11 9.60 -1.65 -24.37
CA PRO C 11 10.89 -1.49 -23.70
C PRO C 11 10.90 -2.11 -22.31
N ARG C 12 11.99 -2.81 -22.00
N ARG C 12 12.02 -2.74 -21.95
CA ARG C 12 12.16 -3.43 -20.68
CA ARG C 12 12.16 -3.39 -20.65
C ARG C 12 12.32 -2.34 -19.63
C ARG C 12 12.58 -2.42 -19.55
N VAL C 13 12.08 -2.72 -18.39
N VAL C 13 12.10 -2.68 -18.33
CA VAL C 13 12.44 -1.87 -17.27
CA VAL C 13 12.38 -1.84 -17.17
C VAL C 13 13.49 -2.62 -16.44
C VAL C 13 13.34 -2.54 -16.22
N ARG C 14 14.46 -1.89 -15.90
CA ARG C 14 15.45 -2.49 -14.98
C ARG C 14 15.11 -2.09 -13.56
N ILE C 15 14.83 -3.08 -12.71
CA ILE C 15 14.59 -2.82 -11.29
C ILE C 15 15.94 -2.86 -10.53
N THR C 16 16.20 -1.80 -9.76
CA THR C 16 17.28 -1.82 -8.77
C THR C 16 16.62 -2.07 -7.43
N ASP C 17 17.15 -3.03 -6.69
CA ASP C 17 16.62 -3.32 -5.36
C ASP C 17 17.46 -2.65 -4.30
N SER C 18 16.77 -2.00 -3.36
CA SER C 18 17.43 -1.25 -2.29
C SER C 18 17.01 -1.72 -0.90
N THR C 19 16.67 -3.00 -0.80
CA THR C 19 16.44 -3.63 0.50
C THR C 19 17.64 -3.41 1.44
N LEU C 20 18.85 -3.47 0.87
CA LEU C 20 20.08 -3.43 1.64
C LEU C 20 20.74 -2.05 1.65
N ARG C 21 19.99 -1.04 1.25
CA ARG C 21 20.42 0.35 1.39
C ARG C 21 19.31 1.23 1.96
N ASP C 22 18.28 1.52 1.19
CA ASP C 22 17.15 2.22 1.79
C ASP C 22 16.63 1.43 3.00
N GLY C 23 16.58 0.10 2.86
CA GLY C 23 16.15 -0.74 3.97
C GLY C 23 17.02 -0.60 5.22
N SER C 24 18.27 -0.16 5.04
CA SER C 24 19.16 0.05 6.17
C SER C 24 18.52 1.04 7.15
N HIS C 25 17.79 2.02 6.64
CA HIS C 25 17.11 2.97 7.52
C HIS C 25 16.16 2.25 8.47
N ALA C 26 15.38 1.31 7.93
CA ALA C 26 14.39 0.59 8.76
C ALA C 26 15.08 -0.34 9.75
N MET C 27 16.25 -0.83 9.35
CA MET C 27 17.07 -1.69 10.20
C MET C 27 17.94 -0.91 11.19
N ALA C 28 17.84 0.43 11.17
CA ALA C 28 18.77 1.28 11.97
C ALA C 28 20.22 0.88 11.72
N HIS C 29 20.50 0.51 10.46
CA HIS C 29 21.86 0.21 9.98
C HIS C 29 22.50 -0.96 10.72
N GLN C 30 21.65 -1.90 11.16
CA GLN C 30 22.12 -3.06 11.92
C GLN C 30 22.21 -4.35 11.09
N PHE C 31 22.25 -4.23 9.77
CA PHE C 31 22.36 -5.44 8.92
C PHE C 31 23.60 -6.26 9.28
N THR C 32 23.43 -7.58 9.26
CA THR C 32 24.58 -8.50 9.42
C THR C 32 25.05 -8.96 8.05
N GLU C 33 26.27 -9.48 7.99
CA GLU C 33 26.79 -10.03 6.76
C GLU C 33 25.89 -11.19 6.30
N GLU C 34 25.39 -12.00 7.25
CA GLU C 34 24.52 -13.14 6.91
C GLU C 34 23.21 -12.69 6.24
N GLN C 35 22.60 -11.62 6.76
CA GLN C 35 21.40 -11.06 6.16
C GLN C 35 21.68 -10.52 4.77
N VAL C 36 22.81 -9.83 4.62
CA VAL C 36 23.19 -9.29 3.32
C VAL C 36 23.36 -10.44 2.33
N ARG C 37 24.13 -11.46 2.72
CA ARG C 37 24.38 -12.58 1.81
C ARG C 37 23.09 -13.31 1.44
N ALA C 38 22.21 -13.54 2.41
CA ALA C 38 20.98 -14.30 2.10
C ALA C 38 20.08 -13.49 1.18
N THR C 39 20.03 -12.19 1.41
CA THR C 39 19.17 -11.32 0.60
C THR C 39 19.74 -11.19 -0.82
N VAL C 40 21.05 -10.99 -0.94
CA VAL C 40 21.70 -10.94 -2.24
C VAL C 40 21.49 -12.23 -3.02
N HIS C 41 21.73 -13.37 -2.37
N HIS C 41 21.72 -13.38 -2.39
CA HIS C 41 21.54 -14.70 -2.96
CA HIS C 41 21.55 -14.66 -3.08
C HIS C 41 20.15 -14.83 -3.58
C HIS C 41 20.13 -14.79 -3.63
N ALA C 42 19.14 -14.44 -2.81
CA ALA C 42 17.75 -14.57 -3.23
C ALA C 42 17.41 -13.61 -4.38
N LEU C 43 17.81 -12.35 -4.24
CA LEU C 43 17.59 -11.37 -5.30
C LEU C 43 18.27 -11.78 -6.60
N ASP C 44 19.54 -12.17 -6.50
CA ASP C 44 20.31 -12.50 -7.71
C ASP C 44 19.67 -13.69 -8.43
N ALA C 45 19.31 -14.71 -7.66
CA ALA C 45 18.71 -15.91 -8.25
C ALA C 45 17.35 -15.62 -8.88
N ALA C 46 16.65 -14.61 -8.35
CA ALA C 46 15.35 -14.19 -8.91
C ALA C 46 15.50 -13.38 -10.20
N GLY C 47 16.73 -12.96 -10.52
CA GLY C 47 16.97 -12.21 -11.74
C GLY C 47 17.12 -10.72 -11.55
N VAL C 48 17.19 -10.27 -10.30
CA VAL C 48 17.39 -8.85 -10.03
C VAL C 48 18.79 -8.45 -10.51
N GLU C 49 18.85 -7.37 -11.29
N GLU C 49 18.86 -7.41 -11.34
CA GLU C 49 20.05 -7.03 -12.04
CA GLU C 49 20.10 -7.07 -12.03
C GLU C 49 21.00 -6.11 -11.30
C GLU C 49 21.03 -6.15 -11.25
N VAL C 50 20.46 -5.29 -10.40
CA VAL C 50 21.27 -4.36 -9.61
C VAL C 50 20.76 -4.38 -8.18
N ILE C 51 21.69 -4.53 -7.22
CA ILE C 51 21.35 -4.64 -5.81
C ILE C 51 22.18 -3.61 -5.07
N GLU C 52 21.49 -2.67 -4.42
CA GLU C 52 22.19 -1.58 -3.72
C GLU C 52 22.46 -1.94 -2.28
N VAL C 53 23.72 -1.71 -1.86
CA VAL C 53 24.18 -2.02 -0.53
C VAL C 53 25.02 -0.87 -0.03
N SER C 54 24.52 -0.17 1.00
CA SER C 54 25.28 0.92 1.69
C SER C 54 24.55 1.22 2.97
N HIS C 55 25.18 2.03 3.80
CA HIS C 55 24.43 2.69 4.87
C HIS C 55 23.25 3.40 4.22
N GLY C 56 22.15 3.58 4.96
CA GLY C 56 21.00 4.28 4.38
C GLY C 56 21.27 5.66 3.79
N ASP C 57 22.18 6.41 4.44
N ASP C 57 22.19 6.39 4.42
CA ASP C 57 22.60 7.75 3.97
CA ASP C 57 22.58 7.71 3.94
C ASP C 57 23.80 7.68 3.01
C ASP C 57 23.89 7.63 3.15
N GLY C 58 24.06 6.49 2.49
CA GLY C 58 25.16 6.29 1.55
C GLY C 58 26.49 6.10 2.21
N LEU C 59 27.50 5.88 1.37
CA LEU C 59 28.86 5.66 1.90
C LEU C 59 29.27 6.81 2.80
N GLY C 60 29.87 6.48 3.93
CA GLY C 60 30.27 7.50 4.90
C GLY C 60 29.13 7.93 5.79
N GLY C 61 27.98 7.29 5.66
CA GLY C 61 26.81 7.71 6.43
C GLY C 61 26.86 7.35 7.91
N SER C 62 27.70 6.40 8.29
N SER C 62 27.69 6.38 8.29
CA SER C 62 27.76 5.94 9.69
CA SER C 62 27.80 5.98 9.69
C SER C 62 28.24 7.07 10.59
C SER C 62 28.19 7.16 10.52
N SER C 63 27.39 7.47 11.54
CA SER C 63 27.57 8.75 12.24
C SER C 63 26.62 8.84 13.42
N PHE C 64 26.88 9.84 14.27
CA PHE C 64 25.87 10.22 15.25
C PHE C 64 24.60 10.75 14.58
N ASN C 65 24.77 11.54 13.52
CA ASN C 65 23.61 12.19 12.91
C ASN C 65 22.60 11.19 12.36
N TYR C 66 23.11 10.12 11.73
CA TYR C 66 22.24 9.16 11.01
C TYR C 66 22.16 7.80 11.70
N GLY C 67 23.08 7.56 12.63
CA GLY C 67 23.21 6.24 13.24
C GLY C 67 24.42 5.52 12.70
N PHE C 68 25.11 4.77 13.55
N PHE C 68 25.08 4.77 13.57
CA PHE C 68 26.29 4.03 13.10
CA PHE C 68 26.25 4.00 13.22
C PHE C 68 25.94 2.65 12.62
C PHE C 68 25.84 2.67 12.59
N SER C 69 26.63 2.23 11.57
N SER C 69 26.62 2.22 11.60
CA SER C 69 26.56 0.85 11.12
CA SER C 69 26.44 0.87 11.08
C SER C 69 27.03 -0.13 12.18
C SER C 69 27.06 -0.16 12.03
N ALA C 70 26.34 -1.26 12.27
CA ALA C 70 26.81 -2.35 13.12
C ALA C 70 28.05 -3.00 12.52
N VAL C 71 28.02 -3.18 11.20
CA VAL C 71 29.12 -3.78 10.44
C VAL C 71 29.61 -2.73 9.43
N ASP C 72 30.90 -2.63 9.13
N ASP C 72 30.94 -2.63 9.37
CA ASP C 72 31.33 -1.63 8.11
CA ASP C 72 31.65 -1.77 8.43
C ASP C 72 30.61 -1.83 6.77
C ASP C 72 30.99 -2.01 7.09
N GLU C 73 30.06 -0.76 6.17
N GLU C 73 30.41 -0.97 6.48
CA GLU C 73 29.34 -0.95 4.93
CA GLU C 73 29.55 -1.20 5.31
C GLU C 73 30.28 -1.49 3.88
C GLU C 73 30.31 -1.54 4.02
N ILE C 74 31.59 -1.19 3.96
CA ILE C 74 32.49 -1.69 2.90
C ILE C 74 32.62 -3.22 3.01
N ASP C 75 32.66 -3.75 4.23
CA ASP C 75 32.61 -5.20 4.44
C ASP C 75 31.27 -5.79 3.93
N LEU C 76 30.16 -5.08 4.14
CA LEU C 76 28.87 -5.54 3.60
C LEU C 76 28.86 -5.53 2.07
N VAL C 77 29.41 -4.47 1.48
CA VAL C 77 29.55 -4.41 0.03
C VAL C 77 30.40 -5.57 -0.49
N ALA C 78 31.53 -5.82 0.16
CA ALA C 78 32.39 -6.92 -0.27
C ALA C 78 31.68 -8.28 -0.18
N ALA C 79 30.91 -8.50 0.89
CA ALA C 79 30.15 -9.74 1.04
C ALA C 79 29.08 -9.87 -0.04
N ALA C 80 28.41 -8.76 -0.37
CA ALA C 80 27.40 -8.76 -1.43
C ALA C 80 28.02 -9.10 -2.78
N VAL C 81 29.19 -8.52 -3.07
CA VAL C 81 29.89 -8.81 -4.32
C VAL C 81 30.31 -10.29 -4.38
N ASP C 82 30.79 -10.80 -3.26
CA ASP C 82 31.20 -12.21 -3.19
C ASP C 82 30.01 -13.13 -3.47
N GLU C 83 28.87 -12.79 -2.90
CA GLU C 83 27.67 -13.61 -3.04
C GLU C 83 27.04 -13.55 -4.42
N ALA C 84 27.06 -12.37 -5.03
CA ALA C 84 26.43 -12.14 -6.33
C ALA C 84 27.03 -12.99 -7.43
N VAL C 85 26.17 -13.47 -8.32
CA VAL C 85 26.61 -14.28 -9.46
C VAL C 85 26.39 -13.51 -10.77
N ASN C 86 25.20 -12.95 -10.93
CA ASN C 86 24.86 -12.16 -12.12
C ASN C 86 24.56 -10.70 -11.83
N ALA C 87 24.14 -10.40 -10.60
CA ALA C 87 23.80 -9.02 -10.23
C ALA C 87 25.01 -8.10 -10.08
N LYS C 88 24.82 -6.83 -10.46
N LYS C 88 24.82 -6.82 -10.40
CA LYS C 88 25.76 -5.77 -10.13
CA LYS C 88 25.80 -5.79 -10.12
C LYS C 88 25.46 -5.29 -8.71
C LYS C 88 25.48 -5.14 -8.78
N ILE C 89 26.51 -4.93 -7.95
CA ILE C 89 26.31 -4.27 -6.66
C ILE C 89 26.49 -2.78 -6.81
N ALA C 90 25.46 -2.05 -6.37
CA ALA C 90 25.44 -0.58 -6.39
C ALA C 90 25.74 -0.05 -5.00
N VAL C 91 26.30 1.15 -4.97
CA VAL C 91 26.44 1.92 -3.74
C VAL C 91 25.85 3.30 -3.94
N LEU C 92 25.38 3.88 -2.84
CA LEU C 92 24.86 5.26 -2.83
C LEU C 92 25.89 6.15 -2.18
N LEU C 93 26.06 7.36 -2.74
N LEU C 93 26.01 7.37 -2.73
CA LEU C 93 26.98 8.34 -2.15
CA LEU C 93 26.97 8.36 -2.25
C LEU C 93 26.38 9.72 -2.26
C LEU C 93 26.24 9.70 -2.24
N LEU C 94 26.26 10.39 -1.10
CA LEU C 94 25.75 11.76 -1.01
C LEU C 94 26.93 12.73 -0.82
N PRO C 95 27.27 13.52 -1.85
CA PRO C 95 28.29 14.57 -1.59
C PRO C 95 27.91 15.39 -0.38
N GLY C 96 28.92 15.69 0.45
CA GLY C 96 28.70 16.35 1.76
C GLY C 96 28.67 15.36 2.91
N VAL C 97 28.43 14.08 2.60
CA VAL C 97 28.45 12.99 3.58
C VAL C 97 29.57 12.04 3.16
N GLY C 98 29.40 11.36 2.02
CA GLY C 98 30.44 10.49 1.48
C GLY C 98 31.32 11.21 0.47
N THR C 99 32.49 10.65 0.24
CA THR C 99 33.49 11.31 -0.60
C THR C 99 33.99 10.37 -1.69
N VAL C 100 34.78 10.94 -2.61
CA VAL C 100 35.48 10.13 -3.62
C VAL C 100 36.36 9.04 -2.98
N ARG C 101 37.02 9.36 -1.87
N ARG C 101 36.98 9.36 -1.85
CA ARG C 101 37.78 8.33 -1.15
CA ARG C 101 37.78 8.39 -1.10
C ARG C 101 36.90 7.15 -0.72
C ARG C 101 36.95 7.19 -0.63
N ASP C 102 35.70 7.45 -0.23
CA ASP C 102 34.75 6.39 0.13
C ASP C 102 34.36 5.59 -1.11
N LEU C 103 34.10 6.29 -2.22
CA LEU C 103 33.75 5.61 -3.45
C LEU C 103 34.85 4.67 -3.91
N LYS C 104 36.11 5.10 -3.79
N LYS C 104 36.11 5.11 -3.79
CA LYS C 104 37.22 4.23 -4.20
CA LYS C 104 37.23 4.25 -4.18
C LYS C 104 37.32 2.97 -3.34
C LYS C 104 37.26 2.95 -3.38
N ARG C 105 36.96 3.08 -2.06
N ARG C 105 37.02 3.00 -2.06
CA ARG C 105 36.90 1.91 -1.20
CA ARG C 105 36.95 1.78 -1.27
C ARG C 105 35.83 0.93 -1.68
C ARG C 105 35.81 0.87 -1.70
N ALA C 106 34.67 1.45 -2.09
CA ALA C 106 33.56 0.63 -2.57
C ALA C 106 33.93 -0.03 -3.90
N HIS C 107 34.62 0.71 -4.76
CA HIS C 107 35.11 0.16 -6.02
C HIS C 107 36.11 -0.97 -5.77
N ASP C 108 37.03 -0.75 -4.84
N ASP C 108 37.00 -0.77 -4.81
CA ASP C 108 37.99 -1.78 -4.42
CA ASP C 108 37.97 -1.79 -4.45
C ASP C 108 37.26 -3.06 -4.00
C ASP C 108 37.32 -3.05 -3.86
N ALA C 109 36.14 -2.88 -3.28
CA ALA C 109 35.34 -4.00 -2.76
C ALA C 109 34.51 -4.69 -3.84
N GLY C 110 34.47 -4.08 -5.03
CA GLY C 110 33.79 -4.72 -6.16
C GLY C 110 32.48 -4.12 -6.60
N ALA C 111 32.06 -3.01 -5.98
CA ALA C 111 30.84 -2.34 -6.46
C ALA C 111 31.07 -1.88 -7.90
N SER C 112 30.02 -1.97 -8.71
CA SER C 112 30.16 -1.60 -10.13
C SER C 112 29.15 -0.55 -10.61
N VAL C 113 28.27 -0.11 -9.72
CA VAL C 113 27.31 0.95 -10.00
C VAL C 113 27.43 1.98 -8.88
N ALA C 114 27.62 3.24 -9.27
CA ALA C 114 27.69 4.36 -8.33
C ALA C 114 26.44 5.21 -8.50
N ARG C 115 25.68 5.33 -7.42
CA ARG C 115 24.48 6.17 -7.42
C ARG C 115 24.80 7.37 -6.56
N ILE C 116 24.86 8.53 -7.20
N ILE C 116 24.80 8.54 -7.18
CA ILE C 116 25.28 9.77 -6.54
CA ILE C 116 25.28 9.77 -6.55
C ILE C 116 24.04 10.64 -6.36
C ILE C 116 24.11 10.73 -6.38
N ALA C 117 23.80 11.05 -5.11
CA ALA C 117 22.57 11.76 -4.76
C ALA C 117 22.84 13.16 -4.24
N THR C 118 22.11 14.13 -4.77
CA THR C 118 22.13 15.50 -4.24
C THR C 118 20.71 15.91 -3.97
N HIS C 119 20.52 16.90 -3.12
CA HIS C 119 19.22 17.56 -3.09
C HIS C 119 18.85 18.02 -4.51
N CYS C 120 17.57 18.02 -4.83
CA CYS C 120 17.14 18.27 -6.21
C CYS C 120 17.63 19.58 -6.83
N THR C 121 18.00 20.56 -6.02
CA THR C 121 18.45 21.86 -6.54
C THR C 121 20.00 21.99 -6.62
N GLU C 122 20.71 20.94 -6.24
CA GLU C 122 22.16 21.08 -5.95
C GLU C 122 23.03 20.10 -6.75
N ALA C 123 22.63 19.83 -7.98
CA ALA C 123 23.37 18.85 -8.80
C ALA C 123 24.85 19.16 -8.95
N ASP C 124 25.22 20.44 -8.95
CA ASP C 124 26.60 20.82 -9.26
C ASP C 124 27.63 20.51 -8.15
N VAL C 125 27.18 19.97 -7.02
CA VAL C 125 28.14 19.48 -6.01
C VAL C 125 28.61 18.06 -6.30
N SER C 126 28.03 17.43 -7.32
CA SER C 126 28.33 16.03 -7.61
C SER C 126 29.27 15.81 -8.78
N CYS C 127 29.84 16.90 -9.31
N CYS C 127 29.65 16.88 -9.48
CA CYS C 127 30.76 16.82 -10.46
CA CYS C 127 30.25 16.70 -10.81
C CYS C 127 31.98 15.91 -10.22
C CYS C 127 31.54 15.87 -10.74
N GLN C 128 32.67 16.12 -9.12
N GLN C 128 32.32 16.11 -9.69
CA GLN C 128 33.86 15.31 -8.84
CA GLN C 128 33.55 15.35 -9.43
C GLN C 128 33.51 13.84 -8.76
C GLN C 128 33.33 13.87 -9.09
N HIS C 129 32.29 13.56 -8.30
CA HIS C 129 31.92 12.18 -7.96
C HIS C 129 31.59 11.41 -9.20
N PHE C 130 30.84 12.03 -10.11
CA PHE C 130 30.53 11.40 -11.40
C PHE C 130 31.81 11.19 -12.19
N ALA C 131 32.68 12.18 -12.22
CA ALA C 131 33.96 12.04 -12.93
C ALA C 131 34.77 10.86 -12.37
N ALA C 132 34.88 10.78 -11.05
CA ALA C 132 35.63 9.69 -10.45
C ALA C 132 35.00 8.32 -10.73
N ALA C 133 33.69 8.21 -10.61
CA ALA C 133 33.01 6.94 -10.84
C ALA C 133 33.24 6.49 -12.28
N ARG C 134 33.15 7.41 -13.23
CA ARG C 134 33.36 7.03 -14.61
C ARG C 134 34.82 6.61 -14.86
N GLU C 135 35.77 7.29 -14.23
N GLU C 135 35.76 7.30 -14.21
CA GLU C 135 37.17 6.90 -14.41
CA GLU C 135 37.19 6.97 -14.32
C GLU C 135 37.38 5.49 -13.88
C GLU C 135 37.49 5.58 -13.77
N LEU C 136 36.70 5.17 -12.78
CA LEU C 136 36.78 3.83 -12.19
C LEU C 136 35.98 2.79 -13.00
N GLY C 137 35.36 3.17 -14.11
CA GLY C 137 34.64 2.20 -14.94
C GLY C 137 33.30 1.77 -14.35
N MET C 138 32.77 2.57 -13.42
CA MET C 138 31.48 2.25 -12.83
C MET C 138 30.35 2.83 -13.67
N GLU C 139 29.23 2.12 -13.72
CA GLU C 139 28.01 2.68 -14.26
C GLU C 139 27.54 3.76 -13.29
N THR C 140 27.06 4.88 -13.81
CA THR C 140 26.61 5.98 -12.96
C THR C 140 25.11 6.23 -13.01
N VAL C 141 24.57 6.55 -11.85
CA VAL C 141 23.15 6.92 -11.71
C VAL C 141 23.14 8.17 -10.82
N GLY C 142 22.41 9.19 -11.25
CA GLY C 142 22.22 10.39 -10.44
C GLY C 142 20.87 10.34 -9.73
N PHE C 143 20.84 10.76 -8.48
CA PHE C 143 19.59 10.86 -7.69
C PHE C 143 19.32 12.33 -7.35
N LEU C 144 18.16 12.83 -7.77
CA LEU C 144 17.72 14.19 -7.39
C LEU C 144 16.68 14.05 -6.28
N MET C 145 17.16 14.23 -5.05
CA MET C 145 16.34 13.93 -3.85
C MET C 145 15.28 14.98 -3.59
N LEU C 146 14.22 14.55 -2.91
CA LEU C 146 13.09 15.40 -2.53
C LEU C 146 12.56 16.11 -3.77
N ALA C 147 12.36 15.35 -4.84
CA ALA C 147 12.02 15.94 -6.14
C ALA C 147 10.66 16.61 -6.21
N HIS C 148 9.82 16.45 -5.18
CA HIS C 148 8.56 17.20 -5.13
C HIS C 148 8.78 18.67 -4.81
N ARG C 149 9.97 19.02 -4.31
CA ARG C 149 10.22 20.40 -3.83
C ARG C 149 10.35 21.45 -4.94
N ILE C 150 10.60 21.00 -6.17
CA ILE C 150 10.76 21.90 -7.31
C ILE C 150 9.96 21.34 -8.48
N GLY C 151 9.72 22.19 -9.49
CA GLY C 151 8.89 21.80 -10.62
C GLY C 151 9.66 21.02 -11.67
N PRO C 152 8.93 20.47 -12.65
CA PRO C 152 9.52 19.59 -13.66
C PRO C 152 10.67 20.22 -14.42
N GLU C 153 10.51 21.45 -14.92
CA GLU C 153 11.58 22.01 -15.75
C GLU C 153 12.84 22.37 -14.96
N GLU C 154 12.64 22.83 -13.73
CA GLU C 154 13.78 23.11 -12.87
C GLU C 154 14.54 21.79 -12.57
N LEU C 155 13.77 20.73 -12.30
CA LEU C 155 14.34 19.41 -12.10
C LEU C 155 15.13 18.92 -13.31
N ALA C 156 14.57 19.13 -14.50
CA ALA C 156 15.25 18.72 -15.73
C ALA C 156 16.57 19.45 -15.94
N ARG C 157 16.62 20.73 -15.54
CA ARG C 157 17.88 21.48 -15.65
C ARG C 157 18.98 20.87 -14.76
N GLN C 158 18.58 20.44 -13.57
CA GLN C 158 19.52 19.77 -12.69
C GLN C 158 19.92 18.40 -13.21
N ALA C 159 18.99 17.69 -13.83
CA ALA C 159 19.33 16.40 -14.43
C ALA C 159 20.35 16.58 -15.56
N ARG C 160 20.21 17.66 -16.34
CA ARG C 160 21.19 17.97 -17.39
C ARG C 160 22.60 18.17 -16.80
N ILE C 161 22.67 18.85 -15.65
CA ILE C 161 23.96 19.06 -15.01
C ILE C 161 24.61 17.71 -14.68
N MET C 162 23.82 16.78 -14.14
CA MET C 162 24.34 15.45 -13.83
C MET C 162 24.78 14.68 -15.06
N VAL C 163 23.97 14.71 -16.13
CA VAL C 163 24.38 14.04 -17.35
C VAL C 163 25.67 14.63 -17.93
N ASP C 164 25.78 15.96 -17.92
CA ASP C 164 27.00 16.59 -18.44
C ASP C 164 28.23 16.17 -17.62
N ALA C 165 28.00 15.89 -16.34
CA ALA C 165 29.07 15.45 -15.43
C ALA C 165 29.44 13.98 -15.59
N GLY C 166 28.59 13.23 -16.29
CA GLY C 166 28.82 11.81 -16.55
C GLY C 166 27.78 10.83 -16.02
N ALA C 167 26.64 11.33 -15.55
CA ALA C 167 25.53 10.44 -15.17
C ALA C 167 24.95 9.74 -16.39
N GLN C 168 24.78 8.43 -16.28
CA GLN C 168 24.17 7.65 -17.36
C GLN C 168 22.68 7.46 -17.21
N CYS C 169 22.15 7.80 -16.04
CA CYS C 169 20.73 7.79 -15.74
C CYS C 169 20.52 8.82 -14.66
N VAL C 170 19.40 9.53 -14.70
CA VAL C 170 19.03 10.41 -13.57
C VAL C 170 17.64 10.03 -13.09
N TYR C 171 17.52 9.85 -11.77
CA TYR C 171 16.24 9.53 -11.14
C TYR C 171 15.52 10.73 -10.60
N VAL C 172 14.21 10.68 -10.79
CA VAL C 172 13.27 11.44 -9.98
C VAL C 172 13.11 10.67 -8.67
N VAL C 173 13.54 11.26 -7.57
CA VAL C 173 13.52 10.54 -6.25
C VAL C 173 12.48 11.17 -5.33
N ASP C 174 11.42 10.40 -5.05
CA ASP C 174 10.37 10.87 -4.16
C ASP C 174 10.71 10.51 -2.72
N SER C 175 11.73 11.21 -2.21
CA SER C 175 12.30 10.93 -0.90
C SER C 175 11.31 11.04 0.23
N ALA C 176 10.31 11.91 0.02
CA ALA C 176 9.30 12.12 1.06
C ALA C 176 8.05 11.27 0.85
N GLY C 177 8.00 10.50 -0.23
CA GLY C 177 6.74 9.84 -0.61
C GLY C 177 5.59 10.85 -0.73
N ALA C 178 5.87 12.00 -1.31
CA ALA C 178 4.97 13.15 -1.37
C ALA C 178 4.37 13.39 -2.76
N LEU C 179 4.92 12.72 -3.79
CA LEU C 179 4.42 12.96 -5.15
C LEU C 179 3.18 12.16 -5.42
N VAL C 180 2.23 12.80 -6.11
CA VAL C 180 0.97 12.13 -6.47
C VAL C 180 0.79 12.04 -7.98
N LEU C 181 1.00 10.84 -8.52
CA LEU C 181 0.57 10.45 -9.88
C LEU C 181 0.99 11.38 -11.03
N SER C 182 0.12 12.31 -11.40
CA SER C 182 0.49 13.24 -12.45
C SER C 182 1.74 14.07 -12.11
N ASP C 183 2.03 14.25 -10.81
CA ASP C 183 3.28 14.91 -10.38
C ASP C 183 4.50 14.17 -10.89
N VAL C 184 4.40 12.84 -10.87
CA VAL C 184 5.49 11.98 -11.33
C VAL C 184 5.55 12.02 -12.86
N GLN C 185 4.40 11.91 -13.50
N GLN C 185 4.41 11.91 -13.51
N GLN C 185 4.39 11.94 -13.51
CA GLN C 185 4.30 12.02 -14.96
CA GLN C 185 4.38 12.00 -14.98
CA GLN C 185 4.30 12.02 -14.97
C GLN C 185 5.04 13.26 -15.46
C GLN C 185 5.05 13.27 -15.47
C GLN C 185 4.95 13.28 -15.53
N ALA C 186 4.71 14.42 -14.88
CA ALA C 186 5.26 15.69 -15.32
C ALA C 186 6.77 15.75 -15.16
N ARG C 187 7.27 15.23 -14.05
CA ARG C 187 8.70 15.28 -13.77
C ARG C 187 9.48 14.31 -14.67
N VAL C 188 8.97 13.10 -14.85
CA VAL C 188 9.61 12.14 -15.75
C VAL C 188 9.58 12.65 -17.19
N GLN C 189 8.44 13.20 -17.63
N GLN C 189 8.45 13.21 -17.60
CA GLN C 189 8.38 13.72 -19.00
CA GLN C 189 8.27 13.76 -18.94
C GLN C 189 9.45 14.78 -19.20
C GLN C 189 9.28 14.88 -19.25
N ALA C 190 9.59 15.70 -18.25
CA ALA C 190 10.54 16.79 -18.40
C ALA C 190 11.96 16.25 -18.49
N LEU C 191 12.31 15.28 -17.64
CA LEU C 191 13.64 14.67 -17.74
C LEU C 191 13.84 13.92 -19.05
N VAL C 192 12.84 13.16 -19.50
CA VAL C 192 12.98 12.41 -20.74
C VAL C 192 13.21 13.36 -21.91
N ARG C 193 12.46 14.46 -21.94
N ARG C 193 12.49 14.47 -21.90
CA ARG C 193 12.65 15.46 -23.00
CA ARG C 193 12.61 15.50 -22.95
C ARG C 193 14.09 16.01 -22.97
C ARG C 193 13.94 16.26 -22.94
N GLU C 194 14.59 16.33 -21.77
CA GLU C 194 15.89 16.99 -21.64
C GLU C 194 17.08 16.07 -21.88
N ILE C 195 17.06 14.85 -21.31
CA ILE C 195 18.23 13.96 -21.34
C ILE C 195 18.03 12.62 -22.01
N GLY C 196 16.78 12.32 -22.41
CA GLY C 196 16.44 10.97 -22.87
C GLY C 196 17.17 10.47 -24.08
N HIS C 197 17.66 11.37 -24.92
CA HIS C 197 18.44 10.95 -26.09
C HIS C 197 19.89 10.53 -25.72
N GLU C 198 20.25 10.82 -24.47
N GLU C 198 20.30 10.82 -24.50
CA GLU C 198 21.64 10.78 -23.98
CA GLU C 198 21.69 10.57 -24.07
C GLU C 198 21.83 9.90 -22.75
C GLU C 198 21.76 9.62 -22.87
N ALA C 199 20.72 9.65 -22.03
CA ALA C 199 20.76 8.98 -20.74
C ALA C 199 19.40 8.41 -20.42
N GLN C 200 19.37 7.51 -19.44
CA GLN C 200 18.09 6.98 -18.97
C GLN C 200 17.50 7.85 -17.85
N VAL C 201 16.22 7.67 -17.61
CA VAL C 201 15.52 8.31 -16.51
C VAL C 201 14.99 7.24 -15.58
N GLY C 202 15.04 7.51 -14.26
CA GLY C 202 14.58 6.56 -13.27
C GLY C 202 13.58 7.17 -12.32
N PHE C 203 12.95 6.31 -11.53
CA PHE C 203 12.06 6.76 -10.47
C PHE C 203 12.23 5.91 -9.21
N HIS C 204 12.28 6.57 -8.05
CA HIS C 204 12.38 5.88 -6.75
C HIS C 204 11.29 6.44 -5.86
N GLY C 205 10.35 5.58 -5.47
CA GLY C 205 9.19 6.01 -4.72
C GLY C 205 9.16 5.45 -3.32
N HIS C 206 8.54 6.21 -2.42
CA HIS C 206 8.26 5.76 -1.05
C HIS C 206 6.75 5.60 -0.86
N GLN C 207 6.40 4.86 0.18
CA GLN C 207 5.03 4.40 0.39
C GLN C 207 4.19 5.22 1.36
N ASN C 208 4.66 6.42 1.72
CA ASN C 208 4.00 7.22 2.78
C ASN C 208 2.55 7.56 2.48
N LEU C 209 2.18 7.64 1.21
CA LEU C 209 0.79 7.83 0.79
C LEU C 209 0.25 6.64 -0.01
N SER C 210 0.95 5.51 0.12
CA SER C 210 0.60 4.28 -0.61
C SER C 210 0.52 4.50 -2.14
N LEU C 211 1.49 5.27 -2.66
CA LEU C 211 1.51 5.59 -4.10
C LEU C 211 2.81 5.17 -4.81
N GLY C 212 3.75 4.55 -4.11
CA GLY C 212 5.03 4.17 -4.73
C GLY C 212 4.88 3.30 -5.98
N VAL C 213 4.05 2.26 -5.90
CA VAL C 213 3.88 1.33 -7.04
C VAL C 213 3.22 2.03 -8.23
N ALA C 214 2.14 2.76 -7.99
CA ALA C 214 1.44 3.49 -9.07
C ALA C 214 2.36 4.53 -9.69
N ASN C 215 3.08 5.26 -8.84
CA ASN C 215 3.99 6.27 -9.35
C ASN C 215 5.06 5.62 -10.22
N SER C 216 5.49 4.42 -9.85
CA SER C 216 6.51 3.70 -10.63
C SER C 216 5.98 3.26 -11.98
N VAL C 217 4.74 2.75 -12.00
CA VAL C 217 4.09 2.40 -13.27
C VAL C 217 3.96 3.64 -14.18
N LEU C 218 3.47 4.74 -13.62
CA LEU C 218 3.36 5.97 -14.43
C LEU C 218 4.72 6.47 -14.90
N ALA C 219 5.74 6.36 -14.05
CA ALA C 219 7.09 6.75 -14.46
C ALA C 219 7.54 5.95 -15.69
N TYR C 220 7.38 4.62 -15.64
CA TYR C 220 7.72 3.78 -16.77
C TYR C 220 6.92 4.19 -18.02
N GLN C 221 5.62 4.40 -17.85
CA GLN C 221 4.77 4.73 -19.00
C GLN C 221 5.13 6.06 -19.65
N ASN C 222 5.81 6.92 -18.90
CA ASN C 222 6.23 8.21 -19.41
C ASN C 222 7.72 8.25 -19.76
N GLY C 223 8.35 7.08 -19.75
CA GLY C 223 9.67 6.90 -20.35
C GLY C 223 10.81 6.54 -19.44
N ALA C 224 10.53 6.35 -18.14
CA ALA C 224 11.57 5.91 -17.22
C ALA C 224 11.91 4.46 -17.51
N ARG C 225 13.21 4.16 -17.52
CA ARG C 225 13.66 2.79 -17.76
C ARG C 225 14.32 2.11 -16.58
N GLN C 226 14.45 2.84 -15.47
CA GLN C 226 14.95 2.28 -14.22
C GLN C 226 13.99 2.60 -13.10
N ILE C 227 13.71 1.62 -12.25
CA ILE C 227 12.76 1.77 -11.13
C ILE C 227 13.35 1.09 -9.90
N ASP C 228 13.22 1.71 -8.73
CA ASP C 228 13.70 1.07 -7.50
C ASP C 228 12.58 0.42 -6.72
N GLY C 229 12.93 -0.67 -6.05
CA GLY C 229 12.03 -1.27 -5.05
C GLY C 229 12.86 -1.82 -3.91
N ALA C 230 12.18 -2.29 -2.88
CA ALA C 230 12.82 -3.08 -1.83
C ALA C 230 11.92 -4.26 -1.51
N LEU C 231 12.51 -5.40 -1.21
CA LEU C 231 11.70 -6.56 -0.77
C LEU C 231 10.94 -6.22 0.51
N CYS C 232 9.67 -6.61 0.57
CA CYS C 232 8.80 -6.31 1.73
C CYS C 232 8.63 -4.82 1.97
N ALA C 233 8.92 -3.98 0.98
CA ALA C 233 8.90 -2.52 1.15
C ALA C 233 9.97 -2.02 2.11
N LEU C 234 10.92 -2.86 2.49
CA LEU C 234 11.88 -2.46 3.54
C LEU C 234 12.65 -1.21 3.14
N GLY C 235 12.47 -0.15 3.91
CA GLY C 235 13.02 1.14 3.54
C GLY C 235 12.56 2.22 4.48
N ALA C 236 13.00 3.44 4.21
CA ALA C 236 12.66 4.59 5.03
C ALA C 236 11.16 4.93 4.99
N GLY C 237 10.70 5.62 6.04
CA GLY C 237 9.29 6.03 6.12
C GLY C 237 8.37 4.81 6.22
N ALA C 238 7.30 4.84 5.44
CA ALA C 238 6.39 3.71 5.31
C ALA C 238 6.99 2.62 4.44
N GLY C 239 8.17 2.89 3.87
CA GLY C 239 8.85 1.90 3.05
C GLY C 239 9.00 2.32 1.60
N ASN C 240 9.63 1.43 0.82
CA ASN C 240 9.83 1.63 -0.62
C ASN C 240 8.77 0.84 -1.39
N SER C 241 8.56 1.18 -2.64
CA SER C 241 7.75 0.32 -3.51
C SER C 241 8.25 -1.13 -3.38
N PRO C 242 7.35 -2.11 -3.10
CA PRO C 242 7.91 -3.45 -2.88
C PRO C 242 8.38 -4.13 -4.18
N THR C 243 9.61 -4.63 -4.18
CA THR C 243 10.18 -5.32 -5.34
C THR C 243 9.27 -6.43 -5.86
N GLU C 244 8.71 -7.21 -4.94
CA GLU C 244 7.86 -8.32 -5.35
C GLU C 244 6.56 -7.84 -5.98
N ILE C 245 6.04 -6.71 -5.52
CA ILE C 245 4.85 -6.14 -6.16
C ILE C 245 5.17 -5.50 -7.51
N LEU C 246 6.32 -4.82 -7.62
CA LEU C 246 6.74 -4.28 -8.92
C LEU C 246 6.87 -5.41 -9.92
N ALA C 247 7.49 -6.51 -9.49
CA ALA C 247 7.66 -7.65 -10.40
C ALA C 247 6.31 -8.18 -10.87
N ALA C 248 5.39 -8.37 -9.94
CA ALA C 248 4.06 -8.91 -10.27
C ALA C 248 3.26 -7.95 -11.16
N THR C 249 3.31 -6.66 -10.82
CA THR C 249 2.52 -5.67 -11.53
C THR C 249 3.05 -5.45 -12.95
N PHE C 250 4.36 -5.33 -13.12
CA PHE C 250 4.91 -5.17 -14.46
C PHE C 250 4.61 -6.40 -15.31
N GLU C 251 4.65 -7.57 -14.70
CA GLU C 251 4.28 -8.78 -15.43
C GLU C 251 2.82 -8.76 -15.90
N ARG C 252 1.91 -8.35 -15.02
CA ARG C 252 0.50 -8.17 -15.41
C ARG C 252 0.35 -7.20 -16.57
N LEU C 253 1.19 -6.17 -16.60
CA LEU C 253 1.20 -5.16 -17.66
C LEU C 253 1.99 -5.56 -18.92
N ASN C 254 2.51 -6.78 -18.94
N ASN C 254 2.60 -6.75 -18.89
CA ASN C 254 3.27 -7.31 -20.08
CA ASN C 254 3.49 -7.23 -19.96
C ASN C 254 4.47 -6.43 -20.41
C ASN C 254 4.77 -6.41 -20.17
N ILE C 255 5.12 -5.98 -19.34
N ILE C 255 5.27 -5.79 -19.10
CA ILE C 255 6.36 -5.23 -19.40
CA ILE C 255 6.50 -5.03 -19.16
C ILE C 255 7.44 -6.10 -18.77
C ILE C 255 7.61 -5.92 -18.64
N GLU C 256 8.48 -6.38 -19.54
CA GLU C 256 9.56 -7.27 -19.12
C GLU C 256 10.45 -6.63 -18.07
N THR C 257 10.66 -7.37 -16.98
CA THR C 257 11.61 -6.94 -15.96
C THR C 257 12.80 -7.88 -15.83
N GLY C 258 12.64 -9.12 -16.27
CA GLY C 258 13.65 -10.15 -16.04
C GLY C 258 13.62 -10.77 -14.65
N VAL C 259 12.69 -10.32 -13.82
CA VAL C 259 12.60 -10.81 -12.47
C VAL C 259 11.48 -11.84 -12.41
N ASN C 260 11.82 -13.01 -11.92
CA ASN C 260 10.84 -14.10 -11.77
C ASN C 260 9.93 -13.78 -10.58
N VAL C 261 8.64 -13.65 -10.87
CA VAL C 261 7.66 -13.21 -9.87
C VAL C 261 7.59 -14.18 -8.68
N GLN C 262 7.48 -15.48 -8.96
CA GLN C 262 7.43 -16.45 -7.86
C GLN C 262 8.68 -16.38 -6.98
N ALA C 263 9.84 -16.27 -7.59
CA ALA C 263 11.09 -16.13 -6.83
C ALA C 263 11.14 -14.85 -6.00
N ALA C 264 10.63 -13.74 -6.55
CA ALA C 264 10.63 -12.45 -5.81
C ALA C 264 9.68 -12.57 -4.62
N LEU C 265 8.53 -13.19 -4.85
CA LEU C 265 7.55 -13.39 -3.77
C LEU C 265 8.16 -14.24 -2.65
N ALA C 266 8.86 -15.31 -3.03
CA ALA C 266 9.49 -16.19 -2.04
C ALA C 266 10.65 -15.49 -1.30
N ALA C 267 11.42 -14.66 -2.00
CA ALA C 267 12.52 -13.93 -1.35
C ALA C 267 11.95 -13.01 -0.28
N ALA C 268 10.90 -12.28 -0.63
CA ALA C 268 10.26 -11.38 0.33
C ALA C 268 9.70 -12.14 1.53
N GLU C 269 8.98 -13.23 1.26
CA GLU C 269 8.27 -13.93 2.33
C GLU C 269 9.19 -14.77 3.21
N GLU C 270 10.19 -15.41 2.60
CA GLU C 270 10.96 -16.47 3.27
C GLU C 270 12.36 -16.01 3.70
N VAL C 271 12.86 -14.96 3.06
CA VAL C 271 14.21 -14.48 3.41
C VAL C 271 14.17 -13.16 4.18
N VAL C 272 13.45 -12.17 3.65
CA VAL C 272 13.46 -10.82 4.23
C VAL C 272 12.46 -10.69 5.38
N ARG C 273 11.22 -11.15 5.18
CA ARG C 273 10.22 -10.99 6.21
C ARG C 273 10.68 -11.46 7.61
N PRO C 274 11.35 -12.63 7.70
CA PRO C 274 11.76 -13.10 9.03
C PRO C 274 12.70 -12.18 9.80
N TYR C 275 13.47 -11.34 9.10
CA TYR C 275 14.38 -10.43 9.83
C TYR C 275 13.87 -9.01 10.01
N LEU C 276 12.66 -8.72 9.52
CA LEU C 276 12.08 -7.38 9.68
C LEU C 276 11.94 -7.05 11.18
N PRO C 277 12.40 -5.85 11.59
CA PRO C 277 12.19 -5.38 12.98
C PRO C 277 10.70 -5.17 13.27
N ARG C 278 9.99 -4.66 12.25
CA ARG C 278 8.54 -4.53 12.27
C ARG C 278 8.16 -4.40 10.80
N LEU C 279 6.89 -4.58 10.47
CA LEU C 279 6.44 -4.39 9.09
C LEU C 279 6.49 -2.93 8.68
N PRO C 280 7.02 -2.65 7.47
CA PRO C 280 6.86 -1.32 6.89
C PRO C 280 5.37 -0.98 6.85
N TRP C 281 5.02 0.22 7.29
CA TRP C 281 3.62 0.54 7.58
C TRP C 281 3.40 2.03 7.54
N ALA C 282 2.32 2.45 6.88
CA ALA C 282 1.95 3.85 6.85
C ALA C 282 1.16 4.20 8.11
N ASP C 283 1.89 4.39 9.20
CA ASP C 283 1.29 4.88 10.45
C ASP C 283 1.06 6.40 10.33
N ARG C 284 0.49 7.02 11.34
CA ARG C 284 0.26 8.47 11.31
C ARG C 284 1.55 9.26 10.99
N ALA C 285 2.64 8.90 11.65
CA ALA C 285 3.88 9.64 11.44
C ALA C 285 4.37 9.55 10.00
N ALA C 286 4.32 8.34 9.43
CA ALA C 286 4.78 8.17 8.03
C ALA C 286 3.85 8.91 7.05
N ILE C 287 2.55 8.88 7.30
CA ILE C 287 1.62 9.59 6.42
C ILE C 287 1.87 11.08 6.49
N VAL C 288 2.12 11.61 7.70
CA VAL C 288 2.50 13.01 7.84
C VAL C 288 3.75 13.34 7.02
N GLN C 289 4.71 12.43 6.96
CA GLN C 289 5.90 12.67 6.12
C GLN C 289 5.50 12.88 4.65
N GLY C 290 4.60 12.04 4.14
CA GLY C 290 4.16 12.17 2.76
C GLY C 290 3.33 13.42 2.53
N TYR C 291 2.43 13.71 3.48
CA TYR C 291 1.59 14.88 3.39
C TYR C 291 2.39 16.19 3.44
N ALA C 292 3.35 16.24 4.36
CA ALA C 292 4.08 17.48 4.65
C ALA C 292 5.40 17.57 3.89
N GLY C 293 5.77 16.48 3.21
CA GLY C 293 6.96 16.48 2.35
C GLY C 293 8.27 16.37 3.10
N VAL C 294 8.30 15.49 4.07
CA VAL C 294 9.48 15.25 4.92
C VAL C 294 10.29 14.04 4.43
N TYR C 295 11.61 14.23 4.31
CA TYR C 295 12.55 13.18 3.95
C TYR C 295 12.28 11.90 4.77
N SER C 296 12.08 10.78 4.09
CA SER C 296 11.55 9.60 4.78
C SER C 296 12.42 9.04 5.89
N SER C 297 13.75 9.16 5.75
CA SER C 297 14.67 8.59 6.73
C SER C 297 14.60 9.32 8.07
N PHE C 298 13.86 10.43 8.14
CA PHE C 298 13.70 11.11 9.43
C PHE C 298 12.88 10.27 10.40
N LEU C 299 12.13 9.27 9.90
CA LEU C 299 11.11 8.62 10.76
C LEU C 299 11.62 8.05 12.10
N LEU C 300 12.60 7.14 12.06
N LEU C 300 12.58 7.12 12.05
CA LEU C 300 13.04 6.51 13.31
CA LEU C 300 13.09 6.49 13.26
C LEU C 300 13.73 7.50 14.24
C LEU C 300 13.73 7.48 14.22
N HIS C 301 14.39 8.49 13.66
CA HIS C 301 15.01 9.55 14.45
C HIS C 301 13.96 10.41 15.15
N ALA C 302 12.84 10.64 14.47
CA ALA C 302 11.71 11.36 15.11
C ALA C 302 11.05 10.50 16.19
N GLU C 303 10.92 9.20 15.94
CA GLU C 303 10.39 8.33 17.00
C GLU C 303 11.28 8.36 18.24
N ARG C 304 12.59 8.34 18.02
CA ARG C 304 13.53 8.35 19.13
C ARG C 304 13.42 9.67 19.89
N ALA C 305 13.37 10.79 19.18
CA ALA C 305 13.21 12.09 19.83
C ALA C 305 11.85 12.21 20.54
N ALA C 306 10.81 11.63 19.95
CA ALA C 306 9.49 11.65 20.60
C ALA C 306 9.54 11.04 22.00
N GLU C 307 10.22 9.91 22.14
N GLU C 307 10.19 9.88 22.11
CA GLU C 307 10.29 9.23 23.44
CA GLU C 307 10.33 9.21 23.39
C GLU C 307 11.32 9.86 24.39
C GLU C 307 11.21 10.03 24.35
N ARG C 308 12.34 10.50 23.82
CA ARG C 308 13.33 11.25 24.60
C ARG C 308 12.75 12.52 25.20
N TYR C 309 11.87 13.19 24.46
CA TYR C 309 11.33 14.51 24.85
C TYR C 309 9.88 14.51 25.29
N GLY C 310 9.20 13.39 25.07
CA GLY C 310 7.81 13.26 25.55
C GLY C 310 6.83 14.04 24.69
N VAL C 311 7.07 14.08 23.38
CA VAL C 311 6.20 14.79 22.44
C VAL C 311 5.90 13.85 21.26
N PRO C 312 4.80 14.09 20.52
CA PRO C 312 4.46 13.11 19.48
C PRO C 312 5.38 13.18 18.25
N ALA C 313 5.83 12.01 17.76
CA ALA C 313 6.62 11.98 16.52
C ALA C 313 5.95 12.69 15.34
N HIS C 314 4.63 12.53 15.20
CA HIS C 314 3.95 13.13 14.04
C HIS C 314 3.96 14.67 14.11
N GLU C 315 3.99 15.21 15.33
CA GLU C 315 4.04 16.66 15.51
C GLU C 315 5.44 17.16 15.19
N ILE C 316 6.47 16.41 15.59
CA ILE C 316 7.85 16.73 15.18
C ILE C 316 7.94 16.76 13.66
N LEU C 317 7.40 15.72 13.01
CA LEU C 317 7.55 15.63 11.56
C LEU C 317 6.74 16.69 10.82
N GLN C 318 5.55 17.03 11.32
CA GLN C 318 4.80 18.14 10.72
C GLN C 318 5.59 19.45 10.75
N ARG C 319 6.23 19.74 11.88
CA ARG C 319 7.06 20.94 11.99
C ARG C 319 8.29 20.90 11.07
N VAL C 320 8.89 19.72 10.94
CA VAL C 320 10.00 19.53 10.00
C VAL C 320 9.56 19.87 8.56
N GLY C 321 8.40 19.37 8.18
CA GLY C 321 7.91 19.59 6.81
C GLY C 321 7.66 21.05 6.57
N GLU C 322 7.07 21.72 7.56
CA GLU C 322 6.78 23.15 7.47
C GLU C 322 8.05 23.99 7.34
N ALA C 323 9.12 23.54 7.98
CA ALA C 323 10.38 24.25 7.93
C ALA C 323 11.13 24.03 6.62
N GLY C 324 10.83 22.96 5.91
CA GLY C 324 11.46 22.65 4.62
C GLY C 324 12.85 22.03 4.71
N TYR C 325 13.16 21.38 5.83
CA TYR C 325 14.49 20.76 5.94
C TYR C 325 14.71 19.71 4.87
N VAL C 326 15.96 19.52 4.48
CA VAL C 326 16.32 18.59 3.40
C VAL C 326 16.97 17.33 3.94
N GLY C 327 17.28 16.40 3.04
CA GLY C 327 17.99 15.17 3.38
C GLY C 327 19.21 15.48 4.19
N GLY C 328 19.44 14.63 5.18
CA GLY C 328 20.63 14.75 5.99
C GLY C 328 20.50 15.68 7.18
N GLN C 329 19.38 16.36 7.32
CA GLN C 329 19.18 17.32 8.42
C GLN C 329 18.48 16.74 9.65
N GLU C 330 18.78 15.48 9.94
CA GLU C 330 18.22 14.79 11.11
C GLU C 330 18.45 15.56 12.41
N ASP C 331 19.54 16.31 12.50
CA ASP C 331 19.80 17.07 13.72
C ASP C 331 18.67 18.03 14.05
N MET C 332 18.01 18.56 13.02
CA MET C 332 16.90 19.49 13.24
C MET C 332 15.70 18.88 13.97
N ILE C 333 15.56 17.56 13.87
CA ILE C 333 14.52 16.83 14.61
C ILE C 333 14.64 17.10 16.11
N ILE C 334 15.87 17.12 16.61
CA ILE C 334 16.10 17.30 18.05
C ILE C 334 15.75 18.72 18.45
N ASP C 335 16.17 19.70 17.64
CA ASP C 335 15.86 21.10 17.95
C ASP C 335 14.33 21.28 18.03
N ILE C 336 13.61 20.73 17.04
N ILE C 336 13.62 20.74 17.03
CA ILE C 336 12.16 20.81 17.01
CA ILE C 336 12.17 20.84 17.03
C ILE C 336 11.50 20.10 18.19
C ILE C 336 11.55 20.15 18.23
N ALA C 337 12.04 18.95 18.58
CA ALA C 337 11.48 18.20 19.72
C ALA C 337 11.65 18.99 21.04
N VAL C 338 12.82 19.58 21.23
CA VAL C 338 13.05 20.44 22.39
C VAL C 338 12.06 21.60 22.43
N GLN C 339 11.84 22.23 21.29
CA GLN C 339 10.84 23.31 21.22
C GLN C 339 9.44 22.82 21.59
N LEU C 340 9.02 21.68 21.05
CA LEU C 340 7.69 21.15 21.36
C LEU C 340 7.55 20.82 22.84
N ALA C 341 8.62 20.31 23.44
CA ALA C 341 8.56 19.98 24.86
C ALA C 341 8.41 21.25 25.67
N GLU C 342 9.09 22.31 25.26
CA GLU C 342 9.01 23.58 25.98
C GLU C 342 7.64 24.24 25.84
N GLU C 343 7.03 24.07 24.67
CA GLU C 343 5.69 24.61 24.41
C GLU C 343 4.65 23.99 25.34
N ARG C 344 4.83 22.73 25.72
CA ARG C 344 3.92 22.09 26.68
C ARG C 344 3.94 22.77 28.06
N HIS C 345 5.09 23.35 28.42
CA HIS C 345 5.23 24.13 29.65
C HIS C 345 4.85 25.59 29.41
N MET D 21 52.80 52.26 18.71
N MET D 21 51.76 51.28 19.36
CA MET D 21 51.43 52.78 18.97
CA MET D 21 50.55 52.13 19.53
C MET D 21 50.69 53.22 17.71
C MET D 21 49.94 52.43 18.16
N GLY D 22 49.42 52.83 17.64
N GLY D 22 48.64 52.71 18.11
CA GLY D 22 48.51 53.19 16.55
CA GLY D 22 48.00 53.01 16.83
C GLY D 22 47.72 52.01 16.03
C GLY D 22 48.16 51.84 15.89
N LYS D 23 47.55 51.96 14.73
CA LYS D 23 47.04 50.78 14.02
C LYS D 23 48.10 50.11 13.17
N ALA D 24 48.03 48.77 13.12
CA ALA D 24 48.85 47.98 12.20
C ALA D 24 48.33 48.23 10.80
N VAL D 25 49.25 48.32 9.85
CA VAL D 25 48.90 48.58 8.46
C VAL D 25 48.64 47.25 7.77
N ALA D 26 47.48 47.13 7.14
CA ALA D 26 47.15 45.85 6.49
C ALA D 26 46.90 45.95 5.00
N ALA D 27 47.17 44.86 4.30
CA ALA D 27 46.72 44.67 2.93
C ALA D 27 45.74 43.51 2.91
N ILE D 28 44.74 43.60 2.03
CA ILE D 28 43.91 42.44 1.69
C ILE D 28 44.17 42.09 0.22
N VAL D 29 44.49 40.81 -0.01
CA VAL D 29 44.75 40.28 -1.34
C VAL D 29 43.58 39.34 -1.66
N GLY D 30 42.83 39.65 -2.71
CA GLY D 30 41.61 38.89 -3.07
C GLY D 30 40.36 39.70 -2.80
N PRO D 31 39.95 40.52 -3.74
CA PRO D 31 38.88 41.47 -3.45
C PRO D 31 37.49 40.95 -3.77
N GLY D 32 37.21 39.73 -3.37
CA GLY D 32 35.93 39.09 -3.68
C GLY D 32 34.97 39.15 -2.51
N ASN D 33 34.13 38.14 -2.36
CA ASN D 33 33.13 38.17 -1.30
C ASN D 33 33.76 38.29 0.08
N ILE D 34 34.72 37.40 0.34
N ILE D 34 34.71 37.38 0.34
CA ILE D 34 35.37 37.35 1.64
CA ILE D 34 35.42 37.32 1.60
C ILE D 34 36.31 38.55 1.84
C ILE D 34 36.27 38.58 1.80
N GLY D 35 37.12 38.88 0.83
CA GLY D 35 38.01 40.01 0.96
C GLY D 35 37.29 41.32 1.21
N THR D 36 36.17 41.54 0.52
CA THR D 36 35.41 42.79 0.67
C THR D 36 34.67 42.85 2.01
N ASP D 37 34.08 41.74 2.43
CA ASP D 37 33.49 41.70 3.76
C ASP D 37 34.54 41.97 4.85
N LEU D 38 35.72 41.38 4.69
CA LEU D 38 36.83 41.60 5.63
C LEU D 38 37.23 43.05 5.64
N LEU D 39 37.28 43.68 4.47
CA LEU D 39 37.56 45.11 4.38
C LEU D 39 36.62 45.93 5.26
N ILE D 40 35.32 45.67 5.16
N ILE D 40 35.33 45.66 5.18
CA ILE D 40 34.35 46.41 5.96
CA ILE D 40 34.34 46.42 5.95
C ILE D 40 34.59 46.19 7.46
C ILE D 40 34.40 46.14 7.46
N LYS D 41 34.79 44.93 7.83
CA LYS D 41 35.04 44.59 9.24
C LYS D 41 36.29 45.28 9.77
N LEU D 42 37.35 45.31 8.95
CA LEU D 42 38.61 45.89 9.40
C LEU D 42 38.56 47.41 9.47
N GLN D 43 37.71 48.03 8.66
N GLN D 43 37.71 48.01 8.64
CA GLN D 43 37.60 49.47 8.70
CA GLN D 43 37.56 49.47 8.67
C GLN D 43 37.01 50.01 10.01
C GLN D 43 37.14 49.94 10.06
N ARG D 44 36.29 49.16 10.73
CA ARG D 44 35.79 49.54 12.05
C ARG D 44 36.65 49.02 13.22
N SER D 45 37.75 48.36 12.84
N SER D 45 37.73 48.29 12.95
CA SER D 45 38.79 47.95 13.77
CA SER D 45 38.52 47.63 14.02
C SER D 45 39.54 49.15 14.36
C SER D 45 39.26 48.61 14.97
N GLU D 46 39.80 49.05 15.67
N GLU D 46 39.67 48.12 16.15
N GLU D 46 40.04 48.93 17.92
CA GLU D 46 40.64 50.02 16.35
CA GLU D 46 40.35 48.99 17.13
CA GLU D 46 40.60 49.76 16.86
C GLU D 46 42.11 49.60 16.34
C GLU D 46 41.88 49.00 16.99
C GLU D 46 42.09 49.48 16.60
N HIS D 47 42.39 48.36 15.94
CA HIS D 47 43.81 47.91 15.84
C HIS D 47 44.44 47.83 14.45
N ILE D 48 43.63 47.83 13.40
CA ILE D 48 44.14 47.61 12.04
C ILE D 48 43.57 48.67 11.09
N GLU D 49 44.45 49.22 10.24
CA GLU D 49 44.07 50.12 9.16
C GLU D 49 44.35 49.37 7.85
N VAL D 50 43.33 49.17 7.02
CA VAL D 50 43.57 48.58 5.69
C VAL D 50 44.07 49.70 4.76
N ARG D 51 45.29 49.54 4.26
CA ARG D 51 45.89 50.55 3.38
C ARG D 51 45.82 50.11 1.93
N TYR D 52 45.80 48.80 1.69
CA TYR D 52 45.87 48.25 0.33
C TYR D 52 44.84 47.17 0.09
N MET D 53 44.19 47.26 -1.06
N MET D 53 44.17 47.25 -1.05
CA MET D 53 43.34 46.21 -1.59
CA MET D 53 43.34 46.14 -1.54
C MET D 53 44.02 45.76 -2.88
C MET D 53 43.86 45.72 -2.92
N VAL D 54 44.24 44.46 -3.02
CA VAL D 54 45.01 43.95 -4.15
C VAL D 54 44.27 42.82 -4.86
N GLY D 55 44.08 42.98 -6.16
CA GLY D 55 43.49 41.93 -6.99
C GLY D 55 44.24 41.77 -8.29
N VAL D 56 43.58 41.09 -9.24
CA VAL D 56 44.16 40.83 -10.57
C VAL D 56 43.25 41.28 -11.71
N ASP D 57 41.99 41.54 -11.40
CA ASP D 57 40.99 41.92 -12.41
C ASP D 57 40.62 43.39 -12.19
N PRO D 58 40.90 44.24 -13.20
CA PRO D 58 40.58 45.67 -13.09
C PRO D 58 39.09 45.95 -12.88
N ALA D 59 38.24 45.13 -13.50
CA ALA D 59 36.78 45.33 -13.43
C ALA D 59 36.18 44.79 -12.13
N SER D 60 37.05 44.48 -11.16
CA SER D 60 36.65 43.94 -9.87
C SER D 60 35.81 44.88 -9.00
N GLU D 61 34.98 44.30 -8.13
CA GLU D 61 34.08 45.10 -7.27
C GLU D 61 34.64 45.40 -5.86
N GLY D 62 35.51 44.52 -5.33
CA GLY D 62 36.22 44.82 -4.08
C GLY D 62 37.23 45.96 -4.27
N LEU D 63 37.81 46.04 -5.46
CA LEU D 63 38.70 47.14 -5.80
C LEU D 63 37.93 48.46 -5.86
N ALA D 64 36.77 48.42 -6.50
CA ALA D 64 35.90 49.59 -6.56
C ALA D 64 35.44 50.04 -5.17
N ARG D 65 35.05 49.09 -4.31
N ARG D 65 35.05 49.08 -4.32
CA ARG D 65 34.62 49.41 -2.95
CA ARG D 65 34.62 49.40 -2.96
C ARG D 65 35.75 49.97 -2.08
C ARG D 65 35.76 49.98 -2.12
N ALA D 66 36.94 49.39 -2.21
CA ALA D 66 38.12 49.92 -1.54
C ALA D 66 38.36 51.39 -1.93
N ARG D 67 38.24 51.66 -3.23
N ARG D 67 38.39 51.67 -3.24
CA ARG D 67 38.31 53.03 -3.75
CA ARG D 67 38.74 53.01 -3.74
C ARG D 67 37.26 53.95 -3.16
C ARG D 67 37.80 54.05 -3.15
N LYS D 68 36.02 53.48 -3.04
N LYS D 68 36.51 53.71 -3.15
CA LYS D 68 34.96 54.30 -2.45
CA LYS D 68 35.48 54.56 -2.56
C LYS D 68 35.23 54.61 -0.97
C LYS D 68 35.77 54.84 -1.10
N LEU D 69 36.08 53.79 -0.34
CA LEU D 69 36.41 53.92 1.08
C LEU D 69 37.78 54.56 1.37
N GLY D 70 38.47 55.02 0.33
CA GLY D 70 39.74 55.69 0.47
C GLY D 70 40.95 54.80 0.68
N VAL D 71 40.77 53.50 0.38
N VAL D 71 40.80 53.50 0.41
CA VAL D 71 41.86 52.52 0.45
CA VAL D 71 41.92 52.57 0.50
C VAL D 71 42.51 52.46 -0.93
C VAL D 71 42.53 52.30 -0.88
N GLU D 72 43.84 52.42 -0.96
CA GLU D 72 44.55 52.28 -2.24
CA GLU D 72 44.57 52.26 -2.22
C GLU D 72 44.27 50.89 -2.82
N ALA D 73 43.85 50.86 -4.08
CA ALA D 73 43.47 49.63 -4.76
C ALA D 73 44.27 49.42 -6.02
N SER D 74 44.62 48.17 -6.29
N SER D 74 44.60 48.16 -6.30
CA SER D 74 45.34 47.83 -7.52
CA SER D 74 45.39 47.78 -7.47
C SER D 74 44.97 46.45 -8.04
C SER D 74 44.98 46.43 -8.04
N ALA D 75 44.87 46.37 -9.36
CA ALA D 75 44.65 45.10 -10.04
C ALA D 75 45.97 44.57 -10.59
N GLU D 76 47.09 45.11 -10.11
N GLU D 76 47.07 45.13 -10.11
CA GLU D 76 48.40 44.66 -10.56
CA GLU D 76 48.42 44.68 -10.51
C GLU D 76 49.00 43.57 -9.66
C GLU D 76 49.04 43.68 -9.54
N GLY D 77 48.20 43.06 -8.72
CA GLY D 77 48.59 41.91 -7.92
C GLY D 77 49.66 42.12 -6.85
N VAL D 78 50.11 40.99 -6.31
CA VAL D 78 51.11 40.97 -5.25
C VAL D 78 52.43 41.60 -5.72
N ASP D 79 52.72 41.51 -7.02
CA ASP D 79 53.89 42.19 -7.58
C ASP D 79 53.87 43.67 -7.21
N TRP D 80 52.73 44.30 -7.42
CA TRP D 80 52.54 45.71 -7.10
C TRP D 80 52.65 45.96 -5.60
N LEU D 81 52.02 45.09 -4.80
CA LEU D 81 52.04 45.28 -3.35
C LEU D 81 53.46 45.34 -2.80
N LEU D 82 54.30 44.43 -3.26
CA LEU D 82 55.64 44.29 -2.70
C LEU D 82 56.62 45.37 -3.23
N GLU D 83 56.17 46.13 -4.23
CA GLU D 83 56.90 47.30 -4.72
C GLU D 83 56.61 48.60 -3.94
N GLN D 84 55.60 48.58 -3.07
N GLN D 84 55.60 48.57 -3.07
CA GLN D 84 55.22 49.82 -2.37
CA GLN D 84 55.22 49.77 -2.31
C GLN D 84 56.23 50.22 -1.30
C GLN D 84 56.33 50.21 -1.36
N ASP D 85 56.44 51.53 -1.17
CA ASP D 85 57.44 52.09 -0.25
C ASP D 85 57.19 51.70 1.21
N GLU D 86 55.92 51.70 1.63
CA GLU D 86 55.59 51.25 2.98
C GLU D 86 54.88 49.92 2.88
N LEU D 87 55.58 48.85 3.22
CA LEU D 87 54.95 47.54 3.19
C LEU D 87 54.00 47.40 4.37
N PRO D 88 52.90 46.65 4.18
CA PRO D 88 52.00 46.40 5.30
C PRO D 88 52.63 45.53 6.38
N ASP D 89 52.17 45.71 7.61
CA ASP D 89 52.51 44.84 8.73
C ASP D 89 51.86 43.46 8.58
N LEU D 90 50.61 43.45 8.10
CA LEU D 90 49.80 42.24 8.00
C LEU D 90 49.23 42.14 6.59
N VAL D 91 49.09 40.92 6.09
CA VAL D 91 48.35 40.69 4.86
C VAL D 91 47.32 39.58 5.09
N PHE D 92 46.10 39.82 4.63
CA PHE D 92 45.04 38.83 4.70
C PHE D 92 44.77 38.38 3.28
N GLU D 93 44.79 37.07 3.04
CA GLU D 93 44.61 36.55 1.68
C GLU D 93 43.34 35.73 1.52
N ALA D 94 42.51 36.11 0.55
CA ALA D 94 41.23 35.46 0.28
C ALA D 94 41.05 35.28 -1.23
N THR D 95 41.97 34.53 -1.80
CA THR D 95 42.08 34.33 -3.23
C THR D 95 41.70 32.89 -3.65
N SER D 96 42.65 31.98 -3.46
CA SER D 96 42.47 30.55 -3.72
C SER D 96 43.66 29.84 -3.08
N ALA D 97 43.57 28.52 -2.96
CA ALA D 97 44.73 27.78 -2.45
C ALA D 97 45.98 28.02 -3.31
N LYS D 98 45.82 27.89 -4.61
N LYS D 98 45.82 27.91 -4.62
CA LYS D 98 46.92 28.07 -5.55
CA LYS D 98 46.93 28.05 -5.57
C LYS D 98 47.56 29.44 -5.37
C LYS D 98 47.57 29.45 -5.52
N ALA D 99 46.74 30.48 -5.35
CA ALA D 99 47.26 31.83 -5.23
C ALA D 99 48.01 32.01 -3.91
N HIS D 100 47.46 31.53 -2.80
CA HIS D 100 48.21 31.74 -1.56
C HIS D 100 49.49 30.89 -1.51
N LEU D 101 49.48 29.69 -2.09
CA LEU D 101 50.73 28.92 -2.21
C LEU D 101 51.80 29.73 -2.94
N ALA D 102 51.42 30.45 -3.98
CA ALA D 102 52.37 31.28 -4.75
C ALA D 102 52.84 32.47 -3.92
N ASN D 103 51.90 33.10 -3.20
CA ASN D 103 52.20 34.35 -2.53
C ASN D 103 52.86 34.19 -1.17
N ALA D 104 52.55 33.11 -0.47
CA ALA D 104 53.07 32.93 0.90
C ALA D 104 54.59 33.09 1.06
N PRO D 105 55.40 32.47 0.18
N PRO D 105 55.41 32.47 0.18
CA PRO D 105 56.85 32.62 0.35
CA PRO D 105 56.86 32.62 0.35
C PRO D 105 57.28 34.07 0.17
C PRO D 105 57.34 34.03 0.06
N ARG D 106 56.53 34.81 -0.65
CA ARG D 106 56.87 36.20 -0.97
C ARG D 106 56.61 37.05 0.26
N TYR D 107 55.50 36.81 0.94
CA TYR D 107 55.23 37.55 2.19
C TYR D 107 56.29 37.24 3.23
N ALA D 108 56.66 35.97 3.35
CA ALA D 108 57.63 35.53 4.35
C ALA D 108 58.98 36.19 4.11
N GLU D 109 59.42 36.22 2.84
CA GLU D 109 60.67 36.86 2.44
C GLU D 109 60.67 38.35 2.79
N ALA D 110 59.51 39.00 2.60
CA ALA D 110 59.33 40.43 2.88
C ALA D 110 59.06 40.77 4.34
N GLY D 111 58.83 39.75 5.17
CA GLY D 111 58.58 39.94 6.60
C GLY D 111 57.18 40.43 6.94
N ILE D 112 56.23 40.16 6.04
CA ILE D 112 54.82 40.54 6.26
C ILE D 112 54.06 39.37 6.82
N THR D 113 53.51 39.53 8.01
CA THR D 113 52.74 38.44 8.64
C THR D 113 51.47 38.19 7.82
N ALA D 114 51.18 36.92 7.55
CA ALA D 114 50.06 36.54 6.70
C ALA D 114 48.98 35.78 7.43
N ILE D 115 47.73 36.17 7.16
CA ILE D 115 46.55 35.44 7.64
C ILE D 115 45.84 34.89 6.41
N ASP D 116 45.79 33.56 6.32
CA ASP D 116 45.38 32.87 5.11
C ASP D 116 43.94 32.36 5.30
N LEU D 117 43.01 32.91 4.52
CA LEU D 117 41.61 32.48 4.55
C LEU D 117 41.31 31.48 3.43
N THR D 118 42.35 30.99 2.77
CA THR D 118 42.20 29.98 1.72
C THR D 118 42.53 28.57 2.24
N PRO D 119 42.30 27.54 1.41
CA PRO D 119 42.72 26.20 1.83
C PRO D 119 44.22 25.89 1.72
N ALA D 120 45.05 26.86 1.34
CA ALA D 120 46.49 26.61 1.14
C ALA D 120 47.15 25.95 2.35
N ALA D 121 46.88 26.49 3.54
CA ALA D 121 47.35 25.90 4.80
C ALA D 121 48.87 25.66 4.81
N VAL D 122 49.59 26.73 4.44
N VAL D 122 49.63 26.72 4.49
CA VAL D 122 51.03 26.80 4.60
CA VAL D 122 51.08 26.65 4.66
C VAL D 122 51.36 26.83 6.10
C VAL D 122 51.51 27.02 6.07
N GLY D 123 50.63 27.67 6.82
CA GLY D 123 50.87 27.93 8.25
C GLY D 123 49.97 27.06 9.12
N PRO D 124 50.20 27.09 10.45
CA PRO D 124 49.39 26.35 11.41
C PRO D 124 47.93 26.74 11.35
N LEU D 125 47.04 25.78 11.57
N LEU D 125 47.10 25.69 11.44
CA LEU D 125 45.59 26.06 11.61
CA LEU D 125 45.66 25.81 11.61
C LEU D 125 45.21 26.68 12.96
C LEU D 125 45.44 26.50 12.95
N VAL D 126 44.61 27.88 12.92
N VAL D 126 44.49 27.44 12.94
CA VAL D 126 44.25 28.58 14.15
CA VAL D 126 44.23 28.30 14.09
C VAL D 126 42.76 28.82 14.24
C VAL D 126 42.74 28.61 14.23
N CYS D 127 42.27 28.74 15.47
CA CYS D 127 40.91 29.11 15.78
C CYS D 127 41.04 30.01 17.01
N PRO D 128 40.64 31.29 16.91
CA PRO D 128 41.07 32.26 17.92
C PRO D 128 40.87 31.88 19.41
N PRO D 129 39.67 31.43 19.81
CA PRO D 129 39.49 31.17 21.25
C PRO D 129 39.99 29.80 21.66
N VAL D 130 40.69 29.10 20.76
CA VAL D 130 41.19 27.76 21.05
C VAL D 130 42.72 27.72 21.14
N ASN D 131 43.42 28.08 20.08
CA ASN D 131 44.86 27.86 20.04
C ASN D 131 45.67 29.01 19.44
N LEU D 132 45.10 30.20 19.36
CA LEU D 132 45.87 31.27 18.73
C LEU D 132 47.10 31.68 19.54
N THR D 133 47.02 31.64 20.87
CA THR D 133 48.13 32.08 21.73
C THR D 133 49.42 31.33 21.43
N GLU D 134 49.28 30.05 21.10
CA GLU D 134 50.40 29.19 20.73
C GLU D 134 51.13 29.73 19.50
N HIS D 135 50.44 30.53 18.69
CA HIS D 135 50.94 30.89 17.36
C HIS D 135 51.08 32.41 17.11
N LEU D 136 51.15 33.20 18.19
CA LEU D 136 51.18 34.67 18.05
C LEU D 136 52.42 35.18 17.34
N ASP D 137 53.49 34.39 17.35
CA ASP D 137 54.73 34.78 16.69
C ASP D 137 54.90 34.14 15.32
N ALA D 138 53.86 33.45 14.84
CA ALA D 138 53.94 32.77 13.54
C ALA D 138 53.92 33.74 12.35
N PRO D 139 54.72 33.46 11.31
CA PRO D 139 54.71 34.37 10.16
C PRO D 139 53.49 34.17 9.25
N ASN D 140 52.82 33.05 9.44
CA ASN D 140 51.67 32.69 8.59
C ASN D 140 50.75 31.80 9.38
N VAL D 141 49.47 32.16 9.44
CA VAL D 141 48.49 31.30 10.08
C VAL D 141 47.32 31.07 9.12
N ASN D 142 46.70 29.91 9.25
CA ASN D 142 45.62 29.51 8.35
C ASN D 142 44.31 29.40 9.12
N MET D 143 43.22 29.82 8.46
CA MET D 143 41.91 29.92 9.13
C MET D 143 41.03 28.66 9.06
N ILE D 144 41.60 27.55 8.71
CA ILE D 144 40.86 26.31 8.70
C ILE D 144 39.76 26.31 7.64
N THR D 145 38.53 26.06 8.06
CA THR D 145 37.38 26.16 7.16
C THR D 145 36.31 26.97 7.86
N CYS D 146 35.36 27.48 7.11
N CYS D 146 35.37 27.51 7.10
CA CYS D 146 34.31 28.26 7.72
CA CYS D 146 34.27 28.27 7.70
C CYS D 146 33.55 27.42 8.76
C CYS D 146 33.51 27.44 8.74
N GLY D 147 33.18 26.20 8.39
CA GLY D 147 32.51 25.31 9.31
C GLY D 147 33.38 24.98 10.54
N GLY D 148 34.68 24.85 10.33
CA GLY D 148 35.62 24.62 11.42
C GLY D 148 35.61 25.79 12.41
N GLN D 149 35.58 27.01 11.90
CA GLN D 149 35.52 28.17 12.81
C GLN D 149 34.25 28.19 13.64
N ALA D 150 33.16 27.66 13.08
CA ALA D 150 31.92 27.65 13.84
C ALA D 150 31.89 26.56 14.88
N THR D 151 32.60 25.44 14.64
CA THR D 151 32.37 24.23 15.45
C THR D 151 33.55 23.80 16.31
N ILE D 152 34.76 24.06 15.86
CA ILE D 152 35.94 23.70 16.66
C ILE D 152 35.93 24.34 18.06
N PRO D 153 35.43 25.60 18.21
CA PRO D 153 35.30 26.13 19.59
C PRO D 153 34.48 25.21 20.51
N ILE D 154 33.43 24.60 19.98
CA ILE D 154 32.58 23.73 20.80
C ILE D 154 33.28 22.42 21.13
N VAL D 155 33.96 21.84 20.14
CA VAL D 155 34.69 20.60 20.41
C VAL D 155 35.74 20.83 21.51
N HIS D 156 36.45 21.96 21.43
CA HIS D 156 37.43 22.29 22.46
C HIS D 156 36.75 22.52 23.81
N ALA D 157 35.58 23.17 23.79
CA ALA D 157 34.86 23.44 25.04
C ALA D 157 34.50 22.12 25.75
N VAL D 158 34.23 21.07 24.97
CA VAL D 158 33.95 19.76 25.59
C VAL D 158 35.26 19.03 25.97
N SER D 159 36.22 19.00 25.06
CA SER D 159 37.44 18.23 25.29
C SER D 159 38.34 18.80 26.39
N ARG D 160 38.18 20.08 26.71
CA ARG D 160 38.93 20.64 27.83
C ARG D 160 38.33 20.25 29.18
N VAL D 161 37.17 19.60 29.16
CA VAL D 161 36.53 19.16 30.40
C VAL D 161 36.63 17.63 30.54
N VAL D 162 36.38 16.91 29.44
CA VAL D 162 36.42 15.45 29.42
C VAL D 162 37.08 14.92 28.14
N PRO D 163 37.61 13.70 28.16
CA PRO D 163 38.09 13.12 26.90
C PRO D 163 36.95 12.94 25.90
N VAL D 164 37.23 13.25 24.64
CA VAL D 164 36.25 13.14 23.56
C VAL D 164 36.80 12.16 22.52
N ALA D 165 36.22 10.95 22.50
CA ALA D 165 36.72 9.88 21.65
C ALA D 165 36.36 10.12 20.18
N TYR D 166 35.33 10.92 19.97
CA TYR D 166 34.77 11.13 18.63
C TYR D 166 33.94 12.39 18.66
N ALA D 167 34.13 13.25 17.66
CA ALA D 167 33.34 14.47 17.52
C ALA D 167 32.92 14.64 16.07
N GLU D 168 31.66 15.02 15.86
CA GLU D 168 31.06 15.08 14.54
C GLU D 168 30.32 16.39 14.41
N ILE D 169 30.51 17.07 13.30
CA ILE D 169 29.77 18.31 13.08
C ILE D 169 28.90 18.19 11.85
N VAL D 170 27.79 18.90 11.87
CA VAL D 170 26.84 18.93 10.75
C VAL D 170 26.61 20.38 10.46
N ALA D 171 27.10 20.84 9.30
CA ALA D 171 26.96 22.23 8.88
C ALA D 171 25.85 22.30 7.84
N ALA D 172 24.86 23.15 8.06
CA ALA D 172 23.79 23.36 7.08
C ALA D 172 23.83 24.81 6.67
N ILE D 173 24.05 25.02 5.37
CA ILE D 173 24.17 26.37 4.82
C ILE D 173 23.15 26.65 3.74
N ALA D 174 22.76 27.92 3.64
CA ALA D 174 21.95 28.37 2.54
C ALA D 174 22.67 28.08 1.22
N SER D 175 21.94 27.51 0.26
CA SER D 175 22.54 27.26 -1.07
C SER D 175 23.16 28.50 -1.68
N ARG D 176 22.55 29.66 -1.46
CA ARG D 176 23.08 30.92 -2.03
C ARG D 176 24.40 31.35 -1.41
N SER D 177 24.76 30.73 -0.29
CA SER D 177 26.01 31.05 0.40
C SER D 177 27.15 30.11 0.01
N ALA D 178 26.83 29.14 -0.87
CA ALA D 178 27.85 28.19 -1.37
C ALA D 178 28.32 28.61 -2.75
N GLY D 179 29.51 29.20 -2.78
CA GLY D 179 30.06 29.68 -4.04
C GLY D 179 30.71 28.54 -4.80
N PRO D 180 31.30 28.84 -5.96
CA PRO D 180 31.82 27.79 -6.83
C PRO D 180 32.92 26.97 -6.19
N GLY D 181 33.78 27.61 -5.40
CA GLY D 181 34.84 26.93 -4.67
C GLY D 181 34.31 25.93 -3.67
N THR D 182 33.35 26.38 -2.86
CA THR D 182 32.61 25.52 -1.93
C THR D 182 32.02 24.32 -2.66
N ARG D 183 31.33 24.56 -3.78
CA ARG D 183 30.65 23.49 -4.50
C ARG D 183 31.57 22.49 -5.17
N ALA D 184 32.72 22.96 -5.63
CA ALA D 184 33.66 22.09 -6.34
C ALA D 184 34.52 21.29 -5.39
N ASN D 185 34.54 21.65 -4.11
CA ASN D 185 35.47 21.05 -3.16
C ASN D 185 34.79 20.53 -1.91
N ILE D 186 33.58 20.01 -2.11
N ILE D 186 33.55 20.04 -2.07
CA ILE D 186 32.76 19.59 -0.98
CA ILE D 186 32.78 19.59 -0.91
C ILE D 186 33.43 18.46 -0.16
C ILE D 186 33.50 18.48 -0.14
N ASP D 187 34.10 17.52 -0.85
CA ASP D 187 34.82 16.46 -0.13
C ASP D 187 35.90 17.04 0.77
N GLU D 188 36.62 18.03 0.26
CA GLU D 188 37.69 18.64 1.02
C GLU D 188 37.18 19.30 2.31
N PHE D 189 35.98 19.88 2.28
CA PHE D 189 35.40 20.42 3.52
C PHE D 189 35.31 19.31 4.54
N THR D 190 34.80 18.15 4.12
CA THR D 190 34.59 17.06 5.09
C THR D 190 35.92 16.55 5.66
N GLU D 191 36.93 16.50 4.80
N GLU D 191 36.95 16.51 4.82
CA GLU D 191 38.24 15.97 5.13
CA GLU D 191 38.24 15.94 5.23
C GLU D 191 39.00 16.93 6.06
C GLU D 191 39.08 16.91 6.06
N THR D 192 39.18 18.15 5.60
CA THR D 192 39.96 19.15 6.34
C THR D 192 39.30 19.46 7.68
N THR D 193 37.99 19.60 7.68
CA THR D 193 37.28 19.93 8.92
C THR D 193 37.39 18.79 9.93
N ALA D 194 37.23 17.55 9.48
CA ALA D 194 37.38 16.42 10.39
C ALA D 194 38.79 16.37 11.00
N ALA D 195 39.82 16.62 10.18
CA ALA D 195 41.18 16.60 10.66
C ALA D 195 41.44 17.68 11.69
N ALA D 196 40.81 18.84 11.50
CA ALA D 196 41.01 19.96 12.42
C ALA D 196 40.20 19.77 13.70
N ILE D 197 39.06 19.09 13.62
CA ILE D 197 38.30 18.68 14.81
C ILE D 197 39.18 17.85 15.76
N GLU D 198 40.01 17.00 15.15
CA GLU D 198 41.03 16.25 15.93
C GLU D 198 42.17 17.13 16.43
N GLN D 199 42.85 17.79 15.50
N GLN D 199 42.89 17.74 15.50
CA GLN D 199 44.14 18.43 15.81
CA GLN D 199 44.13 18.42 15.86
C GLN D 199 44.03 19.76 16.56
C GLN D 199 43.84 19.62 16.76
N VAL D 200 42.92 20.47 16.32
CA VAL D 200 42.66 21.74 17.00
C VAL D 200 41.57 21.57 18.07
N GLY D 201 40.52 20.83 17.75
CA GLY D 201 39.45 20.64 18.72
C GLY D 201 39.78 19.69 19.84
N GLY D 202 40.72 18.77 19.60
CA GLY D 202 41.12 17.86 20.65
C GLY D 202 40.36 16.55 20.75
N ALA D 203 39.47 16.27 19.79
CA ALA D 203 38.81 14.96 19.72
C ALA D 203 39.77 13.90 19.18
N ALA D 204 39.62 12.66 19.63
CA ALA D 204 40.48 11.57 19.11
C ALA D 204 40.17 11.25 17.65
N ARG D 205 38.92 11.43 17.25
N ARG D 205 38.91 11.38 17.27
CA ARG D 205 38.48 11.13 15.89
CA ARG D 205 38.45 11.11 15.91
C ARG D 205 37.43 12.15 15.52
C ARG D 205 37.45 12.20 15.53
N GLY D 206 37.47 12.62 14.27
CA GLY D 206 36.52 13.62 13.78
C GLY D 206 35.75 13.21 12.53
N LYS D 207 34.61 13.86 12.34
CA LYS D 207 33.78 13.70 11.15
C LYS D 207 33.05 15.00 10.89
N ALA D 208 32.90 15.36 9.62
CA ALA D 208 32.19 16.59 9.26
C ALA D 208 31.30 16.33 8.06
N ILE D 209 30.07 16.84 8.19
CA ILE D 209 29.02 16.71 7.18
C ILE D 209 28.61 18.13 6.80
N ILE D 210 28.36 18.35 5.50
CA ILE D 210 27.85 19.63 5.00
C ILE D 210 26.62 19.39 4.14
N ILE D 211 25.59 20.19 4.40
N ILE D 211 25.59 20.18 4.40
CA ILE D 211 24.28 20.12 3.73
CA ILE D 211 24.32 20.13 3.70
C ILE D 211 23.91 21.49 3.19
C ILE D 211 24.05 21.50 3.13
N LEU D 212 23.48 21.53 1.92
CA LEU D 212 23.05 22.79 1.27
C LEU D 212 21.53 22.78 1.16
N ASN D 213 20.92 23.83 1.69
CA ASN D 213 19.45 23.94 1.69
C ASN D 213 19.00 25.20 0.96
N PRO D 214 18.17 25.07 -0.10
CA PRO D 214 17.79 26.20 -0.97
C PRO D 214 16.55 26.99 -0.49
N VAL D 215 16.08 26.75 0.72
CA VAL D 215 14.86 27.43 1.23
C VAL D 215 14.95 28.93 1.02
N GLU D 216 13.80 29.52 0.70
CA GLU D 216 13.68 30.98 0.60
C GLU D 216 12.69 31.45 1.65
N PRO D 217 13.01 32.54 2.36
N PRO D 217 12.99 32.58 2.33
CA PRO D 217 14.24 33.32 2.22
CA PRO D 217 14.23 33.36 2.25
C PRO D 217 15.43 32.51 2.71
C PRO D 217 15.42 32.54 2.74
N PRO D 218 16.64 32.89 2.28
CA PRO D 218 17.78 32.01 2.57
C PRO D 218 18.00 31.77 4.06
N MET D 219 18.30 30.53 4.42
N MET D 219 18.30 30.52 4.43
CA MET D 219 18.39 30.17 5.83
CA MET D 219 18.42 30.09 5.84
C MET D 219 19.62 30.74 6.52
C MET D 219 19.64 30.66 6.53
N ILE D 220 19.46 31.06 7.79
CA ILE D 220 20.58 31.40 8.67
C ILE D 220 21.34 30.09 8.96
N MET D 221 22.66 30.15 8.86
CA MET D 221 23.49 28.95 8.98
C MET D 221 23.26 28.22 10.31
N ARG D 222 23.20 26.90 10.21
CA ARG D 222 23.10 26.04 11.41
C ARG D 222 24.29 25.12 11.49
N ASP D 223 24.75 24.90 12.72
CA ASP D 223 25.80 23.93 12.96
C ASP D 223 25.44 23.13 14.19
N THR D 224 25.51 21.81 14.07
CA THR D 224 25.31 20.92 15.22
C THR D 224 26.61 20.23 15.48
N VAL D 225 26.99 20.17 16.75
CA VAL D 225 28.19 19.49 17.18
C VAL D 225 27.80 18.34 18.10
N TYR D 226 28.20 17.13 17.73
CA TYR D 226 28.01 15.98 18.61
C TYR D 226 29.36 15.56 19.15
N CYS D 227 29.47 15.36 20.46
CA CYS D 227 30.71 14.82 21.05
C CYS D 227 30.42 13.58 21.84
N ALA D 228 31.21 12.52 21.61
CA ALA D 228 31.18 11.35 22.50
C ALA D 228 31.86 11.73 23.81
N ILE D 229 31.23 11.39 24.93
CA ILE D 229 31.72 11.74 26.26
C ILE D 229 31.60 10.55 27.19
N PRO D 230 32.37 10.53 28.28
CA PRO D 230 32.22 9.40 29.21
C PRO D 230 30.81 9.30 29.77
N PRO D 231 30.36 8.08 30.06
CA PRO D 231 28.98 7.94 30.51
C PRO D 231 28.77 8.54 31.91
N ASP D 232 29.84 8.67 32.72
CA ASP D 232 29.72 9.31 34.03
C ASP D 232 30.18 10.78 34.04
N ALA D 233 30.24 11.42 32.88
CA ALA D 233 30.72 12.80 32.76
C ALA D 233 29.94 13.79 33.62
N ASP D 234 30.64 14.84 34.06
CA ASP D 234 29.99 15.92 34.79
C ASP D 234 29.37 16.84 33.75
N THR D 235 28.10 16.58 33.45
CA THR D 235 27.44 17.31 32.37
C THR D 235 27.17 18.78 32.70
N ASP D 236 27.02 19.10 33.99
CA ASP D 236 26.92 20.50 34.40
C ASP D 236 28.20 21.26 34.02
N ALA D 237 29.33 20.63 34.26
CA ALA D 237 30.62 21.25 33.93
C ALA D 237 30.81 21.38 32.43
N ILE D 238 30.39 20.37 31.66
CA ILE D 238 30.47 20.46 30.22
C ILE D 238 29.58 21.60 29.72
N THR D 239 28.35 21.70 30.23
CA THR D 239 27.46 22.75 29.76
C THR D 239 28.06 24.11 30.09
N ALA D 240 28.61 24.25 31.30
CA ALA D 240 29.15 25.57 31.70
C ALA D 240 30.29 25.96 30.78
N SER D 241 31.10 24.98 30.40
CA SER D 241 32.23 25.23 29.49
C SER D 241 31.75 25.60 28.08
N ILE D 242 30.74 24.89 27.58
CA ILE D 242 30.16 25.24 26.28
C ILE D 242 29.58 26.66 26.28
N GLU D 243 28.83 27.00 27.32
CA GLU D 243 28.23 28.33 27.40
C GLU D 243 29.31 29.40 27.45
N GLU D 244 30.37 29.15 28.21
CA GLU D 244 31.50 30.08 28.33
C GLU D 244 32.12 30.29 26.94
N MET D 245 32.33 29.19 26.21
CA MET D 245 32.90 29.30 24.87
C MET D 245 31.99 30.05 23.89
N VAL D 246 30.69 29.74 23.91
CA VAL D 246 29.76 30.45 23.03
C VAL D 246 29.84 31.96 23.28
N ALA D 247 29.91 32.36 24.55
CA ALA D 247 30.01 33.77 24.89
C ALA D 247 31.33 34.37 24.39
N GLU D 248 32.40 33.58 24.42
CA GLU D 248 33.68 34.07 23.87
C GLU D 248 33.61 34.28 22.36
N VAL D 249 33.02 33.33 21.63
CA VAL D 249 32.91 33.48 20.18
C VAL D 249 31.97 34.67 19.86
N ALA D 250 30.92 34.83 20.66
CA ALA D 250 29.98 35.91 20.40
C ALA D 250 30.61 37.30 20.53
N ARG D 251 31.76 37.39 21.21
CA ARG D 251 32.47 38.65 21.31
C ARG D 251 33.01 39.10 19.96
N TYR D 252 33.31 38.16 19.06
CA TYR D 252 33.70 38.56 17.70
C TYR D 252 32.69 38.18 16.60
N VAL D 253 31.69 37.37 16.94
CA VAL D 253 30.59 37.02 16.02
C VAL D 253 29.28 37.17 16.79
N PRO D 254 28.72 38.38 16.83
CA PRO D 254 27.60 38.64 17.71
C PRO D 254 26.37 37.77 17.47
N GLY D 255 26.25 37.26 16.23
CA GLY D 255 25.13 36.40 15.85
C GLY D 255 25.34 34.91 16.05
N TYR D 256 26.39 34.55 16.78
CA TYR D 256 26.67 33.14 17.10
C TYR D 256 25.94 32.79 18.38
N THR D 257 24.92 31.95 18.27
CA THR D 257 24.07 31.65 19.44
C THR D 257 23.79 30.16 19.61
N LEU D 258 23.52 29.78 20.87
CA LEU D 258 22.95 28.47 21.17
C LEU D 258 21.46 28.51 20.96
N ARG D 259 20.95 27.58 20.17
CA ARG D 259 19.51 27.44 19.98
C ARG D 259 18.81 26.89 21.21
N THR D 260 19.51 26.03 21.92
N THR D 260 19.54 26.07 21.98
CA THR D 260 18.99 25.50 23.14
CA THR D 260 19.04 25.35 23.17
C THR D 260 20.19 25.08 23.95
C THR D 260 20.15 25.06 24.20
N GLU D 261 19.93 24.66 25.19
N GLU D 261 19.79 24.45 25.35
CA GLU D 261 21.00 24.13 26.04
CA GLU D 261 20.81 23.88 26.22
C GLU D 261 21.55 22.84 25.43
C GLU D 261 21.50 22.72 25.48
N PRO D 262 22.79 22.49 25.77
CA PRO D 262 23.39 21.25 25.28
C PRO D 262 22.50 20.06 25.69
N GLN D 263 22.33 19.11 24.78
CA GLN D 263 21.46 17.95 25.05
C GLN D 263 22.28 16.70 25.25
N TYR D 264 22.04 16.00 26.36
CA TYR D 264 22.84 14.83 26.74
C TYR D 264 22.02 13.58 26.49
N ASP D 265 22.68 12.55 25.95
CA ASP D 265 22.03 11.27 25.75
C ASP D 265 22.90 10.15 26.27
N GLN D 266 22.25 9.14 26.83
CA GLN D 266 22.93 8.01 27.44
C GLN D 266 23.44 7.03 26.36
N PRO D 267 24.39 6.14 26.73
CA PRO D 267 24.95 5.26 25.70
C PRO D 267 23.94 4.32 25.03
N ARG D 268 23.73 4.43 23.74
N ARG D 268 23.92 4.29 23.70
CA ARG D 268 22.89 3.45 23.05
CA ARG D 268 23.13 3.44 22.76
C ARG D 268 23.74 2.19 23.06
C ARG D 268 23.97 2.55 21.80
N ASP D 269 23.13 1.03 22.89
CA ASP D 269 23.90 -0.21 22.79
C ASP D 269 25.00 -0.05 21.75
N ILE D 270 24.61 0.51 20.61
CA ILE D 270 25.50 0.67 19.47
C ILE D 270 26.58 1.73 19.66
N TRP D 271 26.54 2.47 20.77
N TRP D 271 25.02 4.08 18.37
CA TRP D 271 27.58 3.45 21.06
CA TRP D 271 26.18 4.96 18.49
C TRP D 271 28.71 2.86 21.88
C TRP D 271 27.43 4.22 18.95
N LYS D 272 28.57 1.58 22.20
N LYS D 272 27.52 2.93 18.64
CA LYS D 272 29.62 0.83 22.85
CA LYS D 272 28.70 2.15 19.02
C LYS D 272 30.23 1.59 24.03
C LYS D 272 28.98 2.27 20.51
N GLY D 273 29.38 1.97 24.97
N GLY D 273 27.95 2.47 21.31
CA GLY D 273 29.84 2.49 26.24
CA GLY D 273 28.13 2.49 22.76
C GLY D 273 29.98 4.00 26.33
C GLY D 273 28.67 3.78 23.34
N MET D 274 29.91 4.70 25.22
N MET D 274 28.66 4.86 22.56
CA MET D 274 30.01 6.15 25.35
CA MET D 274 29.11 6.16 23.05
C MET D 274 28.67 6.86 25.32
C MET D 274 27.96 6.93 23.68
N ALA D 275 28.59 7.96 26.06
N ALA D 275 28.23 7.58 24.82
CA ALA D 275 27.44 8.86 26.00
CA ALA D 275 27.32 8.59 25.39
C ALA D 275 27.70 9.97 24.97
C ALA D 275 27.60 9.88 24.66
N ARG D 276 26.72 10.86 24.78
CA ARG D 276 26.80 11.98 23.85
C ARG D 276 26.33 13.29 24.42
N VAL D 277 26.94 14.38 23.93
CA VAL D 277 26.40 15.72 24.06
C VAL D 277 26.19 16.26 22.66
N ALA D 278 25.04 16.91 22.45
CA ALA D 278 24.71 17.56 21.18
C ALA D 278 24.48 19.04 21.44
N VAL D 279 25.13 19.86 20.61
CA VAL D 279 25.11 21.31 20.75
C VAL D 279 24.58 21.91 19.45
N PHE D 280 23.55 22.74 19.58
CA PHE D 280 22.83 23.29 18.43
C PHE D 280 23.07 24.77 18.34
N LEU D 281 23.85 25.16 17.32
CA LEU D 281 24.19 26.56 17.05
C LEU D 281 23.42 27.11 15.88
N GLU D 282 23.16 28.41 15.96
CA GLU D 282 22.74 29.18 14.79
C GLU D 282 23.78 30.30 14.63
N VAL D 283 24.20 30.56 13.40
CA VAL D 283 25.29 31.50 13.17
C VAL D 283 24.83 32.54 12.17
N ARG D 284 24.38 33.68 12.69
N ARG D 284 24.36 33.67 12.70
CA ARG D 284 23.86 34.75 11.86
CA ARG D 284 23.89 34.78 11.87
C ARG D 284 24.98 35.77 11.60
C ARG D 284 25.06 35.70 11.59
N GLY D 285 25.21 36.08 10.32
CA GLY D 285 26.24 37.05 9.92
C GLY D 285 25.87 38.47 10.36
N ASN D 286 26.87 39.36 10.36
CA ASN D 286 26.70 40.72 10.86
C ASN D 286 26.08 41.68 9.83
N GLY D 287 25.90 41.20 8.60
CA GLY D 287 25.38 42.04 7.52
C GLY D 287 26.28 43.20 7.19
N ASP D 288 27.59 42.97 7.16
CA ASP D 288 28.55 43.96 6.69
C ASP D 288 28.55 44.18 5.18
N TYR D 289 29.07 43.24 4.42
CA TYR D 289 29.11 43.40 2.97
C TYR D 289 28.07 42.34 2.59
N LEU D 290 28.09 41.24 3.33
CA LEU D 290 27.29 40.06 3.00
C LEU D 290 25.96 40.04 3.74
N PRO D 291 24.95 39.35 3.17
CA PRO D 291 23.71 39.24 3.94
C PRO D 291 23.86 38.37 5.18
N PRO D 292 22.96 38.53 6.16
CA PRO D 292 23.08 37.73 7.38
C PRO D 292 23.02 36.20 7.18
N TRP D 293 22.46 35.74 6.06
CA TRP D 293 22.40 34.32 5.78
C TRP D 293 23.72 33.74 5.25
N ALA D 294 24.69 34.61 5.07
CA ALA D 294 26.01 34.19 4.66
C ALA D 294 26.93 34.02 5.87
N GLY D 295 26.41 33.32 6.86
CA GLY D 295 27.12 33.13 8.14
C GLY D 295 28.42 32.38 7.99
N ASN D 296 28.52 31.55 6.96
CA ASN D 296 29.75 30.83 6.70
C ASN D 296 30.89 31.77 6.33
N LEU D 297 30.66 32.63 5.34
CA LEU D 297 31.68 33.62 4.98
C LEU D 297 31.91 34.62 6.10
N ASP D 298 30.84 35.03 6.78
CA ASP D 298 30.95 36.02 7.82
C ASP D 298 31.73 35.52 9.05
N ILE D 299 31.57 34.26 9.44
CA ILE D 299 32.37 33.80 10.57
C ILE D 299 33.85 33.71 10.19
N MET D 300 34.12 33.39 8.92
N MET D 300 34.13 33.39 8.92
CA MET D 300 35.47 33.33 8.46
CA MET D 300 35.51 33.33 8.46
C MET D 300 36.14 34.69 8.57
C MET D 300 36.19 34.69 8.50
N THR D 301 35.48 35.73 8.06
CA THR D 301 36.05 37.09 8.10
C THR D 301 36.09 37.62 9.54
N ALA D 302 35.07 37.31 10.34
CA ALA D 302 35.08 37.74 11.75
C ALA D 302 36.22 37.09 12.52
N ALA D 303 36.37 35.79 12.31
CA ALA D 303 37.48 35.07 12.95
C ALA D 303 38.84 35.58 12.46
N ALA D 304 38.97 35.85 11.15
CA ALA D 304 40.24 36.34 10.60
C ALA D 304 40.57 37.70 11.14
N ALA D 305 39.55 38.56 11.25
CA ALA D 305 39.75 39.90 11.81
C ALA D 305 40.22 39.78 13.27
N ARG D 306 39.62 38.88 14.03
N ARG D 306 39.62 38.86 14.03
CA ARG D 306 40.03 38.68 15.42
CA ARG D 306 39.99 38.64 15.44
C ARG D 306 41.48 38.20 15.50
C ARG D 306 41.42 38.08 15.60
N VAL D 307 41.82 37.21 14.67
CA VAL D 307 43.20 36.69 14.63
C VAL D 307 44.16 37.84 14.30
N GLY D 308 43.78 38.65 13.30
CA GLY D 308 44.63 39.76 12.88
C GLY D 308 44.84 40.77 13.99
N GLU D 309 43.76 41.06 14.73
N GLU D 309 43.80 41.04 14.78
CA GLU D 309 43.81 41.99 15.87
CA GLU D 309 43.92 42.06 15.84
C GLU D 309 44.87 41.54 16.87
C GLU D 309 44.69 41.58 17.07
N LEU D 310 44.77 40.27 17.25
CA LEU D 310 45.64 39.69 18.26
C LEU D 310 47.08 39.65 17.79
N LEU D 311 47.28 39.34 16.50
CA LEU D 311 48.62 39.42 15.90
C LEU D 311 49.15 40.87 15.91
N ALA D 312 48.26 41.83 15.64
CA ALA D 312 48.65 43.26 15.62
C ALA D 312 49.15 43.71 16.98
N GLN D 313 48.54 43.17 18.03
CA GLN D 313 48.94 43.48 19.41
C GLN D 313 50.07 42.56 19.84
#